data_5KP9
# 
_entry.id   5KP9 
# 
_audit_conform.dict_name       mmcif_pdbx.dic 
_audit_conform.dict_version    5.398 
_audit_conform.dict_location   http://mmcif.pdb.org/dictionaries/ascii/mmcif_pdbx.dic 
# 
loop_
_database_2.database_id 
_database_2.database_code 
_database_2.pdbx_database_accession 
_database_2.pdbx_DOI 
PDB   5KP9         pdb_00005kp9 10.2210/pdb5kp9/pdb 
WWPDB D_1000222564 ?            ?                   
EMDB  EMD-8278     ?            ?                   
# 
loop_
_pdbx_audit_revision_history.ordinal 
_pdbx_audit_revision_history.data_content_type 
_pdbx_audit_revision_history.major_revision 
_pdbx_audit_revision_history.minor_revision 
_pdbx_audit_revision_history.revision_date 
1 'Structure model' 1 0 2016-12-07 
2 'Structure model' 1 1 2017-01-11 
3 'Structure model' 1 2 2017-09-13 
4 'Structure model' 1 3 2017-09-27 
5 'Structure model' 1 4 2018-07-18 
6 'Structure model' 1 5 2019-11-27 
7 'Structure model' 1 6 2019-12-11 
8 'Structure model' 1 7 2024-11-13 
# 
_pdbx_audit_revision_details.ordinal             1 
_pdbx_audit_revision_details.revision_ordinal    1 
_pdbx_audit_revision_details.data_content_type   'Structure model' 
_pdbx_audit_revision_details.provider            repository 
_pdbx_audit_revision_details.type                'Initial release' 
_pdbx_audit_revision_details.description         ? 
_pdbx_audit_revision_details.details             ? 
# 
loop_
_pdbx_audit_revision_group.ordinal 
_pdbx_audit_revision_group.revision_ordinal 
_pdbx_audit_revision_group.data_content_type 
_pdbx_audit_revision_group.group 
1  2 'Structure model' 'Database references'        
2  3 'Structure model' 'Author supporting evidence' 
3  4 'Structure model' 'Author supporting evidence' 
4  5 'Structure model' 'Data collection'            
5  5 'Structure model' 'Experimental preparation'   
6  6 'Structure model' 'Author supporting evidence' 
7  7 'Structure model' 'Author supporting evidence' 
8  8 'Structure model' 'Data collection'            
9  8 'Structure model' 'Database references'        
10 8 'Structure model' 'Derived calculations'       
11 8 'Structure model' 'Structure summary'          
# 
loop_
_pdbx_audit_revision_category.ordinal 
_pdbx_audit_revision_category.revision_ordinal 
_pdbx_audit_revision_category.data_content_type 
_pdbx_audit_revision_category.category 
1  3 'Structure model' pdbx_audit_support        
2  4 'Structure model' pdbx_audit_support        
3  5 'Structure model' em_sample_support         
4  5 'Structure model' em_software               
5  6 'Structure model' pdbx_audit_support        
6  7 'Structure model' pdbx_audit_support        
7  8 'Structure model' chem_comp_atom            
8  8 'Structure model' chem_comp_bond            
9  8 'Structure model' database_2                
10 8 'Structure model' em_admin                  
11 8 'Structure model' pdbx_entry_details        
12 8 'Structure model' pdbx_modification_feature 
13 8 'Structure model' pdbx_struct_oper_list     
# 
loop_
_pdbx_audit_revision_item.ordinal 
_pdbx_audit_revision_item.revision_ordinal 
_pdbx_audit_revision_item.data_content_type 
_pdbx_audit_revision_item.item 
1  3 'Structure model' '_pdbx_audit_support.funding_organization'  
2  4 'Structure model' '_pdbx_audit_support.funding_organization'  
3  5 'Structure model' '_em_sample_support.grid_type'              
4  5 'Structure model' '_em_software.name'                         
5  6 'Structure model' '_pdbx_audit_support.funding_organization'  
6  6 'Structure model' '_pdbx_audit_support.grant_number'          
7  7 'Structure model' '_pdbx_audit_support.funding_organization'  
8  8 'Structure model' '_database_2.pdbx_DOI'                      
9  8 'Structure model' '_database_2.pdbx_database_accession'       
10 8 'Structure model' '_em_admin.last_update'                     
11 8 'Structure model' '_pdbx_struct_oper_list.name'               
12 8 'Structure model' '_pdbx_struct_oper_list.symmetry_operation' 
13 8 'Structure model' '_pdbx_struct_oper_list.type'               
# 
_pdbx_database_status.status_code                     REL 
_pdbx_database_status.status_code_sf                  ? 
_pdbx_database_status.status_code_mr                  ? 
_pdbx_database_status.entry_id                        5KP9 
_pdbx_database_status.recvd_initial_deposition_date   2016-07-02 
_pdbx_database_status.SG_entry                        N 
_pdbx_database_status.deposit_site                    RCSB 
_pdbx_database_status.process_site                    RCSB 
_pdbx_database_status.status_code_cs                  ? 
_pdbx_database_status.methods_development_category    ? 
_pdbx_database_status.pdb_format_compatible           Y 
_pdbx_database_status.status_code_nmr_data            ? 
# 
_pdbx_database_related.db_name        EMDB 
_pdbx_database_related.details        . 
_pdbx_database_related.db_id          EMD-8278 
_pdbx_database_related.content_type   'associated EM volume' 
# 
loop_
_audit_author.name 
_audit_author.pdbx_ordinal 
_audit_author.identifier_ORCID 
'Votteler, J.'    1 ? 
'Ogohara, C.'     2 ? 
'Yi, S.'          3 ? 
'Hsia, Y.'        4 ? 
'Natterman, U.'   5 ? 
'Belnap, D.M.'    6 ? 
'King, N.P.'      7 ? 
'Sundquist, W.I.' 8 ? 
# 
_citation.abstract                  ? 
_citation.abstract_id_CAS           ? 
_citation.book_id_ISBN              ? 
_citation.book_publisher            ? 
_citation.book_publisher_city       ? 
_citation.book_title                ? 
_citation.coordinate_linkage        ? 
_citation.country                   UK 
_citation.database_id_Medline       ? 
_citation.details                   ? 
_citation.id                        primary 
_citation.journal_abbrev            Nature 
_citation.journal_id_ASTM           NATUAS 
_citation.journal_id_CSD            0006 
_citation.journal_id_ISSN           1476-4687 
_citation.journal_full              ? 
_citation.journal_issue             ? 
_citation.journal_volume            540 
_citation.language                  ? 
_citation.page_first                292 
_citation.page_last                 295 
_citation.title                     'Designed proteins induce the formation of nanocage-containing extracellular vesicles.' 
_citation.year                      2016 
_citation.database_id_CSD           ? 
_citation.pdbx_database_id_DOI      10.1038/nature20607 
_citation.pdbx_database_id_PubMed   27919066 
_citation.unpublished_flag          ? 
# 
loop_
_citation_author.citation_id 
_citation_author.name 
_citation_author.ordinal 
_citation_author.identifier_ORCID 
primary 'Votteler, J.'    1 ? 
primary 'Ogohara, C.'     2 ? 
primary 'Yi, S.'          3 ? 
primary 'Hsia, Y.'        4 ? 
primary 'Nattermann, U.'  5 ? 
primary 'Belnap, D.M.'    6 ? 
primary 'King, N.P.'      7 ? 
primary 'Sundquist, W.I.' 8 ? 
# 
_entity.id                         1 
_entity.type                       polymer 
_entity.src_method                 man 
_entity.pdbx_description           EPN-01* 
_entity.formula_weight             30304.920 
_entity.pdbx_number_of_molecules   1 
_entity.pdbx_ec                    ? 
_entity.pdbx_mutation              ? 
_entity.pdbx_fragment              ? 
_entity.details                    ? 
# 
_entity_name_com.entity_id   1 
_entity_name_com.name        'Enveloped protein nanoparticle' 
# 
_entity_poly.entity_id                      1 
_entity_poly.type                           'polypeptide(L)' 
_entity_poly.nstd_linkage                   no 
_entity_poly.nstd_monomer                   no 
_entity_poly.pdbx_seq_one_letter_code       
;MGARASGSKSGSGSDSGSKMEELFKKHKIVAVLRANSVEEAKKKALAVFLGGVHLIEITFTVPDADTVIKELSFLKEMGA
IIGAGTVTSVEQCRKAVESGAEFIVSPHLDEEISQFCKEKGVFYMPGVMTPTELVKAMKLGHTILKLFPGEVVGPQFVKA
MKGPFPNVKFVPTGGVNLDNVCEWFKAGVLAVGVGSALVKGTPVEVAEKAKAFVEKIRGCTEQKLISEEDLQSRPEPTAP
PEESFRSGVETTTPPQKQEPIDKELYPLTSLRSLFGNDPSSQ
;
_entity_poly.pdbx_seq_one_letter_code_can   
;MGARASGSKSGSGSDSGSKMEELFKKHKIVAVLRANSVEEAKKKALAVFLGGVHLIEITFTVPDADTVIKELSFLKEMGA
IIGAGTVTSVEQCRKAVESGAEFIVSPHLDEEISQFCKEKGVFYMPGVMTPTELVKAMKLGHTILKLFPGEVVGPQFVKA
MKGPFPNVKFVPTGGVNLDNVCEWFKAGVLAVGVGSALVKGTPVEVAEKAKAFVEKIRGCTEQKLISEEDLQSRPEPTAP
PEESFRSGVETTTPPQKQEPIDKELYPLTSLRSLFGNDPSSQ
;
_entity_poly.pdbx_strand_id                 B 
_entity_poly.pdbx_target_identifier         ? 
# 
loop_
_entity_poly_seq.entity_id 
_entity_poly_seq.num 
_entity_poly_seq.mon_id 
_entity_poly_seq.hetero 
1 1   MET n 
1 2   GLY n 
1 3   ALA n 
1 4   ARG n 
1 5   ALA n 
1 6   SER n 
1 7   GLY n 
1 8   SER n 
1 9   LYS n 
1 10  SER n 
1 11  GLY n 
1 12  SER n 
1 13  GLY n 
1 14  SER n 
1 15  ASP n 
1 16  SER n 
1 17  GLY n 
1 18  SER n 
1 19  LYS n 
1 20  MET n 
1 21  GLU n 
1 22  GLU n 
1 23  LEU n 
1 24  PHE n 
1 25  LYS n 
1 26  LYS n 
1 27  HIS n 
1 28  LYS n 
1 29  ILE n 
1 30  VAL n 
1 31  ALA n 
1 32  VAL n 
1 33  LEU n 
1 34  ARG n 
1 35  ALA n 
1 36  ASN n 
1 37  SER n 
1 38  VAL n 
1 39  GLU n 
1 40  GLU n 
1 41  ALA n 
1 42  LYS n 
1 43  LYS n 
1 44  LYS n 
1 45  ALA n 
1 46  LEU n 
1 47  ALA n 
1 48  VAL n 
1 49  PHE n 
1 50  LEU n 
1 51  GLY n 
1 52  GLY n 
1 53  VAL n 
1 54  HIS n 
1 55  LEU n 
1 56  ILE n 
1 57  GLU n 
1 58  ILE n 
1 59  THR n 
1 60  PHE n 
1 61  THR n 
1 62  VAL n 
1 63  PRO n 
1 64  ASP n 
1 65  ALA n 
1 66  ASP n 
1 67  THR n 
1 68  VAL n 
1 69  ILE n 
1 70  LYS n 
1 71  GLU n 
1 72  LEU n 
1 73  SER n 
1 74  PHE n 
1 75  LEU n 
1 76  LYS n 
1 77  GLU n 
1 78  MET n 
1 79  GLY n 
1 80  ALA n 
1 81  ILE n 
1 82  ILE n 
1 83  GLY n 
1 84  ALA n 
1 85  GLY n 
1 86  THR n 
1 87  VAL n 
1 88  THR n 
1 89  SER n 
1 90  VAL n 
1 91  GLU n 
1 92  GLN n 
1 93  CYS n 
1 94  ARG n 
1 95  LYS n 
1 96  ALA n 
1 97  VAL n 
1 98  GLU n 
1 99  SER n 
1 100 GLY n 
1 101 ALA n 
1 102 GLU n 
1 103 PHE n 
1 104 ILE n 
1 105 VAL n 
1 106 SER n 
1 107 PRO n 
1 108 HIS n 
1 109 LEU n 
1 110 ASP n 
1 111 GLU n 
1 112 GLU n 
1 113 ILE n 
1 114 SER n 
1 115 GLN n 
1 116 PHE n 
1 117 CYS n 
1 118 LYS n 
1 119 GLU n 
1 120 LYS n 
1 121 GLY n 
1 122 VAL n 
1 123 PHE n 
1 124 TYR n 
1 125 MET n 
1 126 PRO n 
1 127 GLY n 
1 128 VAL n 
1 129 MET n 
1 130 THR n 
1 131 PRO n 
1 132 THR n 
1 133 GLU n 
1 134 LEU n 
1 135 VAL n 
1 136 LYS n 
1 137 ALA n 
1 138 MET n 
1 139 LYS n 
1 140 LEU n 
1 141 GLY n 
1 142 HIS n 
1 143 THR n 
1 144 ILE n 
1 145 LEU n 
1 146 LYS n 
1 147 LEU n 
1 148 PHE n 
1 149 PRO n 
1 150 GLY n 
1 151 GLU n 
1 152 VAL n 
1 153 VAL n 
1 154 GLY n 
1 155 PRO n 
1 156 GLN n 
1 157 PHE n 
1 158 VAL n 
1 159 LYS n 
1 160 ALA n 
1 161 MET n 
1 162 LYS n 
1 163 GLY n 
1 164 PRO n 
1 165 PHE n 
1 166 PRO n 
1 167 ASN n 
1 168 VAL n 
1 169 LYS n 
1 170 PHE n 
1 171 VAL n 
1 172 PRO n 
1 173 THR n 
1 174 GLY n 
1 175 GLY n 
1 176 VAL n 
1 177 ASN n 
1 178 LEU n 
1 179 ASP n 
1 180 ASN n 
1 181 VAL n 
1 182 CYS n 
1 183 GLU n 
1 184 TRP n 
1 185 PHE n 
1 186 LYS n 
1 187 ALA n 
1 188 GLY n 
1 189 VAL n 
1 190 LEU n 
1 191 ALA n 
1 192 VAL n 
1 193 GLY n 
1 194 VAL n 
1 195 GLY n 
1 196 SER n 
1 197 ALA n 
1 198 LEU n 
1 199 VAL n 
1 200 LYS n 
1 201 GLY n 
1 202 THR n 
1 203 PRO n 
1 204 VAL n 
1 205 GLU n 
1 206 VAL n 
1 207 ALA n 
1 208 GLU n 
1 209 LYS n 
1 210 ALA n 
1 211 LYS n 
1 212 ALA n 
1 213 PHE n 
1 214 VAL n 
1 215 GLU n 
1 216 LYS n 
1 217 ILE n 
1 218 ARG n 
1 219 GLY n 
1 220 CYS n 
1 221 THR n 
1 222 GLU n 
1 223 GLN n 
1 224 LYS n 
1 225 LEU n 
1 226 ILE n 
1 227 SER n 
1 228 GLU n 
1 229 GLU n 
1 230 ASP n 
1 231 LEU n 
1 232 GLN n 
1 233 SER n 
1 234 ARG n 
1 235 PRO n 
1 236 GLU n 
1 237 PRO n 
1 238 THR n 
1 239 ALA n 
1 240 PRO n 
1 241 PRO n 
1 242 GLU n 
1 243 GLU n 
1 244 SER n 
1 245 PHE n 
1 246 ARG n 
1 247 SER n 
1 248 GLY n 
1 249 VAL n 
1 250 GLU n 
1 251 THR n 
1 252 THR n 
1 253 THR n 
1 254 PRO n 
1 255 PRO n 
1 256 GLN n 
1 257 LYS n 
1 258 GLN n 
1 259 GLU n 
1 260 PRO n 
1 261 ILE n 
1 262 ASP n 
1 263 LYS n 
1 264 GLU n 
1 265 LEU n 
1 266 TYR n 
1 267 PRO n 
1 268 LEU n 
1 269 THR n 
1 270 SER n 
1 271 LEU n 
1 272 ARG n 
1 273 SER n 
1 274 LEU n 
1 275 PHE n 
1 276 GLY n 
1 277 ASN n 
1 278 ASP n 
1 279 PRO n 
1 280 SER n 
1 281 SER n 
1 282 GLN n 
# 
loop_
_entity_src_gen.entity_id 
_entity_src_gen.pdbx_src_id 
_entity_src_gen.pdbx_alt_source_flag 
_entity_src_gen.pdbx_seq_type 
_entity_src_gen.pdbx_beg_seq_num 
_entity_src_gen.pdbx_end_seq_num 
_entity_src_gen.gene_src_common_name 
_entity_src_gen.gene_src_genus 
_entity_src_gen.pdbx_gene_src_gene 
_entity_src_gen.gene_src_species 
_entity_src_gen.gene_src_strain 
_entity_src_gen.gene_src_tissue 
_entity_src_gen.gene_src_tissue_fraction 
_entity_src_gen.gene_src_details 
_entity_src_gen.pdbx_gene_src_fragment 
_entity_src_gen.pdbx_gene_src_scientific_name 
_entity_src_gen.pdbx_gene_src_ncbi_taxonomy_id 
_entity_src_gen.pdbx_gene_src_variant 
_entity_src_gen.pdbx_gene_src_cell_line 
_entity_src_gen.pdbx_gene_src_atcc 
_entity_src_gen.pdbx_gene_src_organ 
_entity_src_gen.pdbx_gene_src_organelle 
_entity_src_gen.pdbx_gene_src_cell 
_entity_src_gen.pdbx_gene_src_cellular_location 
_entity_src_gen.host_org_common_name 
_entity_src_gen.pdbx_host_org_scientific_name 
_entity_src_gen.pdbx_host_org_ncbi_taxonomy_id 
_entity_src_gen.host_org_genus 
_entity_src_gen.pdbx_host_org_gene 
_entity_src_gen.pdbx_host_org_organ 
_entity_src_gen.host_org_species 
_entity_src_gen.pdbx_host_org_tissue 
_entity_src_gen.pdbx_host_org_tissue_fraction 
_entity_src_gen.pdbx_host_org_strain 
_entity_src_gen.pdbx_host_org_variant 
_entity_src_gen.pdbx_host_org_cell_line 
_entity_src_gen.pdbx_host_org_atcc 
_entity_src_gen.pdbx_host_org_culture_collection 
_entity_src_gen.pdbx_host_org_cell 
_entity_src_gen.pdbx_host_org_organelle 
_entity_src_gen.pdbx_host_org_cellular_location 
_entity_src_gen.pdbx_host_org_vector_type 
_entity_src_gen.pdbx_host_org_vector 
_entity_src_gen.host_org_details 
_entity_src_gen.expression_system_id 
_entity_src_gen.plasmid_name 
_entity_src_gen.plasmid_details 
_entity_src_gen.pdbx_description 
1 1 sample 'Biological sequence' 1   18  ?     ? ?       ? ?              ? ? ? ? 'Thermotoga maritima' 2336  ? ? ? ? ? ? ? human 
'Homo sapiens' 9606 ? ? ? ? ? ? ? ? HEK293T ? ? ? ? ? ? ? ? ? ? ? ? 
1 2 sample 'Biological sequence' 19  222 ?     ? TM_0066 ? ?              ? ? ? ? 'Thermotoga maritima' 2336  ? ? ? ? ? ? ? human 
'Homo sapiens' 9606 ? ? ? ? ? ? ? ? HEK293T ? ? ? ? ? ? ? ? ? ? ? ? 
1 3 sample 'Biological sequence' 223 282 HIV-1 ? gag     ? 'isolate BH10' ? ? ? ? 
'Human immunodeficiency virus type 1 group M subtype B (isolate BH10)' 11678 ? ? ? ? ? ? ? human 'Homo sapiens' 9606 ? ? ? ? ? ? ? 
? HEK293T ? ? ? ? ? ? ? ? ? ? ? ? 
# 
loop_
_chem_comp.id 
_chem_comp.type 
_chem_comp.mon_nstd_flag 
_chem_comp.name 
_chem_comp.pdbx_synonyms 
_chem_comp.formula 
_chem_comp.formula_weight 
ALA 'L-peptide linking' y ALANINE         ? 'C3 H7 N O2'     89.093  
ARG 'L-peptide linking' y ARGININE        ? 'C6 H15 N4 O2 1' 175.209 
ASN 'L-peptide linking' y ASPARAGINE      ? 'C4 H8 N2 O3'    132.118 
ASP 'L-peptide linking' y 'ASPARTIC ACID' ? 'C4 H7 N O4'     133.103 
CYS 'L-peptide linking' y CYSTEINE        ? 'C3 H7 N O2 S'   121.158 
GLN 'L-peptide linking' y GLUTAMINE       ? 'C5 H10 N2 O3'   146.144 
GLU 'L-peptide linking' y 'GLUTAMIC ACID' ? 'C5 H9 N O4'     147.129 
GLY 'peptide linking'   y GLYCINE         ? 'C2 H5 N O2'     75.067  
HIS 'L-peptide linking' y HISTIDINE       ? 'C6 H10 N3 O2 1' 156.162 
ILE 'L-peptide linking' y ISOLEUCINE      ? 'C6 H13 N O2'    131.173 
LEU 'L-peptide linking' y LEUCINE         ? 'C6 H13 N O2'    131.173 
LYS 'L-peptide linking' y LYSINE          ? 'C6 H15 N2 O2 1' 147.195 
MET 'L-peptide linking' y METHIONINE      ? 'C5 H11 N O2 S'  149.211 
PHE 'L-peptide linking' y PHENYLALANINE   ? 'C9 H11 N O2'    165.189 
PRO 'L-peptide linking' y PROLINE         ? 'C5 H9 N O2'     115.130 
SER 'L-peptide linking' y SERINE          ? 'C3 H7 N O3'     105.093 
THR 'L-peptide linking' y THREONINE       ? 'C4 H9 N O3'     119.119 
TRP 'L-peptide linking' y TRYPTOPHAN      ? 'C11 H12 N2 O2'  204.225 
TYR 'L-peptide linking' y TYROSINE        ? 'C9 H11 N O3'    181.189 
VAL 'L-peptide linking' y VALINE          ? 'C5 H11 N O2'    117.146 
# 
loop_
_pdbx_poly_seq_scheme.asym_id 
_pdbx_poly_seq_scheme.entity_id 
_pdbx_poly_seq_scheme.seq_id 
_pdbx_poly_seq_scheme.mon_id 
_pdbx_poly_seq_scheme.ndb_seq_num 
_pdbx_poly_seq_scheme.pdb_seq_num 
_pdbx_poly_seq_scheme.auth_seq_num 
_pdbx_poly_seq_scheme.pdb_mon_id 
_pdbx_poly_seq_scheme.auth_mon_id 
_pdbx_poly_seq_scheme.pdb_strand_id 
_pdbx_poly_seq_scheme.pdb_ins_code 
_pdbx_poly_seq_scheme.hetero 
A 1 1   MET 1   -18 ?   ?   ?   B . n 
A 1 2   GLY 2   -17 ?   ?   ?   B . n 
A 1 3   ALA 3   -16 ?   ?   ?   B . n 
A 1 4   ARG 4   -15 ?   ?   ?   B . n 
A 1 5   ALA 5   -14 ?   ?   ?   B . n 
A 1 6   SER 6   -13 ?   ?   ?   B . n 
A 1 7   GLY 7   -12 ?   ?   ?   B . n 
A 1 8   SER 8   -11 ?   ?   ?   B . n 
A 1 9   LYS 9   -10 ?   ?   ?   B . n 
A 1 10  SER 10  -9  ?   ?   ?   B . n 
A 1 11  GLY 11  -8  ?   ?   ?   B . n 
A 1 12  SER 12  -7  ?   ?   ?   B . n 
A 1 13  GLY 13  -6  ?   ?   ?   B . n 
A 1 14  SER 14  -5  ?   ?   ?   B . n 
A 1 15  ASP 15  -4  ?   ?   ?   B . n 
A 1 16  SER 16  -3  ?   ?   ?   B . n 
A 1 17  GLY 17  -2  ?   ?   ?   B . n 
A 1 18  SER 18  -1  ?   ?   ?   B . n 
A 1 19  LYS 19  0   0   LYS LYS B . n 
A 1 20  MET 20  1   1   MET MET B . n 
A 1 21  GLU 21  2   2   GLU GLU B . n 
A 1 22  GLU 22  3   3   GLU GLU B . n 
A 1 23  LEU 23  4   4   LEU LEU B . n 
A 1 24  PHE 24  5   5   PHE PHE B . n 
A 1 25  LYS 25  6   6   LYS LYS B . n 
A 1 26  LYS 26  7   7   LYS LYS B . n 
A 1 27  HIS 27  8   8   HIS HIS B . n 
A 1 28  LYS 28  9   9   LYS LYS B . n 
A 1 29  ILE 29  10  10  ILE ILE B . n 
A 1 30  VAL 30  11  11  VAL VAL B . n 
A 1 31  ALA 31  12  12  ALA ALA B . n 
A 1 32  VAL 32  13  13  VAL VAL B . n 
A 1 33  LEU 33  14  14  LEU LEU B . n 
A 1 34  ARG 34  15  15  ARG ARG B . n 
A 1 35  ALA 35  16  16  ALA ALA B . n 
A 1 36  ASN 36  17  17  ASN ASN B . n 
A 1 37  SER 37  18  18  SER SER B . n 
A 1 38  VAL 38  19  19  VAL VAL B . n 
A 1 39  GLU 39  20  20  GLU GLU B . n 
A 1 40  GLU 40  21  21  GLU GLU B . n 
A 1 41  ALA 41  22  22  ALA ALA B . n 
A 1 42  LYS 42  23  23  LYS LYS B . n 
A 1 43  LYS 43  24  24  LYS LYS B . n 
A 1 44  LYS 44  25  25  LYS LYS B . n 
A 1 45  ALA 45  26  26  ALA ALA B . n 
A 1 46  LEU 46  27  27  LEU LEU B . n 
A 1 47  ALA 47  28  28  ALA ALA B . n 
A 1 48  VAL 48  29  29  VAL VAL B . n 
A 1 49  PHE 49  30  30  PHE PHE B . n 
A 1 50  LEU 50  31  31  LEU LEU B . n 
A 1 51  GLY 51  32  32  GLY GLY B . n 
A 1 52  GLY 52  33  33  GLY GLY B . n 
A 1 53  VAL 53  34  34  VAL VAL B . n 
A 1 54  HIS 54  35  35  HIS HIS B . n 
A 1 55  LEU 55  36  36  LEU LEU B . n 
A 1 56  ILE 56  37  37  ILE ILE B . n 
A 1 57  GLU 57  38  38  GLU GLU B . n 
A 1 58  ILE 58  39  39  ILE ILE B . n 
A 1 59  THR 59  40  40  THR THR B . n 
A 1 60  PHE 60  41  41  PHE PHE B . n 
A 1 61  THR 61  42  42  THR THR B . n 
A 1 62  VAL 62  43  43  VAL VAL B . n 
A 1 63  PRO 63  44  44  PRO PRO B . n 
A 1 64  ASP 64  45  45  ASP ASP B . n 
A 1 65  ALA 65  46  46  ALA ALA B . n 
A 1 66  ASP 66  47  47  ASP ASP B . n 
A 1 67  THR 67  48  48  THR THR B . n 
A 1 68  VAL 68  49  49  VAL VAL B . n 
A 1 69  ILE 69  50  50  ILE ILE B . n 
A 1 70  LYS 70  51  51  LYS LYS B . n 
A 1 71  GLU 71  52  52  GLU GLU B . n 
A 1 72  LEU 72  53  53  LEU LEU B . n 
A 1 73  SER 73  54  54  SER SER B . n 
A 1 74  PHE 74  55  55  PHE PHE B . n 
A 1 75  LEU 75  56  56  LEU LEU B . n 
A 1 76  LYS 76  57  57  LYS LYS B . n 
A 1 77  GLU 77  58  58  GLU GLU B . n 
A 1 78  MET 78  59  59  MET MET B . n 
A 1 79  GLY 79  60  60  GLY GLY B . n 
A 1 80  ALA 80  61  61  ALA ALA B . n 
A 1 81  ILE 81  62  62  ILE ILE B . n 
A 1 82  ILE 82  63  63  ILE ILE B . n 
A 1 83  GLY 83  64  64  GLY GLY B . n 
A 1 84  ALA 84  65  65  ALA ALA B . n 
A 1 85  GLY 85  66  66  GLY GLY B . n 
A 1 86  THR 86  67  67  THR THR B . n 
A 1 87  VAL 87  68  68  VAL VAL B . n 
A 1 88  THR 88  69  69  THR THR B . n 
A 1 89  SER 89  70  70  SER SER B . n 
A 1 90  VAL 90  71  71  VAL VAL B . n 
A 1 91  GLU 91  72  72  GLU GLU B . n 
A 1 92  GLN 92  73  73  GLN GLN B . n 
A 1 93  CYS 93  74  74  CYS CYS B . n 
A 1 94  ARG 94  75  75  ARG ARG B . n 
A 1 95  LYS 95  76  76  LYS LYS B . n 
A 1 96  ALA 96  77  77  ALA ALA B . n 
A 1 97  VAL 97  78  78  VAL VAL B . n 
A 1 98  GLU 98  79  79  GLU GLU B . n 
A 1 99  SER 99  80  80  SER SER B . n 
A 1 100 GLY 100 81  81  GLY GLY B . n 
A 1 101 ALA 101 82  82  ALA ALA B . n 
A 1 102 GLU 102 83  83  GLU GLU B . n 
A 1 103 PHE 103 84  84  PHE PHE B . n 
A 1 104 ILE 104 85  85  ILE ILE B . n 
A 1 105 VAL 105 86  86  VAL VAL B . n 
A 1 106 SER 106 87  87  SER SER B . n 
A 1 107 PRO 107 88  88  PRO PRO B . n 
A 1 108 HIS 108 89  89  HIS HIS B . n 
A 1 109 LEU 109 90  90  LEU LEU B . n 
A 1 110 ASP 110 91  91  ASP ASP B . n 
A 1 111 GLU 111 92  92  GLU GLU B . n 
A 1 112 GLU 112 93  93  GLU GLU B . n 
A 1 113 ILE 113 94  94  ILE ILE B . n 
A 1 114 SER 114 95  95  SER SER B . n 
A 1 115 GLN 115 96  96  GLN GLN B . n 
A 1 116 PHE 116 97  97  PHE PHE B . n 
A 1 117 CYS 117 98  98  CYS CYS B . n 
A 1 118 LYS 118 99  99  LYS LYS B . n 
A 1 119 GLU 119 100 100 GLU GLU B . n 
A 1 120 LYS 120 101 101 LYS LYS B . n 
A 1 121 GLY 121 102 102 GLY GLY B . n 
A 1 122 VAL 122 103 103 VAL VAL B . n 
A 1 123 PHE 123 104 104 PHE PHE B . n 
A 1 124 TYR 124 105 105 TYR TYR B . n 
A 1 125 MET 125 106 106 MET MET B . n 
A 1 126 PRO 126 107 107 PRO PRO B . n 
A 1 127 GLY 127 108 108 GLY GLY B . n 
A 1 128 VAL 128 109 109 VAL VAL B . n 
A 1 129 MET 129 110 110 MET MET B . n 
A 1 130 THR 130 111 111 THR THR B . n 
A 1 131 PRO 131 112 112 PRO PRO B . n 
A 1 132 THR 132 113 113 THR THR B . n 
A 1 133 GLU 133 114 114 GLU GLU B . n 
A 1 134 LEU 134 115 115 LEU LEU B . n 
A 1 135 VAL 135 116 116 VAL VAL B . n 
A 1 136 LYS 136 117 117 LYS LYS B . n 
A 1 137 ALA 137 118 118 ALA ALA B . n 
A 1 138 MET 138 119 119 MET MET B . n 
A 1 139 LYS 139 120 120 LYS LYS B . n 
A 1 140 LEU 140 121 121 LEU LEU B . n 
A 1 141 GLY 141 122 122 GLY GLY B . n 
A 1 142 HIS 142 123 123 HIS HIS B . n 
A 1 143 THR 143 124 124 THR THR B . n 
A 1 144 ILE 144 125 125 ILE ILE B . n 
A 1 145 LEU 145 126 126 LEU LEU B . n 
A 1 146 LYS 146 127 127 LYS LYS B . n 
A 1 147 LEU 147 128 128 LEU LEU B . n 
A 1 148 PHE 148 129 129 PHE PHE B . n 
A 1 149 PRO 149 130 130 PRO PRO B . n 
A 1 150 GLY 150 131 131 GLY GLY B . n 
A 1 151 GLU 151 132 132 GLU GLU B . n 
A 1 152 VAL 152 133 133 VAL VAL B . n 
A 1 153 VAL 153 134 134 VAL VAL B . n 
A 1 154 GLY 154 135 135 GLY GLY B . n 
A 1 155 PRO 155 136 136 PRO PRO B . n 
A 1 156 GLN 156 137 137 GLN GLN B . n 
A 1 157 PHE 157 138 138 PHE PHE B . n 
A 1 158 VAL 158 139 139 VAL VAL B . n 
A 1 159 LYS 159 140 140 LYS LYS B . n 
A 1 160 ALA 160 141 141 ALA ALA B . n 
A 1 161 MET 161 142 142 MET MET B . n 
A 1 162 LYS 162 143 143 LYS LYS B . n 
A 1 163 GLY 163 144 144 GLY GLY B . n 
A 1 164 PRO 164 145 145 PRO PRO B . n 
A 1 165 PHE 165 146 146 PHE PHE B . n 
A 1 166 PRO 166 147 147 PRO PRO B . n 
A 1 167 ASN 167 148 148 ASN ASN B . n 
A 1 168 VAL 168 149 149 VAL VAL B . n 
A 1 169 LYS 169 150 150 LYS LYS B . n 
A 1 170 PHE 170 151 151 PHE PHE B . n 
A 1 171 VAL 171 152 152 VAL VAL B . n 
A 1 172 PRO 172 153 153 PRO PRO B . n 
A 1 173 THR 173 154 154 THR THR B . n 
A 1 174 GLY 174 155 155 GLY GLY B . n 
A 1 175 GLY 175 156 156 GLY GLY B . n 
A 1 176 VAL 176 157 157 VAL VAL B . n 
A 1 177 ASN 177 158 158 ASN ASN B . n 
A 1 178 LEU 178 159 159 LEU LEU B . n 
A 1 179 ASP 179 160 160 ASP ASP B . n 
A 1 180 ASN 180 161 161 ASN ASN B . n 
A 1 181 VAL 181 162 162 VAL VAL B . n 
A 1 182 CYS 182 163 163 CYS CYS B . n 
A 1 183 GLU 183 164 164 GLU GLU B . n 
A 1 184 TRP 184 165 165 TRP TRP B . n 
A 1 185 PHE 185 166 166 PHE PHE B . n 
A 1 186 LYS 186 167 167 LYS LYS B . n 
A 1 187 ALA 187 168 168 ALA ALA B . n 
A 1 188 GLY 188 169 169 GLY GLY B . n 
A 1 189 VAL 189 170 170 VAL VAL B . n 
A 1 190 LEU 190 171 171 LEU LEU B . n 
A 1 191 ALA 191 172 172 ALA ALA B . n 
A 1 192 VAL 192 173 173 VAL VAL B . n 
A 1 193 GLY 193 174 174 GLY GLY B . n 
A 1 194 VAL 194 175 175 VAL VAL B . n 
A 1 195 GLY 195 176 176 GLY GLY B . n 
A 1 196 SER 196 177 177 SER SER B . n 
A 1 197 ALA 197 178 178 ALA ALA B . n 
A 1 198 LEU 198 179 179 LEU LEU B . n 
A 1 199 VAL 199 180 180 VAL VAL B . n 
A 1 200 LYS 200 181 181 LYS LYS B . n 
A 1 201 GLY 201 182 182 GLY GLY B . n 
A 1 202 THR 202 183 183 THR THR B . n 
A 1 203 PRO 203 184 184 PRO PRO B . n 
A 1 204 VAL 204 185 185 VAL VAL B . n 
A 1 205 GLU 205 186 186 GLU GLU B . n 
A 1 206 VAL 206 187 187 VAL VAL B . n 
A 1 207 ALA 207 188 188 ALA ALA B . n 
A 1 208 GLU 208 189 189 GLU GLU B . n 
A 1 209 LYS 209 190 190 LYS LYS B . n 
A 1 210 ALA 210 191 191 ALA ALA B . n 
A 1 211 LYS 211 192 192 LYS LYS B . n 
A 1 212 ALA 212 193 193 ALA ALA B . n 
A 1 213 PHE 213 194 194 PHE PHE B . n 
A 1 214 VAL 214 195 195 VAL VAL B . n 
A 1 215 GLU 215 196 196 GLU GLU B . n 
A 1 216 LYS 216 197 197 LYS LYS B . n 
A 1 217 ILE 217 198 198 ILE ILE B . n 
A 1 218 ARG 218 199 199 ARG ARG B . n 
A 1 219 GLY 219 200 200 GLY GLY B . n 
A 1 220 CYS 220 201 201 CYS CYS B . n 
A 1 221 THR 221 202 ?   ?   ?   B . n 
A 1 222 GLU 222 203 ?   ?   ?   B . n 
A 1 223 GLN 223 204 ?   ?   ?   B . n 
A 1 224 LYS 224 205 ?   ?   ?   B . n 
A 1 225 LEU 225 206 ?   ?   ?   B . n 
A 1 226 ILE 226 207 ?   ?   ?   B . n 
A 1 227 SER 227 208 ?   ?   ?   B . n 
A 1 228 GLU 228 209 ?   ?   ?   B . n 
A 1 229 GLU 229 210 ?   ?   ?   B . n 
A 1 230 ASP 230 211 ?   ?   ?   B . n 
A 1 231 LEU 231 212 ?   ?   ?   B . n 
A 1 232 GLN 232 213 ?   ?   ?   B . n 
A 1 233 SER 233 214 ?   ?   ?   B . n 
A 1 234 ARG 234 215 ?   ?   ?   B . n 
A 1 235 PRO 235 216 ?   ?   ?   B . n 
A 1 236 GLU 236 217 ?   ?   ?   B . n 
A 1 237 PRO 237 218 ?   ?   ?   B . n 
A 1 238 THR 238 219 ?   ?   ?   B . n 
A 1 239 ALA 239 220 ?   ?   ?   B . n 
A 1 240 PRO 240 221 ?   ?   ?   B . n 
A 1 241 PRO 241 222 ?   ?   ?   B . n 
A 1 242 GLU 242 223 ?   ?   ?   B . n 
A 1 243 GLU 243 224 ?   ?   ?   B . n 
A 1 244 SER 244 225 ?   ?   ?   B . n 
A 1 245 PHE 245 226 ?   ?   ?   B . n 
A 1 246 ARG 246 227 ?   ?   ?   B . n 
A 1 247 SER 247 228 ?   ?   ?   B . n 
A 1 248 GLY 248 229 ?   ?   ?   B . n 
A 1 249 VAL 249 230 ?   ?   ?   B . n 
A 1 250 GLU 250 231 ?   ?   ?   B . n 
A 1 251 THR 251 232 ?   ?   ?   B . n 
A 1 252 THR 252 233 ?   ?   ?   B . n 
A 1 253 THR 253 234 ?   ?   ?   B . n 
A 1 254 PRO 254 235 ?   ?   ?   B . n 
A 1 255 PRO 255 236 ?   ?   ?   B . n 
A 1 256 GLN 256 237 ?   ?   ?   B . n 
A 1 257 LYS 257 238 ?   ?   ?   B . n 
A 1 258 GLN 258 239 ?   ?   ?   B . n 
A 1 259 GLU 259 240 ?   ?   ?   B . n 
A 1 260 PRO 260 241 ?   ?   ?   B . n 
A 1 261 ILE 261 242 ?   ?   ?   B . n 
A 1 262 ASP 262 243 ?   ?   ?   B . n 
A 1 263 LYS 263 244 ?   ?   ?   B . n 
A 1 264 GLU 264 245 ?   ?   ?   B . n 
A 1 265 LEU 265 246 ?   ?   ?   B . n 
A 1 266 TYR 266 247 ?   ?   ?   B . n 
A 1 267 PRO 267 248 ?   ?   ?   B . n 
A 1 268 LEU 268 249 ?   ?   ?   B . n 
A 1 269 THR 269 250 ?   ?   ?   B . n 
A 1 270 SER 270 251 ?   ?   ?   B . n 
A 1 271 LEU 271 252 ?   ?   ?   B . n 
A 1 272 ARG 272 253 ?   ?   ?   B . n 
A 1 273 SER 273 254 ?   ?   ?   B . n 
A 1 274 LEU 274 255 ?   ?   ?   B . n 
A 1 275 PHE 275 256 ?   ?   ?   B . n 
A 1 276 GLY 276 257 ?   ?   ?   B . n 
A 1 277 ASN 277 258 ?   ?   ?   B . n 
A 1 278 ASP 278 259 ?   ?   ?   B . n 
A 1 279 PRO 279 260 ?   ?   ?   B . n 
A 1 280 SER 280 261 ?   ?   ?   B . n 
A 1 281 SER 281 262 ?   ?   ?   B . n 
A 1 282 GLN 282 263 ?   ?   ?   B . n 
# 
loop_
_pdbx_unobs_or_zero_occ_atoms.id 
_pdbx_unobs_or_zero_occ_atoms.PDB_model_num 
_pdbx_unobs_or_zero_occ_atoms.polymer_flag 
_pdbx_unobs_or_zero_occ_atoms.occupancy_flag 
_pdbx_unobs_or_zero_occ_atoms.auth_asym_id 
_pdbx_unobs_or_zero_occ_atoms.auth_comp_id 
_pdbx_unobs_or_zero_occ_atoms.auth_seq_id 
_pdbx_unobs_or_zero_occ_atoms.PDB_ins_code 
_pdbx_unobs_or_zero_occ_atoms.auth_atom_id 
_pdbx_unobs_or_zero_occ_atoms.label_alt_id 
_pdbx_unobs_or_zero_occ_atoms.label_asym_id 
_pdbx_unobs_or_zero_occ_atoms.label_comp_id 
_pdbx_unobs_or_zero_occ_atoms.label_seq_id 
_pdbx_unobs_or_zero_occ_atoms.label_atom_id 
1 1 Y 1 B LYS 0 ? CB ? A LYS 19 CB 
2 1 Y 1 B LYS 0 ? CG ? A LYS 19 CG 
3 1 Y 1 B LYS 0 ? CD ? A LYS 19 CD 
4 1 Y 1 B LYS 0 ? CE ? A LYS 19 CE 
5 1 Y 1 B LYS 0 ? NZ ? A LYS 19 NZ 
6 1 Y 1 B MET 1 ? CB ? A MET 20 CB 
7 1 Y 1 B MET 1 ? CG ? A MET 20 CG 
8 1 Y 1 B MET 1 ? SD ? A MET 20 SD 
9 1 Y 1 B MET 1 ? CE ? A MET 20 CE 
# 
_exptl.absorpt_coefficient_mu     ? 
_exptl.absorpt_correction_T_max   ? 
_exptl.absorpt_correction_T_min   ? 
_exptl.absorpt_correction_type    ? 
_exptl.absorpt_process_details    ? 
_exptl.entry_id                   5KP9 
_exptl.crystals_number            ? 
_exptl.details                    ? 
_exptl.method                     'ELECTRON MICROSCOPY' 
_exptl.method_details             ? 
# 
_struct.entry_id                     5KP9 
_struct.title                        'Structure of Nanoparticle Released from Enveloped Protein Nanoparticle' 
_struct.pdbx_model_details           ? 
_struct.pdbx_formula_weight          ? 
_struct.pdbx_formula_weight_method   ? 
_struct.pdbx_model_type_details      ? 
_struct.pdbx_CASP_flag               N 
# 
_struct_keywords.entry_id        5KP9 
_struct_keywords.text            
;protein design, icosahedral assemblies, cell transduction, enveloped viruses, virus assembly, enveloped protein, nanoparticle, STRUCTURAL PROTEIN
;
_struct_keywords.pdbx_keywords   'STRUCTURAL PROTEIN' 
# 
_struct_asym.id                            A 
_struct_asym.pdbx_blank_PDB_chainid_flag   N 
_struct_asym.pdbx_modified                 N 
_struct_asym.entity_id                     1 
_struct_asym.details                       ? 
# 
loop_
_struct_ref.id 
_struct_ref.db_name 
_struct_ref.db_code 
_struct_ref.pdbx_db_accession 
_struct_ref.pdbx_db_isoform 
_struct_ref.entity_id 
_struct_ref.pdbx_seq_one_letter_code 
_struct_ref.pdbx_align_begin 
1 PDB 5KP9         5KP9   ? 1 ? 1   
2 UNP Q9WXS1_THEMA Q9WXS1 ? 1 
;KMEELFKKHKIVAVLRANSVEEAKEKALAVFEGGVHLIEITFTVPDADTVIKELSFLKEKGAIIGAGTVTSVEQCRKAVE
SGAEFIVSPHLDEEISQFCKEKGVFYMPGVMTPTELVKAMKLGHTILKLFPGEVVGPQFVKAMKGPFPNVKFVPTGGVNL
DNVCEWFKAGVLAVGVGSALVKGTPDEVREKAKAFVEKIRGCTE
;
2   
3 UNP GAG_HV1B1    P03347 ? 1 LQSRPEPTAPPEESFRSGVETTTPPQKQEPIDKELYPLTSLRSLFGNDPSSQ 461 
# 
loop_
_struct_ref_seq.align_id 
_struct_ref_seq.ref_id 
_struct_ref_seq.pdbx_PDB_id_code 
_struct_ref_seq.pdbx_strand_id 
_struct_ref_seq.seq_align_beg 
_struct_ref_seq.pdbx_seq_align_beg_ins_code 
_struct_ref_seq.seq_align_end 
_struct_ref_seq.pdbx_seq_align_end_ins_code 
_struct_ref_seq.pdbx_db_accession 
_struct_ref_seq.db_align_beg 
_struct_ref_seq.pdbx_db_align_beg_ins_code 
_struct_ref_seq.db_align_end 
_struct_ref_seq.pdbx_db_align_end_ins_code 
_struct_ref_seq.pdbx_auth_seq_align_beg 
_struct_ref_seq.pdbx_auth_seq_align_end 
1 1 5KP9 B 1   ? 18  ? 5KP9   -18 ? -1  ? -18 -1  
2 2 5KP9 B 19  ? 222 ? Q9WXS1 2   ? 205 ? 0   203 
3 3 5KP9 B 231 ? 282 ? P03347 461 ? 512 ? 212 263 
# 
loop_
_struct_ref_seq_dif.align_id 
_struct_ref_seq_dif.pdbx_pdb_id_code 
_struct_ref_seq_dif.mon_id 
_struct_ref_seq_dif.pdbx_pdb_strand_id 
_struct_ref_seq_dif.seq_num 
_struct_ref_seq_dif.pdbx_pdb_ins_code 
_struct_ref_seq_dif.pdbx_seq_db_name 
_struct_ref_seq_dif.pdbx_seq_db_accession_code 
_struct_ref_seq_dif.db_mon_id 
_struct_ref_seq_dif.pdbx_seq_db_seq_num 
_struct_ref_seq_dif.details 
_struct_ref_seq_dif.pdbx_auth_seq_num 
_struct_ref_seq_dif.pdbx_ordinal 
2 5KP9 LYS B 43  ? UNP Q9WXS1 GLU 26  conflict 24  1  
2 5KP9 LEU B 50  ? UNP Q9WXS1 GLU 33  conflict 31  2  
2 5KP9 MET B 78  ? UNP Q9WXS1 LYS 61  conflict 59  3  
2 5KP9 VAL B 204 ? UNP Q9WXS1 ASP 187 conflict 185 4  
2 5KP9 ALA B 207 ? UNP Q9WXS1 ARG 190 conflict 188 5  
2 5KP9 GLN B 223 ? UNP Q9WXS1 ?   ?   linker   204 6  
2 5KP9 LYS B 224 ? UNP Q9WXS1 ?   ?   linker   205 7  
2 5KP9 LEU B 225 ? UNP Q9WXS1 ?   ?   linker   206 8  
2 5KP9 ILE B 226 ? UNP Q9WXS1 ?   ?   linker   207 9  
2 5KP9 SER B 227 ? UNP Q9WXS1 ?   ?   linker   208 10 
2 5KP9 GLU B 228 ? UNP Q9WXS1 ?   ?   linker   209 11 
2 5KP9 GLU B 229 ? UNP Q9WXS1 ?   ?   linker   210 12 
2 5KP9 ASP B 230 ? UNP Q9WXS1 ?   ?   linker   211 13 
# 
loop_
_pdbx_struct_assembly.id 
_pdbx_struct_assembly.details 
_pdbx_struct_assembly.method_details 
_pdbx_struct_assembly.oligomeric_details 
_pdbx_struct_assembly.oligomeric_count 
1 'complete icosahedral assembly'                ? 60-meric   60 
2 'icosahedral asymmetric unit'                  ? monomeric  1  
3 'icosahedral pentamer'                         ? pentameric 5  
4 'icosahedral 23 hexamer'                       ? hexameric  6  
5 'icosahedral asymmetric unit, std point frame' ? monomeric  1  
# 
loop_
_pdbx_struct_assembly_gen.assembly_id 
_pdbx_struct_assembly_gen.oper_expression 
_pdbx_struct_assembly_gen.asym_id_list 
1 '(1-60)'           A 
2 1                  A 
3 '(1-5)'            A 
4 '(1,2,6,10,23,24)' A 
5 P                  A 
# 
loop_
_pdbx_struct_oper_list.id 
_pdbx_struct_oper_list.type 
_pdbx_struct_oper_list.name 
_pdbx_struct_oper_list.symmetry_operation 
_pdbx_struct_oper_list.matrix[1][1] 
_pdbx_struct_oper_list.matrix[1][2] 
_pdbx_struct_oper_list.matrix[1][3] 
_pdbx_struct_oper_list.vector[1] 
_pdbx_struct_oper_list.matrix[2][1] 
_pdbx_struct_oper_list.matrix[2][2] 
_pdbx_struct_oper_list.matrix[2][3] 
_pdbx_struct_oper_list.vector[2] 
_pdbx_struct_oper_list.matrix[3][1] 
_pdbx_struct_oper_list.matrix[3][2] 
_pdbx_struct_oper_list.matrix[3][3] 
_pdbx_struct_oper_list.vector[3] 
P  'transform to point frame' ?     ?     0.91490073  -0.30496268 0.26448897  43.30667   0.12806759  0.84062434  0.52625982  18.92802  -0.38282547 -0.44760304 0.80814366  96.64899   
1  'identity operation'       1_555 x,y,z 1.00000000  0.00000000  0.00000000  0.00000    0.00000000  1.00000000  0.00000000  0.00000   0.00000000  0.00000000  1.00000000  0.00000    
2  'point symmetry operation' ?     ?     0.35512636  -0.92785377 -0.11389761 23.04091   0.90600998  0.31160405  0.28644167  60.99707  -0.23028503 -0.20491536 0.95130358  2.30225    
3  'point symmetry operation' ?     ?     -0.68830113 -0.59528896 -0.41457523 -25.63524  0.53810117  -0.80224398 0.25855702  101.53877 -0.48650661 -0.04511834 0.87251112  -13.31282  
4  'point symmetry operation' ?     ?     -0.68830113 0.53810118  -0.48650662 -78.75967  -0.59528894 -0.80224398 -0.04511834 65.59784  -0.41457524 0.25855701  0.87251112  -25.26572  
5  'point symmetry operation' ?     ?     0.35512635  0.90600998  -0.23028504 -62.91622  -0.92785376 0.31160406  -0.20491535 2.84343   -0.11389761 0.28644168  0.95130358  -17.03794  
6  'point symmetry operation' ?     ?     -0.70688931 0.34270769  -0.61875596 -84.09074  0.34270768  -0.59930305 -0.72345510 -5.40887  -0.61875596 -0.72345512 0.30619236  -42.83038  
7  'point symmetry operation' ?     ?     0.20195179  0.88947162  -0.40994599 -80.89848  -0.25466913 -0.35648081 -0.89892439 -35.73388 -0.94570561 0.28593998  0.15452902  -100.51080 
8  'point symmetry operation' ?     ?     0.97199299  0.17378546  -0.15820318 -22.93396  -0.20640607 0.30941826  -0.92825474 -65.41553 -0.11236623 0.93491121  0.33662274  -104.50345 
9  'point symmetry operation' ?     ?     0.53906350  -0.81529684 -0.21142753 9.69782    0.42079896  0.47814428  -0.77091262 -53.43478 0.72961549  0.32660238  0.60082620  -49.29063  
10 'point symmetry operation' ?     ?     -0.49854282 -0.71089716 -0.49606480 -28.09914  0.76016992  -0.08347638 -0.64433949 -16.34862 0.41664943  -0.69832437 0.58201919  -11.17458  
11 'point symmetry operation' ?     ?     -0.96719739 0.21531348  0.13479366  -5.24322   0.21531346  0.41329857  0.88477363  112.93460 0.13479366  0.88477365  -0.44610119 -179.12081 
12 'point symmetry operation' ?     ?     -0.17944209 0.93688900  0.30006591  -14.08451  0.24716599  -0.25229761 0.93555058  145.14259 0.95221296  0.24204324  -0.18629429 -123.07348 
13 'point symmetry operation' ?     ?     0.71600548  0.39694631  0.57425585  39.61930   -0.35625228 -0.49965954 0.78957245  137.60198 0.60035029  -0.76991816 -0.21634594 -86.79859  
14 'point symmetry operation' ?     ?     0.48166721  -0.65833214 0.57844231  81.65137   -0.76103781 0.01305856  0.64857607  100.73363 -0.43453209 -0.75261430 -0.49472577 -120.42681 
15 'point symmetry operation' ?     ?     -0.55860937 -0.77058741 0.30683973  53.92481   -0.40779076 0.57729770  0.70741363  85.48835  -0.72226192 0.27004148  -0.63672233 -177.48508 
16 'point symmetry operation' ?     ?     0.67408670  -0.55802116 0.48396231  69.15126   -0.55802114 -0.81399553 -0.16131853 54.69806  0.48396230  -0.16131853 -0.86009117 -176.13465 
17 'point symmetry operation' ?     ?     -0.37763606 -0.89850685 0.22377770  51.75938   -0.89850684 0.29717437  -0.32306786 -8.18200  0.22377769  -0.32306786 -0.91953831 -176.80382 
18 'point symmetry operation' ?     ?     -0.99969734 0.02455717  -0.00147744 -11.23280  0.02455717  0.99248526  -0.11987471 -11.50143 -0.00147745 -0.11987471 -0.99278793 -193.47099 
19 'point symmetry operation' ?     ?     -0.33242959 0.93552780  0.11949184  -32.77222  0.93552780  0.31104114  0.16745490  49.32710  0.11949184  0.16745490  -0.97861155 -203.10268 
20 'point symmetry operation' ?     ?     0.70202583  0.57547459  0.41951010  16.90786   0.57547459  -0.80542538 0.14184121  90.24064  0.41951010  0.14184121  -0.89660044 -192.38824 
21 'point symmetry operation' ?     ?     -0.28210571 -0.77038060 0.57177803  81.67861   0.82851186  -0.49612284 -0.25967327 39.01402  0.48371940  0.40046957  0.77822854  -35.87175  
22 'point symmetry operation' ?     ?     -0.92982759 -0.09546697 0.35539655  29.50405   -0.09546697 -0.87012070 -0.48350390 27.24381  0.35539655  -0.48350390 0.79994829  1.49274    
23 'point symmetry operation' ?     ?     -0.49854282 0.76016993  0.41664942  3.07499    -0.71089717 -0.08347637 -0.69832436 -29.14380 -0.49606480 -0.64433949 0.58201919  -17.96924  
24 'point symmetry operation' ?     ?     0.41572773  0.61406900  0.67088727  38.91548   -0.16727510 0.77669442  -0.60726009 -52.22306 -0.89397399 0.14023212  0.42561185  -67.36190  
25 'point symmetry operation' ?     ?     0.54949321  -0.33186325 0.76676202  87.49519   0.78413200  0.52166487  -0.33615881 -10.09921 -0.28843406 0.78595963  0.54687590  -78.42625  
26 'point symmetry operation' ?     ?     -0.41838890 -0.04864410 0.90696443  85.07850   -0.59501690 0.76912728  -0.23323403 -16.85079 -0.68622563 -0.63724170 -0.35073838 -112.04599 
27 'point symmetry operation' ?     ?     -0.40151329 0.18719508  0.89651831  74.55936   0.53924111  0.83954509  0.06620474  15.81703  -0.74027434 0.51002162  -0.43803180 -167.53462 
28 'point symmetry operation' ?     ?     -0.17944209 0.24716599  0.95221295  78.79049   0.93688899  -0.25229761 0.24204325  79.60385  0.30006591  0.93555059  -0.18629430 -154.48985 
29 'point symmetry operation' ?     ?     -0.05907014 0.04839088  0.99708026  91.92462   0.04839089  -0.99751132 0.05127863  86.35845  0.99708026  0.05127863  0.05658146  -90.93910  
30 'point symmetry operation' ?     ?     -0.20674740 -0.13442980 0.96911513  95.81083   -0.89837902 -0.36623602 -0.24245886 26.74621  0.38751856  -0.92076045 -0.04505057 -64.70735  
31 'point symmetry operation' ?     ?     0.18405063  0.12675577  -0.97470936 -106.26221 -0.94315874 -0.25640917 -0.21143771 25.15340  -0.27672538 0.95822091  0.07235854  -132.57806 
32 'point symmetry operation' ?     ?     0.40466419  0.06845845  -0.91189930 -96.53382  -0.51855886 0.83854209  -0.16716420 -12.70483 0.75322214  0.54051882  0.37482769  -80.33880  
33 'point symmetry operation' ?     ?     0.41572772  -0.16727510 -0.89397400 -85.13364  0.61406899  0.77669442  0.14023211  26.11087  0.67088728  -0.60726009 0.42561185  -29.15086  
34 'point symmetry operation' ?     ?     0.20195179  -0.25466913 -0.94570561 -87.81635  0.88947162  -0.35648081 0.28593998  87.95851  -0.40994599 -0.89892439 0.15452902  -49.75423  
35 'point symmetry operation' ?     ?     0.05876748  -0.07294806 -0.99560282 -100.87452 -0.07294806 -0.99497394 0.06859607  87.36677  -0.99560282 0.06859607  -0.06379353 -113.67575 
36 'point symmetry operation' ?     ?     0.51644398  0.69226893  -0.50403310 -80.67760  0.70966378  -0.01659527 0.70434501  114.90716 0.47923161  -0.72144878 -0.49984870 -117.59005 
37 'point symmetry operation' ?     ?     0.92667669  -0.16018656 -0.34001555 -27.71229  0.07478472  -0.80796649 0.58446335  131.86778 -0.36834434 -0.56703654 -0.73674420 -151.70516 
38 'point symmetry operation' ?     ?     0.26225718  -0.84006083 -0.47488838 -16.91453  -0.84006083 -0.44092044 0.31604901  85.65288  -0.47488838 0.31604901  -0.82133675 -196.47589 
39 'point symmetry operation' ?     ?     -0.55860937 -0.40779076 -0.72226191 -63.20646  -0.77058740 0.57729771  0.27004148  40.12988  0.30683973  0.70741364  -0.63672233 -190.03061 
40 'point symmetry operation' ?     ?     -0.40151330 0.53924111  -0.74027434 -102.61420 0.18719508  0.83954508  0.51002161  58.21002  0.89651831  0.06620475  -0.43803180 -141.27648 
41 'point symmetry operation' ?     ?     -0.28210571 0.82851187  0.48371940  8.07029    -0.77038058 -0.49612284 0.40046957  96.64491  0.57177803  -0.25967329 0.77822855  -8.65472   
42 'point symmetry operation' ?     ?     0.53906351  0.42079897  0.72961549  53.22076   -0.81529683 0.47814428  0.32660238  49.55458  -0.21142753 -0.77091263 0.60082621  -9.52806   
43 'point symmetry operation' ?     ?     0.40466420  -0.51855886 0.75322214  92.98854   0.06845845  0.83854209  0.54051882  60.68672  -0.91189930 -0.16716419 0.37482771  -60.03970  
44 'point symmetry operation' ?     ?     -0.49956837 -0.69140103 0.52191577  72.41591   0.65956551  0.08701307  0.74659364  114.65709 -0.56160910 0.71721220  0.41255529  -90.38427  
45 'point symmetry operation' ?     ?     -0.92401551 0.14113446  0.35535391  19.93354   0.14113446  -0.73785521 0.66003844  136.88047 0.35535391  0.66003844  0.66187073  -58.62660  
46 'point symmetry operation' ?     ?     0.18405064  -0.94315876 -0.27672537 6.59357    0.12675576  -0.25640918 0.95822090  146.95798 -0.97470936 -0.21143770 0.07235854  -88.66324  
47 'point symmetry operation' ?     ?     -0.72542430 -0.40795889 -0.55437274 -47.33275  -0.40795889 -0.39386314 0.82367552  136.44440 -0.55437274 0.82367554  0.11928744  -123.85193 
48 'point symmetry operation' ?     ?     -0.49956837 0.65956551  -0.56160910 -90.20780  -0.69140103 0.08701307  0.71721220  104.91647 0.52191577  0.74659364  0.41255529  -86.10875  
49 'point symmetry operation' ?     ?     0.54949321  0.78413201  -0.28843407 -62.77971  -0.33186324 0.52166488  0.78595963  95.94471  0.76676202  -0.33615882 0.54687590  -27.59350  
50 'point symmetry operation' ?     ?     0.97199299  -0.20640606 -0.11236623 -2.95317   0.17378547  0.30941825  0.93491120  121.92779 -0.15820317 -0.92825475 0.33662275  -29.17226  
51 'point symmetry operation' ?     ?     0.51644397  0.70966380  0.47923160  16.47287   0.69226891  -0.01659526 -0.72144877 -27.07769 -0.50403310 0.70434502  -0.49984872 -180.37570 
52 'point symmetry operation' ?     ?     0.71600548  -0.35625228 0.60035029  72.76294   0.39694631  -0.49965954 -0.76991816 -13.80040 0.57425585  0.78957245  -0.21634594 -150.17687 
53 'point symmetry operation' ?     ?     -0.20674739 -0.89837903 0.38751856  68.91217   -0.13442981 -0.36623602 -0.92076044 -36.90472 0.96911513  -0.24245888 -0.04505058 -89.28197  
54 'point symmetry operation' ?     ?     -0.97660153 -0.16751570 0.13486264  10.24220   -0.16751571 0.19928853  -0.96551673 -64.46125 0.13486263  -0.96551674 -0.22268700 -81.84568  
55 'point symmetry operation' ?     ?     -0.52964468 0.82630941  0.19154441  -22.16707  0.34341220  0.41537840  -0.84233534 -58.38781 -0.77559304 -0.38035975 -0.50376770 -138.14470 
56 'point symmetry operation' ?     ?     -0.41838890 -0.59501690 -0.68622563 -51.31943  -0.04864410 0.76912728  -0.63724170 -54.30140 0.90696443  -0.23323403 -0.35073838 -120.39218 
57 'point symmetry operation' ?     ?     -0.52964469 0.34341221  -0.77559304 -98.83365  0.82630941  0.41537840  -0.38035976 -9.97479  0.19154442  -0.84233535 -0.50376770 -114.52898 
58 'point symmetry operation' ?     ?     0.30165157  0.75737239  -0.57913161 -91.87562  0.75737238  -0.55931915 -0.33697057 33.52532  -0.57913160 -0.33697058 -0.74233242 -162.65541 
59 'point symmetry operation' ?     ?     0.92667669  0.07478472  -0.36834434 -40.06110  -0.16018655 -0.80796648 -0.56703654 16.08324  -0.34001556 0.58446336  -0.73674420 -198.26239 
60 'point symmetry operation' ?     ?     0.48166721  -0.76103782 -0.43453209 -14.99600  -0.65833213 0.01305856  -0.75261429 -38.19666 0.57844230  0.64857606  -0.49472578 -172.14228 
# 
loop_
_struct_conf.conf_type_id 
_struct_conf.id 
_struct_conf.pdbx_PDB_helix_id 
_struct_conf.beg_label_comp_id 
_struct_conf.beg_label_asym_id 
_struct_conf.beg_label_seq_id 
_struct_conf.pdbx_beg_PDB_ins_code 
_struct_conf.end_label_comp_id 
_struct_conf.end_label_asym_id 
_struct_conf.end_label_seq_id 
_struct_conf.pdbx_end_PDB_ins_code 
_struct_conf.beg_auth_comp_id 
_struct_conf.beg_auth_asym_id 
_struct_conf.beg_auth_seq_id 
_struct_conf.end_auth_comp_id 
_struct_conf.end_auth_asym_id 
_struct_conf.end_auth_seq_id 
_struct_conf.pdbx_PDB_helix_class 
_struct_conf.details 
_struct_conf.pdbx_PDB_helix_length 
HELX_P HELX_P1  AA1 LYS A 19  ? LYS A 28  ? LYS B 0   LYS B 9   1 ? 10 
HELX_P HELX_P2  AA2 SER A 37  ? GLY A 51  ? SER B 18  GLY B 32  1 ? 15 
HELX_P HELX_P3  AA3 ASP A 64  ? SER A 73  ? ASP B 45  SER B 54  1 ? 10 
HELX_P HELX_P4  AA4 PHE A 74  ? GLY A 79  ? PHE B 55  GLY B 60  5 ? 6  
HELX_P HELX_P5  AA5 SER A 89  ? SER A 99  ? SER B 70  SER B 80  1 ? 11 
HELX_P HELX_P6  AA6 ASP A 110 ? GLY A 121 ? ASP B 91  GLY B 102 1 ? 12 
HELX_P HELX_P7  AA7 THR A 130 ? LEU A 140 ? THR B 111 LEU B 121 1 ? 11 
HELX_P HELX_P8  AA8 PRO A 149 ? GLY A 163 ? PRO B 130 GLY B 144 1 ? 15 
HELX_P HELX_P9  AA9 ASN A 180 ? GLY A 188 ? ASN B 161 GLY B 169 1 ? 9  
HELX_P HELX_P10 AB1 GLY A 195 ? LYS A 200 ? GLY B 176 LYS B 181 1 ? 6  
HELX_P HELX_P11 AB2 THR A 202 ? GLY A 219 ? THR B 183 GLY B 200 1 ? 18 
# 
_struct_conf_type.id          HELX_P 
_struct_conf_type.criteria    ? 
_struct_conf_type.reference   ? 
# 
_struct_conn.id                            disulf1 
_struct_conn.conn_type_id                  disulf 
_struct_conn.pdbx_leaving_atom_flag        ? 
_struct_conn.pdbx_PDB_id                   ? 
_struct_conn.ptnr1_label_asym_id           A 
_struct_conn.ptnr1_label_comp_id           CYS 
_struct_conn.ptnr1_label_seq_id            182 
_struct_conn.ptnr1_label_atom_id           SG 
_struct_conn.pdbx_ptnr1_label_alt_id       ? 
_struct_conn.pdbx_ptnr1_PDB_ins_code       ? 
_struct_conn.pdbx_ptnr1_standard_comp_id   ? 
_struct_conn.ptnr1_symmetry                1_555 
_struct_conn.ptnr2_label_asym_id           A 
_struct_conn.ptnr2_label_comp_id           CYS 
_struct_conn.ptnr2_label_seq_id            220 
_struct_conn.ptnr2_label_atom_id           SG 
_struct_conn.pdbx_ptnr2_label_alt_id       ? 
_struct_conn.pdbx_ptnr2_PDB_ins_code       ? 
_struct_conn.ptnr1_auth_asym_id            B 
_struct_conn.ptnr1_auth_comp_id            CYS 
_struct_conn.ptnr1_auth_seq_id             163 
_struct_conn.ptnr2_auth_asym_id            B 
_struct_conn.ptnr2_auth_comp_id            CYS 
_struct_conn.ptnr2_auth_seq_id             201 
_struct_conn.ptnr2_symmetry                1_555 
_struct_conn.pdbx_ptnr3_label_atom_id      ? 
_struct_conn.pdbx_ptnr3_label_seq_id       ? 
_struct_conn.pdbx_ptnr3_label_comp_id      ? 
_struct_conn.pdbx_ptnr3_label_asym_id      ? 
_struct_conn.pdbx_ptnr3_label_alt_id       ? 
_struct_conn.pdbx_ptnr3_PDB_ins_code       ? 
_struct_conn.details                       ? 
_struct_conn.pdbx_dist_value               2.055 
_struct_conn.pdbx_value_order              ? 
_struct_conn.pdbx_role                     ? 
# 
_struct_conn_type.id          disulf 
_struct_conn_type.criteria    ? 
_struct_conn_type.reference   ? 
# 
_pdbx_modification_feature.ordinal                            1 
_pdbx_modification_feature.label_comp_id                      CYS 
_pdbx_modification_feature.label_asym_id                      A 
_pdbx_modification_feature.label_seq_id                       182 
_pdbx_modification_feature.label_alt_id                       ? 
_pdbx_modification_feature.modified_residue_label_comp_id     CYS 
_pdbx_modification_feature.modified_residue_label_asym_id     A 
_pdbx_modification_feature.modified_residue_label_seq_id      220 
_pdbx_modification_feature.modified_residue_label_alt_id      ? 
_pdbx_modification_feature.auth_comp_id                       CYS 
_pdbx_modification_feature.auth_asym_id                       B 
_pdbx_modification_feature.auth_seq_id                        163 
_pdbx_modification_feature.PDB_ins_code                       ? 
_pdbx_modification_feature.symmetry                           1_555 
_pdbx_modification_feature.modified_residue_auth_comp_id      CYS 
_pdbx_modification_feature.modified_residue_auth_asym_id      B 
_pdbx_modification_feature.modified_residue_auth_seq_id       201 
_pdbx_modification_feature.modified_residue_PDB_ins_code      ? 
_pdbx_modification_feature.modified_residue_symmetry          1_555 
_pdbx_modification_feature.comp_id_linking_atom               SG 
_pdbx_modification_feature.modified_residue_id_linking_atom   SG 
_pdbx_modification_feature.modified_residue_id                . 
_pdbx_modification_feature.ref_pcm_id                         . 
_pdbx_modification_feature.ref_comp_id                        . 
_pdbx_modification_feature.type                               None 
_pdbx_modification_feature.category                           'Disulfide bridge' 
# 
_struct_mon_prot_cis.pdbx_id                1 
_struct_mon_prot_cis.label_comp_id          PHE 
_struct_mon_prot_cis.label_seq_id           148 
_struct_mon_prot_cis.label_asym_id          A 
_struct_mon_prot_cis.label_alt_id           . 
_struct_mon_prot_cis.pdbx_PDB_ins_code      ? 
_struct_mon_prot_cis.auth_comp_id           PHE 
_struct_mon_prot_cis.auth_seq_id            129 
_struct_mon_prot_cis.auth_asym_id           B 
_struct_mon_prot_cis.pdbx_label_comp_id_2   PRO 
_struct_mon_prot_cis.pdbx_label_seq_id_2    149 
_struct_mon_prot_cis.pdbx_label_asym_id_2   A 
_struct_mon_prot_cis.pdbx_PDB_ins_code_2    ? 
_struct_mon_prot_cis.pdbx_auth_comp_id_2    PRO 
_struct_mon_prot_cis.pdbx_auth_seq_id_2     130 
_struct_mon_prot_cis.pdbx_auth_asym_id_2    B 
_struct_mon_prot_cis.pdbx_PDB_model_num     1 
_struct_mon_prot_cis.pdbx_omega_angle       1.25 
# 
loop_
_struct_sheet.id 
_struct_sheet.type 
_struct_sheet.number_strands 
_struct_sheet.details 
AA1 ? 4 ? 
AA2 ? 2 ? 
AA3 ? 3 ? 
# 
loop_
_struct_sheet_order.sheet_id 
_struct_sheet_order.range_id_1 
_struct_sheet_order.range_id_2 
_struct_sheet_order.offset 
_struct_sheet_order.sense 
AA1 1 2 ? parallel 
AA1 2 3 ? parallel 
AA1 3 4 ? parallel 
AA2 1 2 ? parallel 
AA3 1 2 ? parallel 
AA3 2 3 ? parallel 
# 
loop_
_struct_sheet_range.sheet_id 
_struct_sheet_range.id 
_struct_sheet_range.beg_label_comp_id 
_struct_sheet_range.beg_label_asym_id 
_struct_sheet_range.beg_label_seq_id 
_struct_sheet_range.pdbx_beg_PDB_ins_code 
_struct_sheet_range.end_label_comp_id 
_struct_sheet_range.end_label_asym_id 
_struct_sheet_range.end_label_seq_id 
_struct_sheet_range.pdbx_end_PDB_ins_code 
_struct_sheet_range.beg_auth_comp_id 
_struct_sheet_range.beg_auth_asym_id 
_struct_sheet_range.beg_auth_seq_id 
_struct_sheet_range.end_auth_comp_id 
_struct_sheet_range.end_auth_asym_id 
_struct_sheet_range.end_auth_seq_id 
AA1 1 ILE A 81  ? GLY A 85  ? ILE B 62  GLY B 66  
AA1 2 LEU A 55  ? THR A 59  ? LEU B 36  THR B 40  
AA1 3 ILE A 29  ? LEU A 33  ? ILE B 10  LEU B 14  
AA1 4 VAL A 192 ? VAL A 194 ? VAL B 173 VAL B 175 
AA2 1 PHE A 103 ? VAL A 105 ? PHE B 84  VAL B 86  
AA2 2 PHE A 123 ? MET A 125 ? PHE B 104 MET B 106 
AA3 1 GLY A 127 ? VAL A 128 ? GLY B 108 VAL B 109 
AA3 2 ILE A 144 ? LEU A 147 ? ILE B 125 LEU B 128 
AA3 3 LYS A 169 ? PRO A 172 ? LYS B 150 PRO B 153 
# 
loop_
_pdbx_struct_sheet_hbond.sheet_id 
_pdbx_struct_sheet_hbond.range_id_1 
_pdbx_struct_sheet_hbond.range_id_2 
_pdbx_struct_sheet_hbond.range_1_label_atom_id 
_pdbx_struct_sheet_hbond.range_1_label_comp_id 
_pdbx_struct_sheet_hbond.range_1_label_asym_id 
_pdbx_struct_sheet_hbond.range_1_label_seq_id 
_pdbx_struct_sheet_hbond.range_1_PDB_ins_code 
_pdbx_struct_sheet_hbond.range_1_auth_atom_id 
_pdbx_struct_sheet_hbond.range_1_auth_comp_id 
_pdbx_struct_sheet_hbond.range_1_auth_asym_id 
_pdbx_struct_sheet_hbond.range_1_auth_seq_id 
_pdbx_struct_sheet_hbond.range_2_label_atom_id 
_pdbx_struct_sheet_hbond.range_2_label_comp_id 
_pdbx_struct_sheet_hbond.range_2_label_asym_id 
_pdbx_struct_sheet_hbond.range_2_label_seq_id 
_pdbx_struct_sheet_hbond.range_2_PDB_ins_code 
_pdbx_struct_sheet_hbond.range_2_auth_atom_id 
_pdbx_struct_sheet_hbond.range_2_auth_comp_id 
_pdbx_struct_sheet_hbond.range_2_auth_asym_id 
_pdbx_struct_sheet_hbond.range_2_auth_seq_id 
AA1 1 2 O ILE A 81  ? O ILE B 62  N ILE A 56  ? N ILE B 37  
AA1 2 3 O GLU A 57  ? O GLU B 38  N ALA A 31  ? N ALA B 12  
AA1 3 4 N VAL A 30  ? N VAL B 11  O VAL A 194 ? O VAL B 175 
AA2 1 2 N ILE A 104 ? N ILE B 85  O MET A 125 ? O MET B 106 
AA3 1 2 N VAL A 128 ? N VAL B 109 O LYS A 146 ? O LYS B 127 
AA3 2 3 N LEU A 145 ? N LEU B 126 O LYS A 169 ? O LYS B 150 
# 
_pdbx_entry_details.entry_id                   5KP9 
_pdbx_entry_details.compound_details           ? 
_pdbx_entry_details.source_details             ? 
_pdbx_entry_details.nonpolymer_details         ? 
_pdbx_entry_details.sequence_details           ? 
_pdbx_entry_details.has_ligand_of_interest     ? 
_pdbx_entry_details.has_protein_modification   Y 
# 
_pdbx_validate_close_contact.id               1 
_pdbx_validate_close_contact.PDB_model_num    1 
_pdbx_validate_close_contact.auth_atom_id_1   N 
_pdbx_validate_close_contact.auth_asym_id_1   B 
_pdbx_validate_close_contact.auth_comp_id_1   LYS 
_pdbx_validate_close_contact.auth_seq_id_1    0 
_pdbx_validate_close_contact.PDB_ins_code_1   ? 
_pdbx_validate_close_contact.label_alt_id_1   ? 
_pdbx_validate_close_contact.auth_atom_id_2   OE1 
_pdbx_validate_close_contact.auth_asym_id_2   B 
_pdbx_validate_close_contact.auth_comp_id_2   GLU 
_pdbx_validate_close_contact.auth_seq_id_2    3 
_pdbx_validate_close_contact.PDB_ins_code_2   ? 
_pdbx_validate_close_contact.label_alt_id_2   ? 
_pdbx_validate_close_contact.dist             2.15 
# 
_pdbx_validate_rmsd_angle.id                         1 
_pdbx_validate_rmsd_angle.PDB_model_num              1 
_pdbx_validate_rmsd_angle.auth_atom_id_1             CG1 
_pdbx_validate_rmsd_angle.auth_asym_id_1             B 
_pdbx_validate_rmsd_angle.auth_comp_id_1             VAL 
_pdbx_validate_rmsd_angle.auth_seq_id_1              109 
_pdbx_validate_rmsd_angle.PDB_ins_code_1             ? 
_pdbx_validate_rmsd_angle.label_alt_id_1             ? 
_pdbx_validate_rmsd_angle.auth_atom_id_2             CB 
_pdbx_validate_rmsd_angle.auth_asym_id_2             B 
_pdbx_validate_rmsd_angle.auth_comp_id_2             VAL 
_pdbx_validate_rmsd_angle.auth_seq_id_2              109 
_pdbx_validate_rmsd_angle.PDB_ins_code_2             ? 
_pdbx_validate_rmsd_angle.label_alt_id_2             ? 
_pdbx_validate_rmsd_angle.auth_atom_id_3             CG2 
_pdbx_validate_rmsd_angle.auth_asym_id_3             B 
_pdbx_validate_rmsd_angle.auth_comp_id_3             VAL 
_pdbx_validate_rmsd_angle.auth_seq_id_3              109 
_pdbx_validate_rmsd_angle.PDB_ins_code_3             ? 
_pdbx_validate_rmsd_angle.label_alt_id_3             ? 
_pdbx_validate_rmsd_angle.angle_value                124.05 
_pdbx_validate_rmsd_angle.angle_target_value         110.90 
_pdbx_validate_rmsd_angle.angle_deviation            13.15 
_pdbx_validate_rmsd_angle.angle_standard_deviation   1.60 
_pdbx_validate_rmsd_angle.linker_flag                N 
# 
_pdbx_validate_torsion.id              1 
_pdbx_validate_torsion.PDB_model_num   1 
_pdbx_validate_torsion.auth_comp_id    LYS 
_pdbx_validate_torsion.auth_asym_id    B 
_pdbx_validate_torsion.auth_seq_id     9 
_pdbx_validate_torsion.PDB_ins_code    ? 
_pdbx_validate_torsion.label_alt_id    ? 
_pdbx_validate_torsion.phi             70.84 
_pdbx_validate_torsion.psi             -7.24 
# 
_pdbx_point_symmetry.entry_id             5KP9 
_pdbx_point_symmetry.Schoenflies_symbol   I 
# 
_em_3d_fitting.entry_id          5KP9 
_em_3d_fitting.id                1 
_em_3d_fitting.details           ? 
_em_3d_fitting.overall_b_value   ? 
_em_3d_fitting.ref_protocol      'RIGID BODY FIT' 
_em_3d_fitting.ref_space         ? 
_em_3d_fitting.target_criteria   ? 
_em_3d_fitting.method            ? 
# 
_em_3d_reconstruction.entry_id                    5KP9 
_em_3d_reconstruction.id                          1 
_em_3d_reconstruction.algorithm                   'FOURIER SPACE' 
_em_3d_reconstruction.details                     ? 
_em_3d_reconstruction.image_processing_id         1 
_em_3d_reconstruction.num_class_averages          10 
_em_3d_reconstruction.num_particles               8573 
_em_3d_reconstruction.resolution                  5.7 
_em_3d_reconstruction.resolution_method           'FSC 0.143 CUT-OFF' 
_em_3d_reconstruction.symmetry_type               POINT 
_em_3d_reconstruction.method                      ? 
_em_3d_reconstruction.nominal_pixel_size          ? 
_em_3d_reconstruction.actual_pixel_size           ? 
_em_3d_reconstruction.magnification_calibration   ? 
_em_3d_reconstruction.citation_id                 ? 
_em_3d_reconstruction.euler_angles_details        ? 
# 
_em_buffer.id            1 
_em_buffer.details       'Phosphate-buffered saline' 
_em_buffer.pH            7.5 
_em_buffer.specimen_id   1 
_em_buffer.name          ? 
# 
_em_entity_assembly.id                   1 
_em_entity_assembly.parent_id            0 
_em_entity_assembly.details              ? 
_em_entity_assembly.name                 EPN-01* 
_em_entity_assembly.source               RECOMBINANT 
_em_entity_assembly.type                 COMPLEX 
_em_entity_assembly.entity_id_list       1 
_em_entity_assembly.synonym              ? 
_em_entity_assembly.oligomeric_details   ? 
# 
_em_image_scans.entry_id                5KP9 
_em_image_scans.id                      1 
_em_image_scans.dimension_height        7676 
_em_image_scans.dimension_width         7420 
_em_image_scans.frames_per_image        60 
_em_image_scans.image_recording_id      1 
_em_image_scans.sampling_size           2.5 
_em_image_scans.scanner_model           ? 
_em_image_scans.used_frames_per_image   ? 
_em_image_scans.number_digital_images   ? 
_em_image_scans.details                 ? 
_em_image_scans.od_range                ? 
_em_image_scans.quant_bit_size          ? 
_em_image_scans.citation_id             ? 
# 
_em_imaging.id                              1 
_em_imaging.entry_id                        5KP9 
_em_imaging.accelerating_voltage            200 
_em_imaging.alignment_procedure             'COMA FREE' 
_em_imaging.c2_aperture_diameter            ? 
_em_imaging.calibrated_defocus_max          3300 
_em_imaging.calibrated_defocus_min          700 
_em_imaging.calibrated_magnification        41911 
_em_imaging.cryogen                         NITROGEN 
_em_imaging.details                         ? 
_em_imaging.electron_source                 'FIELD EMISSION GUN' 
_em_imaging.illumination_mode               'FLOOD BEAM' 
_em_imaging.microscope_model                'FEI TECNAI F20' 
_em_imaging.mode                            'BRIGHT FIELD' 
_em_imaging.nominal_cs                      2.0 
_em_imaging.nominal_defocus_max             ? 
_em_imaging.nominal_defocus_min             ? 
_em_imaging.nominal_magnification           ? 
_em_imaging.recording_temperature_maximum   ? 
_em_imaging.recording_temperature_minimum   ? 
_em_imaging.residual_tilt                   ? 
_em_imaging.specimen_holder_model           'GATAN 626 SINGLE TILT LIQUID NITROGEN CRYO TRANSFER HOLDER' 
_em_imaging.specimen_id                     1 
_em_imaging.date                            ? 
_em_imaging.temperature                     ? 
_em_imaging.tilt_angle_min                  ? 
_em_imaging.tilt_angle_max                  ? 
_em_imaging.specimen_holder_type            ? 
_em_imaging.astigmatism                     ? 
_em_imaging.electron_beam_tilt_params       ? 
_em_imaging.citation_id                     ? 
_em_imaging.detector_distance               ? 
# 
_em_sample_support.id               1 
_em_sample_support.specimen_id      1 
_em_sample_support.details          ? 
_em_sample_support.grid_material    COPPER 
_em_sample_support.grid_mesh_size   ? 
_em_sample_support.grid_type        'Quantifoil R2/2' 
_em_sample_support.method           ? 
_em_sample_support.film_material    ? 
_em_sample_support.citation_id      ? 
# 
_em_vitrification.id                    1 
_em_vitrification.specimen_id           1 
_em_vitrification.chamber_temperature   277 
_em_vitrification.cryogen_name          ETHANE 
_em_vitrification.details               '11 second blot, 0 mm offset' 
_em_vitrification.humidity              80 
_em_vitrification.instrument            'FEI VITROBOT MARK II' 
_em_vitrification.entry_id              5KP9 
_em_vitrification.temp                  ? 
_em_vitrification.method                ? 
_em_vitrification.time_resolved_state   ? 
_em_vitrification.citation_id           ? 
# 
_em_experiment.entry_id                5KP9 
_em_experiment.id                      1 
_em_experiment.aggregation_state       PARTICLE 
_em_experiment.reconstruction_method   'SINGLE PARTICLE' 
_em_experiment.entity_assembly_id      1 
# 
_em_single_particle_entity.entry_id              5KP9 
_em_single_particle_entity.id                    1 
_em_single_particle_entity.image_processing_id   1 
_em_single_particle_entity.point_symmetry        I 
# 
loop_
_pdbx_unobs_or_zero_occ_residues.id 
_pdbx_unobs_or_zero_occ_residues.PDB_model_num 
_pdbx_unobs_or_zero_occ_residues.polymer_flag 
_pdbx_unobs_or_zero_occ_residues.occupancy_flag 
_pdbx_unobs_or_zero_occ_residues.auth_asym_id 
_pdbx_unobs_or_zero_occ_residues.auth_comp_id 
_pdbx_unobs_or_zero_occ_residues.auth_seq_id 
_pdbx_unobs_or_zero_occ_residues.PDB_ins_code 
_pdbx_unobs_or_zero_occ_residues.label_asym_id 
_pdbx_unobs_or_zero_occ_residues.label_comp_id 
_pdbx_unobs_or_zero_occ_residues.label_seq_id 
1  1 Y 1 B MET -18 ? A MET 1   
2  1 Y 1 B GLY -17 ? A GLY 2   
3  1 Y 1 B ALA -16 ? A ALA 3   
4  1 Y 1 B ARG -15 ? A ARG 4   
5  1 Y 1 B ALA -14 ? A ALA 5   
6  1 Y 1 B SER -13 ? A SER 6   
7  1 Y 1 B GLY -12 ? A GLY 7   
8  1 Y 1 B SER -11 ? A SER 8   
9  1 Y 1 B LYS -10 ? A LYS 9   
10 1 Y 1 B SER -9  ? A SER 10  
11 1 Y 1 B GLY -8  ? A GLY 11  
12 1 Y 1 B SER -7  ? A SER 12  
13 1 Y 1 B GLY -6  ? A GLY 13  
14 1 Y 1 B SER -5  ? A SER 14  
15 1 Y 1 B ASP -4  ? A ASP 15  
16 1 Y 1 B SER -3  ? A SER 16  
17 1 Y 1 B GLY -2  ? A GLY 17  
18 1 Y 1 B SER -1  ? A SER 18  
19 1 Y 1 B THR 202 ? A THR 221 
20 1 Y 1 B GLU 203 ? A GLU 222 
21 1 Y 1 B GLN 204 ? A GLN 223 
22 1 Y 1 B LYS 205 ? A LYS 224 
23 1 Y 1 B LEU 206 ? A LEU 225 
24 1 Y 1 B ILE 207 ? A ILE 226 
25 1 Y 1 B SER 208 ? A SER 227 
26 1 Y 1 B GLU 209 ? A GLU 228 
27 1 Y 1 B GLU 210 ? A GLU 229 
28 1 Y 1 B ASP 211 ? A ASP 230 
29 1 Y 1 B LEU 212 ? A LEU 231 
30 1 Y 1 B GLN 213 ? A GLN 232 
31 1 Y 1 B SER 214 ? A SER 233 
32 1 Y 1 B ARG 215 ? A ARG 234 
33 1 Y 1 B PRO 216 ? A PRO 235 
34 1 Y 1 B GLU 217 ? A GLU 236 
35 1 Y 1 B PRO 218 ? A PRO 237 
36 1 Y 1 B THR 219 ? A THR 238 
37 1 Y 1 B ALA 220 ? A ALA 239 
38 1 Y 1 B PRO 221 ? A PRO 240 
39 1 Y 1 B PRO 222 ? A PRO 241 
40 1 Y 1 B GLU 223 ? A GLU 242 
41 1 Y 1 B GLU 224 ? A GLU 243 
42 1 Y 1 B SER 225 ? A SER 244 
43 1 Y 1 B PHE 226 ? A PHE 245 
44 1 Y 1 B ARG 227 ? A ARG 246 
45 1 Y 1 B SER 228 ? A SER 247 
46 1 Y 1 B GLY 229 ? A GLY 248 
47 1 Y 1 B VAL 230 ? A VAL 249 
48 1 Y 1 B GLU 231 ? A GLU 250 
49 1 Y 1 B THR 232 ? A THR 251 
50 1 Y 1 B THR 233 ? A THR 252 
51 1 Y 1 B THR 234 ? A THR 253 
52 1 Y 1 B PRO 235 ? A PRO 254 
53 1 Y 1 B PRO 236 ? A PRO 255 
54 1 Y 1 B GLN 237 ? A GLN 256 
55 1 Y 1 B LYS 238 ? A LYS 257 
56 1 Y 1 B GLN 239 ? A GLN 258 
57 1 Y 1 B GLU 240 ? A GLU 259 
58 1 Y 1 B PRO 241 ? A PRO 260 
59 1 Y 1 B ILE 242 ? A ILE 261 
60 1 Y 1 B ASP 243 ? A ASP 262 
61 1 Y 1 B LYS 244 ? A LYS 263 
62 1 Y 1 B GLU 245 ? A GLU 264 
63 1 Y 1 B LEU 246 ? A LEU 265 
64 1 Y 1 B TYR 247 ? A TYR 266 
65 1 Y 1 B PRO 248 ? A PRO 267 
66 1 Y 1 B LEU 249 ? A LEU 268 
67 1 Y 1 B THR 250 ? A THR 269 
68 1 Y 1 B SER 251 ? A SER 270 
69 1 Y 1 B LEU 252 ? A LEU 271 
70 1 Y 1 B ARG 253 ? A ARG 272 
71 1 Y 1 B SER 254 ? A SER 273 
72 1 Y 1 B LEU 255 ? A LEU 274 
73 1 Y 1 B PHE 256 ? A PHE 275 
74 1 Y 1 B GLY 257 ? A GLY 276 
75 1 Y 1 B ASN 258 ? A ASN 277 
76 1 Y 1 B ASP 259 ? A ASP 278 
77 1 Y 1 B PRO 260 ? A PRO 279 
78 1 Y 1 B SER 261 ? A SER 280 
79 1 Y 1 B SER 262 ? A SER 281 
80 1 Y 1 B GLN 263 ? A GLN 282 
# 
loop_
_chem_comp_atom.comp_id 
_chem_comp_atom.atom_id 
_chem_comp_atom.type_symbol 
_chem_comp_atom.pdbx_aromatic_flag 
_chem_comp_atom.pdbx_stereo_config 
_chem_comp_atom.pdbx_ordinal 
ALA N    N N N 1   
ALA CA   C N S 2   
ALA C    C N N 3   
ALA O    O N N 4   
ALA CB   C N N 5   
ALA OXT  O N N 6   
ALA H    H N N 7   
ALA H2   H N N 8   
ALA HA   H N N 9   
ALA HB1  H N N 10  
ALA HB2  H N N 11  
ALA HB3  H N N 12  
ALA HXT  H N N 13  
ARG N    N N N 14  
ARG CA   C N S 15  
ARG C    C N N 16  
ARG O    O N N 17  
ARG CB   C N N 18  
ARG CG   C N N 19  
ARG CD   C N N 20  
ARG NE   N N N 21  
ARG CZ   C N N 22  
ARG NH1  N N N 23  
ARG NH2  N N N 24  
ARG OXT  O N N 25  
ARG H    H N N 26  
ARG H2   H N N 27  
ARG HA   H N N 28  
ARG HB2  H N N 29  
ARG HB3  H N N 30  
ARG HG2  H N N 31  
ARG HG3  H N N 32  
ARG HD2  H N N 33  
ARG HD3  H N N 34  
ARG HE   H N N 35  
ARG HH11 H N N 36  
ARG HH12 H N N 37  
ARG HH21 H N N 38  
ARG HH22 H N N 39  
ARG HXT  H N N 40  
ASN N    N N N 41  
ASN CA   C N S 42  
ASN C    C N N 43  
ASN O    O N N 44  
ASN CB   C N N 45  
ASN CG   C N N 46  
ASN OD1  O N N 47  
ASN ND2  N N N 48  
ASN OXT  O N N 49  
ASN H    H N N 50  
ASN H2   H N N 51  
ASN HA   H N N 52  
ASN HB2  H N N 53  
ASN HB3  H N N 54  
ASN HD21 H N N 55  
ASN HD22 H N N 56  
ASN HXT  H N N 57  
ASP N    N N N 58  
ASP CA   C N S 59  
ASP C    C N N 60  
ASP O    O N N 61  
ASP CB   C N N 62  
ASP CG   C N N 63  
ASP OD1  O N N 64  
ASP OD2  O N N 65  
ASP OXT  O N N 66  
ASP H    H N N 67  
ASP H2   H N N 68  
ASP HA   H N N 69  
ASP HB2  H N N 70  
ASP HB3  H N N 71  
ASP HD2  H N N 72  
ASP HXT  H N N 73  
CYS N    N N N 74  
CYS CA   C N R 75  
CYS C    C N N 76  
CYS O    O N N 77  
CYS CB   C N N 78  
CYS SG   S N N 79  
CYS OXT  O N N 80  
CYS H    H N N 81  
CYS H2   H N N 82  
CYS HA   H N N 83  
CYS HB2  H N N 84  
CYS HB3  H N N 85  
CYS HG   H N N 86  
CYS HXT  H N N 87  
GLN N    N N N 88  
GLN CA   C N S 89  
GLN C    C N N 90  
GLN O    O N N 91  
GLN CB   C N N 92  
GLN CG   C N N 93  
GLN CD   C N N 94  
GLN OE1  O N N 95  
GLN NE2  N N N 96  
GLN OXT  O N N 97  
GLN H    H N N 98  
GLN H2   H N N 99  
GLN HA   H N N 100 
GLN HB2  H N N 101 
GLN HB3  H N N 102 
GLN HG2  H N N 103 
GLN HG3  H N N 104 
GLN HE21 H N N 105 
GLN HE22 H N N 106 
GLN HXT  H N N 107 
GLU N    N N N 108 
GLU CA   C N S 109 
GLU C    C N N 110 
GLU O    O N N 111 
GLU CB   C N N 112 
GLU CG   C N N 113 
GLU CD   C N N 114 
GLU OE1  O N N 115 
GLU OE2  O N N 116 
GLU OXT  O N N 117 
GLU H    H N N 118 
GLU H2   H N N 119 
GLU HA   H N N 120 
GLU HB2  H N N 121 
GLU HB3  H N N 122 
GLU HG2  H N N 123 
GLU HG3  H N N 124 
GLU HE2  H N N 125 
GLU HXT  H N N 126 
GLY N    N N N 127 
GLY CA   C N N 128 
GLY C    C N N 129 
GLY O    O N N 130 
GLY OXT  O N N 131 
GLY H    H N N 132 
GLY H2   H N N 133 
GLY HA2  H N N 134 
GLY HA3  H N N 135 
GLY HXT  H N N 136 
HIS N    N N N 137 
HIS CA   C N S 138 
HIS C    C N N 139 
HIS O    O N N 140 
HIS CB   C N N 141 
HIS CG   C Y N 142 
HIS ND1  N Y N 143 
HIS CD2  C Y N 144 
HIS CE1  C Y N 145 
HIS NE2  N Y N 146 
HIS OXT  O N N 147 
HIS H    H N N 148 
HIS H2   H N N 149 
HIS HA   H N N 150 
HIS HB2  H N N 151 
HIS HB3  H N N 152 
HIS HD1  H N N 153 
HIS HD2  H N N 154 
HIS HE1  H N N 155 
HIS HE2  H N N 156 
HIS HXT  H N N 157 
ILE N    N N N 158 
ILE CA   C N S 159 
ILE C    C N N 160 
ILE O    O N N 161 
ILE CB   C N S 162 
ILE CG1  C N N 163 
ILE CG2  C N N 164 
ILE CD1  C N N 165 
ILE OXT  O N N 166 
ILE H    H N N 167 
ILE H2   H N N 168 
ILE HA   H N N 169 
ILE HB   H N N 170 
ILE HG12 H N N 171 
ILE HG13 H N N 172 
ILE HG21 H N N 173 
ILE HG22 H N N 174 
ILE HG23 H N N 175 
ILE HD11 H N N 176 
ILE HD12 H N N 177 
ILE HD13 H N N 178 
ILE HXT  H N N 179 
LEU N    N N N 180 
LEU CA   C N S 181 
LEU C    C N N 182 
LEU O    O N N 183 
LEU CB   C N N 184 
LEU CG   C N N 185 
LEU CD1  C N N 186 
LEU CD2  C N N 187 
LEU OXT  O N N 188 
LEU H    H N N 189 
LEU H2   H N N 190 
LEU HA   H N N 191 
LEU HB2  H N N 192 
LEU HB3  H N N 193 
LEU HG   H N N 194 
LEU HD11 H N N 195 
LEU HD12 H N N 196 
LEU HD13 H N N 197 
LEU HD21 H N N 198 
LEU HD22 H N N 199 
LEU HD23 H N N 200 
LEU HXT  H N N 201 
LYS N    N N N 202 
LYS CA   C N S 203 
LYS C    C N N 204 
LYS O    O N N 205 
LYS CB   C N N 206 
LYS CG   C N N 207 
LYS CD   C N N 208 
LYS CE   C N N 209 
LYS NZ   N N N 210 
LYS OXT  O N N 211 
LYS H    H N N 212 
LYS H2   H N N 213 
LYS HA   H N N 214 
LYS HB2  H N N 215 
LYS HB3  H N N 216 
LYS HG2  H N N 217 
LYS HG3  H N N 218 
LYS HD2  H N N 219 
LYS HD3  H N N 220 
LYS HE2  H N N 221 
LYS HE3  H N N 222 
LYS HZ1  H N N 223 
LYS HZ2  H N N 224 
LYS HZ3  H N N 225 
LYS HXT  H N N 226 
MET N    N N N 227 
MET CA   C N S 228 
MET C    C N N 229 
MET O    O N N 230 
MET CB   C N N 231 
MET CG   C N N 232 
MET SD   S N N 233 
MET CE   C N N 234 
MET OXT  O N N 235 
MET H    H N N 236 
MET H2   H N N 237 
MET HA   H N N 238 
MET HB2  H N N 239 
MET HB3  H N N 240 
MET HG2  H N N 241 
MET HG3  H N N 242 
MET HE1  H N N 243 
MET HE2  H N N 244 
MET HE3  H N N 245 
MET HXT  H N N 246 
PHE N    N N N 247 
PHE CA   C N S 248 
PHE C    C N N 249 
PHE O    O N N 250 
PHE CB   C N N 251 
PHE CG   C Y N 252 
PHE CD1  C Y N 253 
PHE CD2  C Y N 254 
PHE CE1  C Y N 255 
PHE CE2  C Y N 256 
PHE CZ   C Y N 257 
PHE OXT  O N N 258 
PHE H    H N N 259 
PHE H2   H N N 260 
PHE HA   H N N 261 
PHE HB2  H N N 262 
PHE HB3  H N N 263 
PHE HD1  H N N 264 
PHE HD2  H N N 265 
PHE HE1  H N N 266 
PHE HE2  H N N 267 
PHE HZ   H N N 268 
PHE HXT  H N N 269 
PRO N    N N N 270 
PRO CA   C N S 271 
PRO C    C N N 272 
PRO O    O N N 273 
PRO CB   C N N 274 
PRO CG   C N N 275 
PRO CD   C N N 276 
PRO OXT  O N N 277 
PRO H    H N N 278 
PRO HA   H N N 279 
PRO HB2  H N N 280 
PRO HB3  H N N 281 
PRO HG2  H N N 282 
PRO HG3  H N N 283 
PRO HD2  H N N 284 
PRO HD3  H N N 285 
PRO HXT  H N N 286 
SER N    N N N 287 
SER CA   C N S 288 
SER C    C N N 289 
SER O    O N N 290 
SER CB   C N N 291 
SER OG   O N N 292 
SER OXT  O N N 293 
SER H    H N N 294 
SER H2   H N N 295 
SER HA   H N N 296 
SER HB2  H N N 297 
SER HB3  H N N 298 
SER HG   H N N 299 
SER HXT  H N N 300 
THR N    N N N 301 
THR CA   C N S 302 
THR C    C N N 303 
THR O    O N N 304 
THR CB   C N R 305 
THR OG1  O N N 306 
THR CG2  C N N 307 
THR OXT  O N N 308 
THR H    H N N 309 
THR H2   H N N 310 
THR HA   H N N 311 
THR HB   H N N 312 
THR HG1  H N N 313 
THR HG21 H N N 314 
THR HG22 H N N 315 
THR HG23 H N N 316 
THR HXT  H N N 317 
TRP N    N N N 318 
TRP CA   C N S 319 
TRP C    C N N 320 
TRP O    O N N 321 
TRP CB   C N N 322 
TRP CG   C Y N 323 
TRP CD1  C Y N 324 
TRP CD2  C Y N 325 
TRP NE1  N Y N 326 
TRP CE2  C Y N 327 
TRP CE3  C Y N 328 
TRP CZ2  C Y N 329 
TRP CZ3  C Y N 330 
TRP CH2  C Y N 331 
TRP OXT  O N N 332 
TRP H    H N N 333 
TRP H2   H N N 334 
TRP HA   H N N 335 
TRP HB2  H N N 336 
TRP HB3  H N N 337 
TRP HD1  H N N 338 
TRP HE1  H N N 339 
TRP HE3  H N N 340 
TRP HZ2  H N N 341 
TRP HZ3  H N N 342 
TRP HH2  H N N 343 
TRP HXT  H N N 344 
TYR N    N N N 345 
TYR CA   C N S 346 
TYR C    C N N 347 
TYR O    O N N 348 
TYR CB   C N N 349 
TYR CG   C Y N 350 
TYR CD1  C Y N 351 
TYR CD2  C Y N 352 
TYR CE1  C Y N 353 
TYR CE2  C Y N 354 
TYR CZ   C Y N 355 
TYR OH   O N N 356 
TYR OXT  O N N 357 
TYR H    H N N 358 
TYR H2   H N N 359 
TYR HA   H N N 360 
TYR HB2  H N N 361 
TYR HB3  H N N 362 
TYR HD1  H N N 363 
TYR HD2  H N N 364 
TYR HE1  H N N 365 
TYR HE2  H N N 366 
TYR HH   H N N 367 
TYR HXT  H N N 368 
VAL N    N N N 369 
VAL CA   C N S 370 
VAL C    C N N 371 
VAL O    O N N 372 
VAL CB   C N N 373 
VAL CG1  C N N 374 
VAL CG2  C N N 375 
VAL OXT  O N N 376 
VAL H    H N N 377 
VAL H2   H N N 378 
VAL HA   H N N 379 
VAL HB   H N N 380 
VAL HG11 H N N 381 
VAL HG12 H N N 382 
VAL HG13 H N N 383 
VAL HG21 H N N 384 
VAL HG22 H N N 385 
VAL HG23 H N N 386 
VAL HXT  H N N 387 
# 
loop_
_chem_comp_bond.comp_id 
_chem_comp_bond.atom_id_1 
_chem_comp_bond.atom_id_2 
_chem_comp_bond.value_order 
_chem_comp_bond.pdbx_aromatic_flag 
_chem_comp_bond.pdbx_stereo_config 
_chem_comp_bond.pdbx_ordinal 
ALA N   CA   sing N N 1   
ALA N   H    sing N N 2   
ALA N   H2   sing N N 3   
ALA CA  C    sing N N 4   
ALA CA  CB   sing N N 5   
ALA CA  HA   sing N N 6   
ALA C   O    doub N N 7   
ALA C   OXT  sing N N 8   
ALA CB  HB1  sing N N 9   
ALA CB  HB2  sing N N 10  
ALA CB  HB3  sing N N 11  
ALA OXT HXT  sing N N 12  
ARG N   CA   sing N N 13  
ARG N   H    sing N N 14  
ARG N   H2   sing N N 15  
ARG CA  C    sing N N 16  
ARG CA  CB   sing N N 17  
ARG CA  HA   sing N N 18  
ARG C   O    doub N N 19  
ARG C   OXT  sing N N 20  
ARG CB  CG   sing N N 21  
ARG CB  HB2  sing N N 22  
ARG CB  HB3  sing N N 23  
ARG CG  CD   sing N N 24  
ARG CG  HG2  sing N N 25  
ARG CG  HG3  sing N N 26  
ARG CD  NE   sing N N 27  
ARG CD  HD2  sing N N 28  
ARG CD  HD3  sing N N 29  
ARG NE  CZ   sing N N 30  
ARG NE  HE   sing N N 31  
ARG CZ  NH1  sing N N 32  
ARG CZ  NH2  doub N N 33  
ARG NH1 HH11 sing N N 34  
ARG NH1 HH12 sing N N 35  
ARG NH2 HH21 sing N N 36  
ARG NH2 HH22 sing N N 37  
ARG OXT HXT  sing N N 38  
ASN N   CA   sing N N 39  
ASN N   H    sing N N 40  
ASN N   H2   sing N N 41  
ASN CA  C    sing N N 42  
ASN CA  CB   sing N N 43  
ASN CA  HA   sing N N 44  
ASN C   O    doub N N 45  
ASN C   OXT  sing N N 46  
ASN CB  CG   sing N N 47  
ASN CB  HB2  sing N N 48  
ASN CB  HB3  sing N N 49  
ASN CG  OD1  doub N N 50  
ASN CG  ND2  sing N N 51  
ASN ND2 HD21 sing N N 52  
ASN ND2 HD22 sing N N 53  
ASN OXT HXT  sing N N 54  
ASP N   CA   sing N N 55  
ASP N   H    sing N N 56  
ASP N   H2   sing N N 57  
ASP CA  C    sing N N 58  
ASP CA  CB   sing N N 59  
ASP CA  HA   sing N N 60  
ASP C   O    doub N N 61  
ASP C   OXT  sing N N 62  
ASP CB  CG   sing N N 63  
ASP CB  HB2  sing N N 64  
ASP CB  HB3  sing N N 65  
ASP CG  OD1  doub N N 66  
ASP CG  OD2  sing N N 67  
ASP OD2 HD2  sing N N 68  
ASP OXT HXT  sing N N 69  
CYS N   CA   sing N N 70  
CYS N   H    sing N N 71  
CYS N   H2   sing N N 72  
CYS CA  C    sing N N 73  
CYS CA  CB   sing N N 74  
CYS CA  HA   sing N N 75  
CYS C   O    doub N N 76  
CYS C   OXT  sing N N 77  
CYS CB  SG   sing N N 78  
CYS CB  HB2  sing N N 79  
CYS CB  HB3  sing N N 80  
CYS SG  HG   sing N N 81  
CYS OXT HXT  sing N N 82  
GLN N   CA   sing N N 83  
GLN N   H    sing N N 84  
GLN N   H2   sing N N 85  
GLN CA  C    sing N N 86  
GLN CA  CB   sing N N 87  
GLN CA  HA   sing N N 88  
GLN C   O    doub N N 89  
GLN C   OXT  sing N N 90  
GLN CB  CG   sing N N 91  
GLN CB  HB2  sing N N 92  
GLN CB  HB3  sing N N 93  
GLN CG  CD   sing N N 94  
GLN CG  HG2  sing N N 95  
GLN CG  HG3  sing N N 96  
GLN CD  OE1  doub N N 97  
GLN CD  NE2  sing N N 98  
GLN NE2 HE21 sing N N 99  
GLN NE2 HE22 sing N N 100 
GLN OXT HXT  sing N N 101 
GLU N   CA   sing N N 102 
GLU N   H    sing N N 103 
GLU N   H2   sing N N 104 
GLU CA  C    sing N N 105 
GLU CA  CB   sing N N 106 
GLU CA  HA   sing N N 107 
GLU C   O    doub N N 108 
GLU C   OXT  sing N N 109 
GLU CB  CG   sing N N 110 
GLU CB  HB2  sing N N 111 
GLU CB  HB3  sing N N 112 
GLU CG  CD   sing N N 113 
GLU CG  HG2  sing N N 114 
GLU CG  HG3  sing N N 115 
GLU CD  OE1  doub N N 116 
GLU CD  OE2  sing N N 117 
GLU OE2 HE2  sing N N 118 
GLU OXT HXT  sing N N 119 
GLY N   CA   sing N N 120 
GLY N   H    sing N N 121 
GLY N   H2   sing N N 122 
GLY CA  C    sing N N 123 
GLY CA  HA2  sing N N 124 
GLY CA  HA3  sing N N 125 
GLY C   O    doub N N 126 
GLY C   OXT  sing N N 127 
GLY OXT HXT  sing N N 128 
HIS N   CA   sing N N 129 
HIS N   H    sing N N 130 
HIS N   H2   sing N N 131 
HIS CA  C    sing N N 132 
HIS CA  CB   sing N N 133 
HIS CA  HA   sing N N 134 
HIS C   O    doub N N 135 
HIS C   OXT  sing N N 136 
HIS CB  CG   sing N N 137 
HIS CB  HB2  sing N N 138 
HIS CB  HB3  sing N N 139 
HIS CG  ND1  sing Y N 140 
HIS CG  CD2  doub Y N 141 
HIS ND1 CE1  doub Y N 142 
HIS ND1 HD1  sing N N 143 
HIS CD2 NE2  sing Y N 144 
HIS CD2 HD2  sing N N 145 
HIS CE1 NE2  sing Y N 146 
HIS CE1 HE1  sing N N 147 
HIS NE2 HE2  sing N N 148 
HIS OXT HXT  sing N N 149 
ILE N   CA   sing N N 150 
ILE N   H    sing N N 151 
ILE N   H2   sing N N 152 
ILE CA  C    sing N N 153 
ILE CA  CB   sing N N 154 
ILE CA  HA   sing N N 155 
ILE C   O    doub N N 156 
ILE C   OXT  sing N N 157 
ILE CB  CG1  sing N N 158 
ILE CB  CG2  sing N N 159 
ILE CB  HB   sing N N 160 
ILE CG1 CD1  sing N N 161 
ILE CG1 HG12 sing N N 162 
ILE CG1 HG13 sing N N 163 
ILE CG2 HG21 sing N N 164 
ILE CG2 HG22 sing N N 165 
ILE CG2 HG23 sing N N 166 
ILE CD1 HD11 sing N N 167 
ILE CD1 HD12 sing N N 168 
ILE CD1 HD13 sing N N 169 
ILE OXT HXT  sing N N 170 
LEU N   CA   sing N N 171 
LEU N   H    sing N N 172 
LEU N   H2   sing N N 173 
LEU CA  C    sing N N 174 
LEU CA  CB   sing N N 175 
LEU CA  HA   sing N N 176 
LEU C   O    doub N N 177 
LEU C   OXT  sing N N 178 
LEU CB  CG   sing N N 179 
LEU CB  HB2  sing N N 180 
LEU CB  HB3  sing N N 181 
LEU CG  CD1  sing N N 182 
LEU CG  CD2  sing N N 183 
LEU CG  HG   sing N N 184 
LEU CD1 HD11 sing N N 185 
LEU CD1 HD12 sing N N 186 
LEU CD1 HD13 sing N N 187 
LEU CD2 HD21 sing N N 188 
LEU CD2 HD22 sing N N 189 
LEU CD2 HD23 sing N N 190 
LEU OXT HXT  sing N N 191 
LYS N   CA   sing N N 192 
LYS N   H    sing N N 193 
LYS N   H2   sing N N 194 
LYS CA  C    sing N N 195 
LYS CA  CB   sing N N 196 
LYS CA  HA   sing N N 197 
LYS C   O    doub N N 198 
LYS C   OXT  sing N N 199 
LYS CB  CG   sing N N 200 
LYS CB  HB2  sing N N 201 
LYS CB  HB3  sing N N 202 
LYS CG  CD   sing N N 203 
LYS CG  HG2  sing N N 204 
LYS CG  HG3  sing N N 205 
LYS CD  CE   sing N N 206 
LYS CD  HD2  sing N N 207 
LYS CD  HD3  sing N N 208 
LYS CE  NZ   sing N N 209 
LYS CE  HE2  sing N N 210 
LYS CE  HE3  sing N N 211 
LYS NZ  HZ1  sing N N 212 
LYS NZ  HZ2  sing N N 213 
LYS NZ  HZ3  sing N N 214 
LYS OXT HXT  sing N N 215 
MET N   CA   sing N N 216 
MET N   H    sing N N 217 
MET N   H2   sing N N 218 
MET CA  C    sing N N 219 
MET CA  CB   sing N N 220 
MET CA  HA   sing N N 221 
MET C   O    doub N N 222 
MET C   OXT  sing N N 223 
MET CB  CG   sing N N 224 
MET CB  HB2  sing N N 225 
MET CB  HB3  sing N N 226 
MET CG  SD   sing N N 227 
MET CG  HG2  sing N N 228 
MET CG  HG3  sing N N 229 
MET SD  CE   sing N N 230 
MET CE  HE1  sing N N 231 
MET CE  HE2  sing N N 232 
MET CE  HE3  sing N N 233 
MET OXT HXT  sing N N 234 
PHE N   CA   sing N N 235 
PHE N   H    sing N N 236 
PHE N   H2   sing N N 237 
PHE CA  C    sing N N 238 
PHE CA  CB   sing N N 239 
PHE CA  HA   sing N N 240 
PHE C   O    doub N N 241 
PHE C   OXT  sing N N 242 
PHE CB  CG   sing N N 243 
PHE CB  HB2  sing N N 244 
PHE CB  HB3  sing N N 245 
PHE CG  CD1  doub Y N 246 
PHE CG  CD2  sing Y N 247 
PHE CD1 CE1  sing Y N 248 
PHE CD1 HD1  sing N N 249 
PHE CD2 CE2  doub Y N 250 
PHE CD2 HD2  sing N N 251 
PHE CE1 CZ   doub Y N 252 
PHE CE1 HE1  sing N N 253 
PHE CE2 CZ   sing Y N 254 
PHE CE2 HE2  sing N N 255 
PHE CZ  HZ   sing N N 256 
PHE OXT HXT  sing N N 257 
PRO N   CA   sing N N 258 
PRO N   CD   sing N N 259 
PRO N   H    sing N N 260 
PRO CA  C    sing N N 261 
PRO CA  CB   sing N N 262 
PRO CA  HA   sing N N 263 
PRO C   O    doub N N 264 
PRO C   OXT  sing N N 265 
PRO CB  CG   sing N N 266 
PRO CB  HB2  sing N N 267 
PRO CB  HB3  sing N N 268 
PRO CG  CD   sing N N 269 
PRO CG  HG2  sing N N 270 
PRO CG  HG3  sing N N 271 
PRO CD  HD2  sing N N 272 
PRO CD  HD3  sing N N 273 
PRO OXT HXT  sing N N 274 
SER N   CA   sing N N 275 
SER N   H    sing N N 276 
SER N   H2   sing N N 277 
SER CA  C    sing N N 278 
SER CA  CB   sing N N 279 
SER CA  HA   sing N N 280 
SER C   O    doub N N 281 
SER C   OXT  sing N N 282 
SER CB  OG   sing N N 283 
SER CB  HB2  sing N N 284 
SER CB  HB3  sing N N 285 
SER OG  HG   sing N N 286 
SER OXT HXT  sing N N 287 
THR N   CA   sing N N 288 
THR N   H    sing N N 289 
THR N   H2   sing N N 290 
THR CA  C    sing N N 291 
THR CA  CB   sing N N 292 
THR CA  HA   sing N N 293 
THR C   O    doub N N 294 
THR C   OXT  sing N N 295 
THR CB  OG1  sing N N 296 
THR CB  CG2  sing N N 297 
THR CB  HB   sing N N 298 
THR OG1 HG1  sing N N 299 
THR CG2 HG21 sing N N 300 
THR CG2 HG22 sing N N 301 
THR CG2 HG23 sing N N 302 
THR OXT HXT  sing N N 303 
TRP N   CA   sing N N 304 
TRP N   H    sing N N 305 
TRP N   H2   sing N N 306 
TRP CA  C    sing N N 307 
TRP CA  CB   sing N N 308 
TRP CA  HA   sing N N 309 
TRP C   O    doub N N 310 
TRP C   OXT  sing N N 311 
TRP CB  CG   sing N N 312 
TRP CB  HB2  sing N N 313 
TRP CB  HB3  sing N N 314 
TRP CG  CD1  doub Y N 315 
TRP CG  CD2  sing Y N 316 
TRP CD1 NE1  sing Y N 317 
TRP CD1 HD1  sing N N 318 
TRP CD2 CE2  doub Y N 319 
TRP CD2 CE3  sing Y N 320 
TRP NE1 CE2  sing Y N 321 
TRP NE1 HE1  sing N N 322 
TRP CE2 CZ2  sing Y N 323 
TRP CE3 CZ3  doub Y N 324 
TRP CE3 HE3  sing N N 325 
TRP CZ2 CH2  doub Y N 326 
TRP CZ2 HZ2  sing N N 327 
TRP CZ3 CH2  sing Y N 328 
TRP CZ3 HZ3  sing N N 329 
TRP CH2 HH2  sing N N 330 
TRP OXT HXT  sing N N 331 
TYR N   CA   sing N N 332 
TYR N   H    sing N N 333 
TYR N   H2   sing N N 334 
TYR CA  C    sing N N 335 
TYR CA  CB   sing N N 336 
TYR CA  HA   sing N N 337 
TYR C   O    doub N N 338 
TYR C   OXT  sing N N 339 
TYR CB  CG   sing N N 340 
TYR CB  HB2  sing N N 341 
TYR CB  HB3  sing N N 342 
TYR CG  CD1  doub Y N 343 
TYR CG  CD2  sing Y N 344 
TYR CD1 CE1  sing Y N 345 
TYR CD1 HD1  sing N N 346 
TYR CD2 CE2  doub Y N 347 
TYR CD2 HD2  sing N N 348 
TYR CE1 CZ   doub Y N 349 
TYR CE1 HE1  sing N N 350 
TYR CE2 CZ   sing Y N 351 
TYR CE2 HE2  sing N N 352 
TYR CZ  OH   sing N N 353 
TYR OH  HH   sing N N 354 
TYR OXT HXT  sing N N 355 
VAL N   CA   sing N N 356 
VAL N   H    sing N N 357 
VAL N   H2   sing N N 358 
VAL CA  C    sing N N 359 
VAL CA  CB   sing N N 360 
VAL CA  HA   sing N N 361 
VAL C   O    doub N N 362 
VAL C   OXT  sing N N 363 
VAL CB  CG1  sing N N 364 
VAL CB  CG2  sing N N 365 
VAL CB  HB   sing N N 366 
VAL CG1 HG11 sing N N 367 
VAL CG1 HG12 sing N N 368 
VAL CG1 HG13 sing N N 369 
VAL CG2 HG21 sing N N 370 
VAL CG2 HG22 sing N N 371 
VAL CG2 HG23 sing N N 372 
VAL OXT HXT  sing N N 373 
# 
_em_admin.entry_id           5KP9 
_em_admin.current_status     REL 
_em_admin.deposition_date    2016-07-02 
_em_admin.deposition_site    RCSB 
_em_admin.last_update        2024-11-13 
_em_admin.map_release_date   2016-12-07 
_em_admin.title              'Structure of Nanoparticle Released from Enveloped Protein Nanoparticle' 
# 
_em_ctf_correction.id                       1 
_em_ctf_correction.em_image_processing_id   1 
_em_ctf_correction.type                     'PHASE FLIPPING AND AMPLITUDE CORRECTION' 
_em_ctf_correction.details                  ? 
# 
_em_entity_assembly_naturalsource.id                   1 
_em_entity_assembly_naturalsource.entity_assembly_id   1 
_em_entity_assembly_naturalsource.cell                 ? 
_em_entity_assembly_naturalsource.cellular_location    ? 
_em_entity_assembly_naturalsource.ncbi_tax_id          2336 
_em_entity_assembly_naturalsource.organ                . 
_em_entity_assembly_naturalsource.organelle            ? 
_em_entity_assembly_naturalsource.organism             'Thermotoga maritima' 
_em_entity_assembly_naturalsource.strain               ? 
_em_entity_assembly_naturalsource.tissue               ? 
# 
_em_entity_assembly_recombinant.id                   1 
_em_entity_assembly_recombinant.entity_assembly_id   1 
_em_entity_assembly_recombinant.cell                 HEK293T 
_em_entity_assembly_recombinant.ncbi_tax_id          9606 
_em_entity_assembly_recombinant.organism             'Homo sapiens' 
_em_entity_assembly_recombinant.plasmid              EPN-01* 
_em_entity_assembly_recombinant.strain               ? 
# 
_em_image_processing.id                   1 
_em_image_processing.image_recording_id   1 
_em_image_processing.details              ? 
# 
_em_image_recording.id                            1 
_em_image_recording.imaging_id                    1 
_em_image_recording.avg_electron_dose_per_image   2 
_em_image_recording.average_exposure_time         ? 
_em_image_recording.details                       'Electron dose at specimen was not recorded.' 
_em_image_recording.detector_mode                 SUPER-RESOLUTION 
_em_image_recording.film_or_detector_model        'GATAN K2 SUMMIT (4k x 4k)' 
_em_image_recording.num_diffraction_images        ? 
_em_image_recording.num_grids_imaged              ? 
_em_image_recording.num_real_images               ? 
# 
_em_particle_selection.id                       1 
_em_particle_selection.image_processing_id      1 
_em_particle_selection.details                  ? 
_em_particle_selection.method                   ? 
_em_particle_selection.num_particles_selected   9177 
_em_particle_selection.reference_model          ? 
# 
loop_
_em_software.id 
_em_software.category 
_em_software.details 
_em_software.name 
_em_software.version 
_em_software.image_processing_id 
_em_software.fitting_id 
_em_software.imaging_id 
1  'PARTICLE SELECTION'       ? Scipion        ? 1 ? ? 
2  'PARTICLE SELECTION'       ? Xmipp          ? 1 ? ? 
3  'IMAGE ACQUISITION'        ? SerialEM       ? ? ? 1 
4  MASKING                    ? ?              ? ? ? ? 
5  'CTF CORRECTION'           ? CTFFIND        ? 1 ? ? 
6  'CTF CORRECTION'           ? Scipion        ? 1 ? ? 
7  'LAYERLINE INDEXING'       ? ?              ? ? ? ? 
8  'DIFFRACTION INDEXING'     ? ?              ? ? ? ? 
9  'MODEL FITTING'            ? 'UCSF Chimera' ? ? 1 ? 
10 OTHER                      ? ?              ? ? ? ? 
11 'INITIAL EULER ASSIGNMENT' ? RELION         ? 1 ? ? 
12 'INITIAL EULER ASSIGNMENT' ? Scipion        ? 1 ? ? 
13 'FINAL EULER ASSIGNMENT'   ? RELION         ? 1 ? ? 
14 'FINAL EULER ASSIGNMENT'   ? Scipion        ? 1 ? ? 
15 CLASSIFICATION             ? RELION         ? 1 ? ? 
16 CLASSIFICATION             ? Scipion        ? 1 ? ? 
17 RECONSTRUCTION             ? RELION         ? 1 ? ? 
18 RECONSTRUCTION             ? Scipion        ? 1 ? ? 
19 'MODEL REFINEMENT'         ? ?              ? ? 1 ? 
# 
_em_specimen.id                      1 
_em_specimen.experiment_id           1 
_em_specimen.concentration           0.2 
_em_specimen.details                 'EPN nanoparticles released from vesicles by detergent treatment (0.75% CHAPS)' 
_em_specimen.embedding_applied       NO 
_em_specimen.shadowing_applied       NO 
_em_specimen.staining_applied        NO 
_em_specimen.vitrification_applied   YES 
# 
loop_
_pdbx_audit_support.funding_organization 
_pdbx_audit_support.country 
_pdbx_audit_support.grant_number 
_pdbx_audit_support.ordinal 
'German Research Foundation (DFG)'                                                                Germany         
'Fellowship VO 1836/1-1' 1 
'Bill & Melinda Gates Foundation'                                                                 'United States' OPP1118840 2 
'Defense Advanced Research Projects Agency'                                                       'United States' W911NF-14-1-0162 
3 
'National Institutes of Health/National Institute Of Allergy and Infectious Diseases (NIH/NIAID)' 'United States' AI51174 4 
'National Institutes of Health/National Institute of General Medical Sciences (NIH/NIGMS)'        'United States' GM082545 5 
# 
_atom_sites.entry_id                    5KP9 
_atom_sites.fract_transf_matrix[1][1]   1.000000 
_atom_sites.fract_transf_matrix[1][2]   0.000000 
_atom_sites.fract_transf_matrix[1][3]   0.000000 
_atom_sites.fract_transf_matrix[2][1]   0.000000 
_atom_sites.fract_transf_matrix[2][2]   1.000000 
_atom_sites.fract_transf_matrix[2][3]   0.000000 
_atom_sites.fract_transf_matrix[3][1]   0.000000 
_atom_sites.fract_transf_matrix[3][2]   0.000000 
_atom_sites.fract_transf_matrix[3][3]   1.000000 
_atom_sites.fract_transf_vector[1]      0.00000 
_atom_sites.fract_transf_vector[2]      0.00000 
_atom_sites.fract_transf_vector[3]      0.00000 
# 
loop_
_atom_type.symbol 
C 
N 
O 
S 
# 
loop_
_atom_site.group_PDB 
_atom_site.id 
_atom_site.type_symbol 
_atom_site.label_atom_id 
_atom_site.label_alt_id 
_atom_site.label_comp_id 
_atom_site.label_asym_id 
_atom_site.label_entity_id 
_atom_site.label_seq_id 
_atom_site.pdbx_PDB_ins_code 
_atom_site.Cartn_x 
_atom_site.Cartn_y 
_atom_site.Cartn_z 
_atom_site.occupancy 
_atom_site.B_iso_or_equiv 
_atom_site.pdbx_formal_charge 
_atom_site.auth_seq_id 
_atom_site.auth_comp_id 
_atom_site.auth_asym_id 
_atom_site.auth_atom_id 
_atom_site.pdbx_PDB_model_num 
ATOM 1    N N   . LYS A 1 19  ? -8.955  4.929   12.012  1.00 0.00  ? 0   LYS B N   1 
ATOM 2    C CA  . LYS A 1 19  ? -7.849  5.851   11.704  1.00 0.00  ? 0   LYS B CA  1 
ATOM 3    C C   . LYS A 1 19  ? -7.069  5.399   10.451  1.00 0.00  ? 0   LYS B C   1 
ATOM 4    O O   . LYS A 1 19  ? -6.802  6.198   9.559   1.00 0.00  ? 0   LYS B O   1 
ATOM 5    N N   . MET A 1 20  ? -6.717  4.114   10.395  1.00 0.00  ? 1   MET B N   1 
ATOM 6    C CA  . MET A 1 20  ? -6.046  3.548   9.219   1.00 0.00  ? 1   MET B CA  1 
ATOM 7    C C   . MET A 1 20  ? -6.841  3.784   7.940   1.00 0.00  ? 1   MET B C   1 
ATOM 8    O O   . MET A 1 20  ? -6.282  4.107   6.888   1.00 0.00  ? 1   MET B O   1 
ATOM 9    N N   . GLU A 1 21  ? -8.152  3.603   8.044   1.00 0.00  ? 2   GLU B N   1 
ATOM 10   C CA  . GLU A 1 21  ? -9.073  3.843   6.929   1.00 0.00  ? 2   GLU B CA  1 
ATOM 11   C C   . GLU A 1 21  ? -9.052  5.241   6.525   1.00 22.85 ? 2   GLU B C   1 
ATOM 12   O O   . GLU A 1 21  ? -9.038  5.586   5.329   1.00 22.41 ? 2   GLU B O   1 
ATOM 13   C CB  . GLU A 1 21  ? -10.430 3.331   7.475   1.00 24.25 ? 2   GLU B CB  1 
ATOM 14   C CG  . GLU A 1 21  ? -11.644 4.176   7.010   1.00 27.13 ? 2   GLU B CG  1 
ATOM 15   C CD  . GLU A 1 21  ? -12.827 3.351   6.503   1.00 29.46 ? 2   GLU B CD  1 
ATOM 16   O OE1 . GLU A 1 21  ? -13.600 3.888   5.673   1.00 30.28 ? 2   GLU B OE1 1 
ATOM 17   O OE2 . GLU A 1 21  ? -12.983 2.176   6.916   1.00 30.96 ? 2   GLU B OE2 1 
ATOM 18   N N   . GLU A 1 22  ? -9.022  6.096   7.547   1.00 21.75 ? 3   GLU B N   1 
ATOM 19   C CA  . GLU A 1 22  ? -9.186  7.516   7.340   1.00 21.44 ? 3   GLU B CA  1 
ATOM 20   C C   . GLU A 1 22  ? -7.942  8.115   6.701   1.00 20.45 ? 3   GLU B C   1 
ATOM 21   O O   . GLU A 1 22  ? -8.032  9.103   5.971   1.00 20.05 ? 3   GLU B O   1 
ATOM 22   C CB  . GLU A 1 22  ? -9.525  8.241   8.657   1.00 22.55 ? 3   GLU B CB  1 
ATOM 23   C CG  . GLU A 1 22  ? -10.908 7.917   9.237   1.00 25.22 ? 3   GLU B CG  1 
ATOM 24   C CD  . GLU A 1 22  ? -10.930 6.568   9.962   1.00 28.44 ? 3   GLU B CD  1 
ATOM 25   O OE1 . GLU A 1 22  ? -9.881  6.180   10.530  1.00 29.81 ? 3   GLU B OE1 1 
ATOM 26   O OE2 . GLU A 1 22  ? -11.998 5.906   9.959   1.00 29.17 ? 3   GLU B OE2 1 
ATOM 27   N N   . LEU A 1 23  ? -6.784  7.525   6.988   1.00 19.16 ? 4   LEU B N   1 
ATOM 28   C CA  . LEU A 1 23  ? -5.537  7.980   6.381   1.00 18.59 ? 4   LEU B CA  1 
ATOM 29   C C   . LEU A 1 23  ? -5.467  7.665   4.877   1.00 18.65 ? 4   LEU B C   1 
ATOM 30   O O   . LEU A 1 23  ? -5.066  8.520   4.077   1.00 17.38 ? 4   LEU B O   1 
ATOM 31   C CB  . LEU A 1 23  ? -4.345  7.415   7.135   1.00 18.34 ? 4   LEU B CB  1 
ATOM 32   C CG  . LEU A 1 23  ? -4.156  7.982   8.545   1.00 19.07 ? 4   LEU B CG  1 
ATOM 33   C CD1 . LEU A 1 23  ? -3.155  7.130   9.303   1.00 17.27 ? 4   LEU B CD1 1 
ATOM 34   C CD2 . LEU A 1 23  ? -3.699  9.437   8.510   1.00 18.00 ? 4   LEU B CD2 1 
ATOM 35   N N   . PHE A 1 24  ? -5.875  6.450   4.505   1.00 18.90 ? 5   PHE B N   1 
ATOM 36   C CA  . PHE A 1 24  ? -5.982  6.031   3.106   1.00 19.83 ? 5   PHE B CA  1 
ATOM 37   C C   . PHE A 1 24  ? -6.907  6.914   2.331   1.00 19.41 ? 5   PHE B C   1 
ATOM 38   O O   . PHE A 1 24  ? -6.593  7.343   1.220   1.00 19.47 ? 5   PHE B O   1 
ATOM 39   C CB  . PHE A 1 24  ? -6.516  4.603   2.994   1.00 20.20 ? 5   PHE B CB  1 
ATOM 40   C CG  . PHE A 1 24  ? -5.458  3.557   3.055   1.00 22.14 ? 5   PHE B CG  1 
ATOM 41   C CD1 . PHE A 1 24  ? -5.549  2.514   3.968   1.00 24.41 ? 5   PHE B CD1 1 
ATOM 42   C CD2 . PHE A 1 24  ? -4.369  3.604   2.193   1.00 23.43 ? 5   PHE B CD2 1 
ATOM 43   C CE1 . PHE A 1 24  ? -4.559  1.534   4.033   1.00 26.11 ? 5   PHE B CE1 1 
ATOM 44   C CE2 . PHE A 1 24  ? -3.370  2.633   2.254   1.00 25.47 ? 5   PHE B CE2 1 
ATOM 45   C CZ  . PHE A 1 24  ? -3.454  1.602   3.184   1.00 25.44 ? 5   PHE B CZ  1 
ATOM 46   N N   . LYS A 1 25  ? -8.060  7.172   2.936   1.00 20.01 ? 6   LYS B N   1 
ATOM 47   C CA  . LYS A 1 25  ? -9.094  8.054   2.402   1.00 19.88 ? 6   LYS B CA  1 
ATOM 48   C C   . LYS A 1 25  ? -8.563  9.457   2.122   1.00 19.47 ? 6   LYS B C   1 
ATOM 49   O O   . LYS A 1 25  ? -8.894  10.052  1.099   1.00 19.65 ? 6   LYS B O   1 
ATOM 50   C CB  . LYS A 1 25  ? -10.230 8.145   3.418   1.00 20.85 ? 6   LYS B CB  1 
ATOM 51   C CG  . LYS A 1 25  ? -11.640 8.031   2.884   1.00 22.03 ? 6   LYS B CG  1 
ATOM 52   C CD  . LYS A 1 25  ? -12.586 8.823   3.811   1.00 26.51 ? 6   LYS B CD  1 
ATOM 53   C CE  . LYS A 1 25  ? -12.873 10.262  3.295   1.00 25.63 ? 6   LYS B CE  1 
ATOM 54   N NZ  . LYS A 1 25  ? -12.609 11.297  4.335   1.00 25.56 ? 6   LYS B NZ  1 
ATOM 55   N N   . LYS A 1 26  ? -7.745  9.981   3.032   1.00 18.20 ? 7   LYS B N   1 
ATOM 56   C CA  . LYS A 1 26  ? -7.214  11.334  2.945   1.00 17.90 ? 7   LYS B CA  1 
ATOM 57   C C   . LYS A 1 26  ? -6.053  11.465  1.944   1.00 17.04 ? 7   LYS B C   1 
ATOM 58   O O   . LYS A 1 26  ? -5.970  12.430  1.184   1.00 16.70 ? 7   LYS B O   1 
ATOM 59   C CB  . LYS A 1 26  ? -6.769  11.781  4.344   1.00 17.96 ? 7   LYS B CB  1 
ATOM 60   C CG  . LYS A 1 26  ? -5.840  13.021  4.418   1.00 18.81 ? 7   LYS B CG  1 
ATOM 61   C CD  . LYS A 1 26  ? -5.765  13.561  5.832   1.00 19.69 ? 7   LYS B CD  1 
ATOM 62   C CE  . LYS A 1 26  ? -5.259  15.015  5.872   1.00 21.37 ? 7   LYS B CE  1 
ATOM 63   N NZ  . LYS A 1 26  ? -5.353  15.625  7.242   1.00 24.14 ? 7   LYS B NZ  1 
ATOM 64   N N   . HIS A 1 27  ? -5.159  10.487  1.950   1.00 16.12 ? 8   HIS B N   1 
ATOM 65   C CA  . HIS A 1 27  ? -3.934  10.584  1.163   1.00 15.57 ? 8   HIS B CA  1 
ATOM 66   C C   . HIS A 1 27  ? -4.059  9.956   -0.227  1.00 14.58 ? 8   HIS B C   1 
ATOM 67   O O   . HIS A 1 27  ? -3.420  10.428  -1.168  1.00 14.68 ? 8   HIS B O   1 
ATOM 68   C CB  . HIS A 1 27  ? -2.776  9.993   1.941   1.00 15.22 ? 8   HIS B CB  1 
ATOM 69   C CG  . HIS A 1 27  ? -2.384  10.814  3.126   1.00 17.62 ? 8   HIS B CG  1 
ATOM 70   N ND1 . HIS A 1 27  ? -2.471  10.344  4.419   1.00 19.30 ? 8   HIS B ND1 1 
ATOM 71   C CD2 . HIS A 1 27  ? -1.934  12.086  3.215   1.00 17.69 ? 8   HIS B CD2 1 
ATOM 72   C CE1 . HIS A 1 27  ? -2.072  11.289  5.252   1.00 21.18 ? 8   HIS B CE1 1 
ATOM 73   N NE2 . HIS A 1 27  ? -1.749  12.358  4.546   1.00 19.96 ? 8   HIS B NE2 1 
ATOM 74   N N   . LYS A 1 28  ? -4.867  8.899   -0.342  1.00 13.37 ? 9   LYS B N   1 
ATOM 75   C CA  . LYS A 1 28  ? -5.267  8.309   -1.631  1.00 12.14 ? 9   LYS B CA  1 
ATOM 76   C C   . LYS A 1 28  ? -4.181  7.563   -2.386  1.00 11.53 ? 9   LYS B C   1 
ATOM 77   O O   . LYS A 1 28  ? -4.465  6.908   -3.397  1.00 11.20 ? 9   LYS B O   1 
ATOM 78   C CB  . LYS A 1 28  ? -5.896  9.347   -2.560  1.00 13.23 ? 9   LYS B CB  1 
ATOM 79   C CG  . LYS A 1 28  ? -7.288  9.784   -2.163  1.00 15.54 ? 9   LYS B CG  1 
ATOM 80   C CD  . LYS A 1 28  ? -7.702  11.050  -2.922  1.00 19.34 ? 9   LYS B CD  1 
ATOM 81   C CE  . LYS A 1 28  ? -9.200  11.264  -2.812  1.00 22.10 ? 9   LYS B CE  1 
ATOM 82   N NZ  . LYS A 1 28  ? -9.682  12.454  -3.609  1.00 23.93 ? 9   LYS B NZ  1 
ATOM 83   N N   . ILE A 1 29  ? -2.947  7.629   -1.906  1.00 9.33  ? 10  ILE B N   1 
ATOM 84   C CA  . ILE A 1 29  ? -1.846  6.992   -2.586  1.00 8.31  ? 10  ILE B CA  1 
ATOM 85   C C   . ILE A 1 29  ? -0.839  6.449   -1.575  1.00 6.92  ? 10  ILE B C   1 
ATOM 86   O O   . ILE A 1 29  ? -0.481  7.120   -0.597  1.00 5.94  ? 10  ILE B O   1 
ATOM 87   C CB  . ILE A 1 29  ? -1.163  7.934   -3.631  1.00 8.26  ? 10  ILE B CB  1 
ATOM 88   C CG1 . ILE A 1 29  ? -0.025  7.199   -4.362  1.00 8.63  ? 10  ILE B CG1 1 
ATOM 89   C CG2 . ILE A 1 29  ? -0.660  9.275   -2.981  1.00 9.35  ? 10  ILE B CG2 1 
ATOM 90   C CD1 . ILE A 1 29  ? 0.550   7.957   -5.550  1.00 9.74  ? 10  ILE B CD1 1 
ATOM 91   N N   . VAL A 1 30  ? -0.399  5.228   -1.828  1.00 5.40  ? 11  VAL B N   1 
ATOM 92   C CA  . VAL A 1 30  ? 0.603   4.576   -1.017  1.00 4.70  ? 11  VAL B CA  1 
ATOM 93   C C   . VAL A 1 30  ? 1.691   4.214   -1.989  1.00 4.28  ? 11  VAL B C   1 
ATOM 94   O O   . VAL A 1 30  ? 1.425   3.600   -3.011  1.00 3.67  ? 11  VAL B O   1 
ATOM 95   C CB  . VAL A 1 30  ? 0.089   3.245   -0.384  1.00 5.70  ? 11  VAL B CB  1 
ATOM 96   C CG1 . VAL A 1 30  ? 1.099   2.717   0.649   1.00 5.20  ? 11  VAL B CG1 1 
ATOM 97   C CG2 . VAL A 1 30  ? -1.262  3.431   0.256   1.00 7.81  ? 11  VAL B CG2 1 
ATOM 98   N N   . ALA A 1 31  ? 2.909   4.606   -1.668  1.00 3.82  ? 12  ALA B N   1 
ATOM 99   C CA  . ALA A 1 31  ? 4.062   4.195   -2.436  1.00 4.62  ? 12  ALA B CA  1 
ATOM 100  C C   . ALA A 1 31  ? 4.472   2.807   -2.015  1.00 5.09  ? 12  ALA B C   1 
ATOM 101  O O   . ALA A 1 31  ? 4.779   2.554   -0.836  1.00 6.16  ? 12  ALA B O   1 
ATOM 102  C CB  . ALA A 1 31  ? 5.211   5.159   -2.225  1.00 4.33  ? 12  ALA B CB  1 
ATOM 103  N N   . VAL A 1 32  ? 4.520   1.915   -2.984  1.00 4.92  ? 13  VAL B N   1 
ATOM 104  C CA  . VAL A 1 32  ? 4.940   0.539   -2.756  1.00 5.51  ? 13  VAL B CA  1 
ATOM 105  C C   . VAL A 1 32  ? 6.402   0.488   -3.178  1.00 5.98  ? 13  VAL B C   1 
ATOM 106  O O   . VAL A 1 32  ? 6.723   0.541   -4.372  1.00 5.49  ? 13  VAL B O   1 
ATOM 107  C CB  . VAL A 1 32  ? 4.086   -0.400  -3.589  1.00 5.88  ? 13  VAL B CB  1 
ATOM 108  C CG1 . VAL A 1 32  ? 4.547   -1.872  -3.475  1.00 5.70  ? 13  VAL B CG1 1 
ATOM 109  C CG2 . VAL A 1 32  ? 2.590   -0.250  -3.223  1.00 6.65  ? 13  VAL B CG2 1 
ATOM 110  N N   . LEU A 1 33  ? 7.287   0.397   -2.186  1.00 5.38  ? 14  LEU B N   1 
ATOM 111  C CA  . LEU A 1 33  ? 8.693   0.673   -2.389  1.00 5.18  ? 14  LEU B CA  1 
ATOM 112  C C   . LEU A 1 33  ? 9.463   -0.622  -2.466  1.00 5.32  ? 14  LEU B C   1 
ATOM 113  O O   . LEU A 1 33  ? 9.696   -1.253  -1.444  1.00 4.18  ? 14  LEU B O   1 
ATOM 114  C CB  . LEU A 1 33  ? 9.236   1.533   -1.240  1.00 5.64  ? 14  LEU B CB  1 
ATOM 115  C CG  . LEU A 1 33  ? 10.253  2.606   -1.606  1.00 6.61  ? 14  LEU B CG  1 
ATOM 116  C CD1 . LEU A 1 33  ? 10.414  3.559   -0.467  1.00 6.28  ? 14  LEU B CD1 1 
ATOM 117  C CD2 . LEU A 1 33  ? 11.606  1.968   -1.932  1.00 8.97  ? 14  LEU B CD2 1 
ATOM 118  N N   . ARG A 1 34  ? 9.825   -1.026  -3.686  1.00 4.35  ? 15  ARG B N   1 
ATOM 119  C CA  . ARG A 1 34  ? 10.810  -2.081  -3.892  1.00 4.36  ? 15  ARG B CA  1 
ATOM 120  C C   . ARG A 1 34  ? 12.123  -1.420  -4.307  1.00 4.78  ? 15  ARG B C   1 
ATOM 121  O O   . ARG A 1 34  ? 12.104  -0.360  -4.943  1.00 5.54  ? 15  ARG B O   1 
ATOM 122  C CB  . ARG A 1 34  ? 10.319  -3.081  -4.957  1.00 3.38  ? 15  ARG B CB  1 
ATOM 123  C CG  . ARG A 1 34  ? 9.004   -3.772  -4.571  1.00 4.34  ? 15  ARG B CG  1 
ATOM 124  C CD  . ARG A 1 34  ? 8.598   -4.866  -5.561  1.00 2.83  ? 15  ARG B CD  1 
ATOM 125  N NE  . ARG A 1 34  ? 7.156   -5.133  -5.416  1.00 2.81  ? 15  ARG B NE  1 
ATOM 126  C CZ  . ARG A 1 34  ? 6.624   -5.785  -4.394  1.00 4.97  ? 15  ARG B CZ  1 
ATOM 127  N NH1 . ARG A 1 34  ? 7.434   -6.294  -3.439  1.00 3.93  ? 15  ARG B NH1 1 
ATOM 128  N NH2 . ARG A 1 34  ? 5.301   -5.918  -4.321  1.00 2.09  ? 15  ARG B NH2 1 
ATOM 129  N N   . ALA A 1 35  ? 13.241  -2.018  -3.881  1.00 5.59  ? 16  ALA B N   1 
ATOM 130  C CA  . ALA A 1 35  ? 14.593  -1.471  -4.037  1.00 5.77  ? 16  ALA B CA  1 
ATOM 131  C C   . ALA A 1 35  ? 15.594  -2.583  -3.780  1.00 6.38  ? 16  ALA B C   1 
ATOM 132  O O   . ALA A 1 35  ? 15.250  -3.585  -3.164  1.00 6.56  ? 16  ALA B O   1 
ATOM 133  C CB  . ALA A 1 35  ? 14.841  -0.318  -3.047  1.00 5.33  ? 16  ALA B CB  1 
ATOM 134  N N   . ASN A 1 36  ? 16.825  -2.404  -4.255  1.00 6.19  ? 17  ASN B N   1 
ATOM 135  C CA  . ASN A 1 36  ? 17.879  -3.408  -4.111  1.00 7.62  ? 17  ASN B CA  1 
ATOM 136  C C   . ASN A 1 36  ? 18.744  -3.240  -2.864  1.00 7.25  ? 17  ASN B C   1 
ATOM 137  O O   . ASN A 1 36  ? 19.609  -4.073  -2.599  1.00 8.02  ? 17  ASN B O   1 
ATOM 138  C CB  . ASN A 1 36  ? 18.821  -3.354  -5.321  1.00 8.18  ? 17  ASN B CB  1 
ATOM 139  C CG  . ASN A 1 36  ? 18.089  -3.562  -6.637  1.00 10.91 ? 17  ASN B CG  1 
ATOM 140  O OD1 . ASN A 1 36  ? 17.279  -4.455  -6.760  1.00 13.61 ? 17  ASN B OD1 1 
ATOM 141  N ND2 . ASN A 1 36  ? 18.386  -2.716  -7.625  1.00 14.92 ? 17  ASN B ND2 1 
ATOM 142  N N   . SER A 1 37  ? 18.555  -2.160  -2.119  1.00 6.54  ? 18  SER B N   1 
ATOM 143  C CA  . SER A 1 37  ? 19.420  -1.912  -0.948  1.00 6.56  ? 18  SER B CA  1 
ATOM 144  C C   . SER A 1 37  ? 18.681  -1.076  0.078   1.00 6.24  ? 18  SER B C   1 
ATOM 145  O O   . SER A 1 37  ? 17.712  -0.428  -0.258  1.00 7.17  ? 18  SER B O   1 
ATOM 146  C CB  . SER A 1 37  ? 20.711  -1.172  -1.364  1.00 7.55  ? 18  SER B CB  1 
ATOM 147  O OG  . SER A 1 37  ? 20.408  0.136   -1.817  1.00 9.52  ? 18  SER B OG  1 
ATOM 148  N N   . VAL A 1 38  ? 19.172  -1.066  1.318   1.00 6.39  ? 19  VAL B N   1 
ATOM 149  C CA  . VAL A 1 38  ? 18.669  -0.197  2.382   1.00 5.70  ? 19  VAL B CA  1 
ATOM 150  C C   . VAL A 1 38  ? 18.765  1.271   1.974   1.00 5.75  ? 19  VAL B C   1 
ATOM 151  O O   . VAL A 1 38  ? 17.836  2.062   2.125   1.00 5.24  ? 19  VAL B O   1 
ATOM 152  C CB  . VAL A 1 38  ? 19.482  -0.438  3.686   1.00 5.51  ? 19  VAL B CB  1 
ATOM 153  C CG1 . VAL A 1 38  ? 19.199  0.626   4.765   1.00 6.34  ? 19  VAL B CG1 1 
ATOM 154  C CG2 . VAL A 1 38  ? 19.278  -1.877  4.209   1.00 6.69  ? 19  VAL B CG2 1 
ATOM 155  N N   . GLU A 1 39  ? 19.920  1.632   1.439   1.00 0.00  ? 20  GLU B N   1 
ATOM 156  C CA  . GLU A 1 39  ? 20.191  2.995   1.066   1.00 0.00  ? 20  GLU B CA  1 
ATOM 157  C C   . GLU A 1 39  ? 19.274  3.475   -0.043  1.00 0.00  ? 20  GLU B C   1 
ATOM 158  O O   . GLU A 1 39  ? 18.756  4.581   0.015   1.00 0.00  ? 20  GLU B O   1 
ATOM 159  C CB  . GLU A 1 39  ? 21.651  3.136   0.630   1.00 0.00  ? 20  GLU B CB  1 
ATOM 160  C CG  . GLU A 1 39  ? 22.054  4.549   0.229   1.00 0.00  ? 20  GLU B CG  1 
ATOM 161  C CD  . GLU A 1 39  ? 23.501  4.657   -0.158  1.00 0.00  ? 20  GLU B CD  1 
ATOM 162  O OE1 . GLU A 1 39  ? 24.209  3.688   -0.016  1.00 0.00  ? 20  GLU B OE1 1 
ATOM 163  O OE2 . GLU A 1 39  ? 23.903  5.709   -0.594  1.00 0.00  ? 20  GLU B OE2 1 
ATOM 164  N N   . GLU A 1 40  ? 19.048  2.641   -1.047  1.00 6.60  ? 21  GLU B N   1 
ATOM 165  C CA  . GLU A 1 40  ? 18.171  3.012   -2.164  1.00 6.61  ? 21  GLU B CA  1 
ATOM 166  C C   . GLU A 1 40  ? 16.745  3.173   -1.660  1.00 6.31  ? 21  GLU B C   1 
ATOM 167  O O   . GLU A 1 40  ? 16.030  4.103   -2.060  1.00 6.65  ? 21  GLU B O   1 
ATOM 168  C CB  . GLU A 1 40  ? 18.245  1.941   -3.263  1.00 6.46  ? 21  GLU B CB  1 
ATOM 169  C CG  . GLU A 1 40  ? 17.370  2.199   -4.526  1.00 9.77  ? 21  GLU B CG  1 
ATOM 170  C CD  . GLU A 1 40  ? 16.982  0.915   -5.296  1.00 12.08 ? 21  GLU B CD  1 
ATOM 171  O OE1 . GLU A 1 40  ? 16.209  0.996   -6.269  1.00 17.82 ? 21  GLU B OE1 1 
ATOM 172  O OE2 . GLU A 1 40  ? 17.405  -0.199  -4.928  1.00 19.67 ? 21  GLU B OE2 1 
ATOM 173  N N   . ALA A 1 41  ? 16.318  2.229   -0.815  1.00 5.61  ? 22  ALA B N   1 
ATOM 174  C CA  . ALA A 1 41  ? 14.958  2.254   -0.252  1.00 5.08  ? 22  ALA B CA  1 
ATOM 175  C C   . ALA A 1 41  ? 14.729  3.528   0.570   1.00 5.00  ? 22  ALA B C   1 
ATOM 176  O O   . ALA A 1 41  ? 13.743  4.236   0.365   1.00 4.69  ? 22  ALA B O   1 
ATOM 177  C CB  . ALA A 1 41  ? 14.708  1.004   0.575   1.00 4.21  ? 22  ALA B CB  1 
ATOM 178  N N   . LYS A 1 42  ? 15.678  3.862   1.451   1.00 0.00  ? 23  LYS B N   1 
ATOM 179  C CA  . LYS A 1 42  ? 15.529  5.093   2.224   1.00 0.00  ? 23  LYS B CA  1 
ATOM 180  C C   . LYS A 1 42  ? 15.480  6.362   1.359   1.00 0.00  ? 23  LYS B C   1 
ATOM 181  O O   . LYS A 1 42  ? 14.672  7.268   1.605   1.00 0.00  ? 23  LYS B O   1 
ATOM 182  C CB  . LYS A 1 42  ? 16.673  5.206   3.235   1.00 0.00  ? 23  LYS B CB  1 
ATOM 183  C CG  . LYS A 1 42  ? 16.584  6.418   4.153   1.00 0.00  ? 23  LYS B CG  1 
ATOM 184  C CD  . LYS A 1 42  ? 17.687  6.399   5.202   1.00 0.00  ? 23  LYS B CD  1 
ATOM 185  C CE  . LYS A 1 42  ? 17.557  7.571   6.163   1.00 0.00  ? 23  LYS B CE  1 
ATOM 186  N NZ  . LYS A 1 42  ? 18.606  7.543   7.219   1.00 0.00  ? 23  LYS B NZ  1 
ATOM 187  N N   . LYS A 1 43  ? 16.375  6.447   0.373   1.00 0.00  ? 24  LYS B N   1 
ATOM 188  C CA  . LYS A 1 43  ? 16.410  7.600   -0.522  1.00 0.00  ? 24  LYS B CA  1 
ATOM 189  C C   . LYS A 1 43  ? 15.112  7.744   -1.311  1.00 0.00  ? 24  LYS B C   1 
ATOM 190  O O   . LYS A 1 43  ? 14.620  8.855   -1.463  1.00 0.00  ? 24  LYS B O   1 
ATOM 191  C CB  . LYS A 1 43  ? 17.596  7.491   -1.483  1.00 0.00  ? 24  LYS B CB  1 
ATOM 192  C CG  . LYS A 1 43  ? 18.953  7.736   -0.837  1.00 0.00  ? 24  LYS B CG  1 
ATOM 193  C CD  . LYS A 1 43  ? 20.080  7.588   -1.847  1.00 0.00  ? 24  LYS B CD  1 
ATOM 194  C CE  . LYS A 1 43  ? 21.429  7.920   -1.226  1.00 0.00  ? 24  LYS B CE  1 
ATOM 195  N NZ  . LYS A 1 43  ? 22.551  7.689   -2.175  1.00 0.00  ? 24  LYS B NZ  1 
ATOM 196  N N   . LYS A 1 44  ? 14.558  6.620   -1.788  1.00 0.00  ? 25  LYS B N   1 
ATOM 197  C CA  . LYS A 1 44  ? 13.290  6.660   -2.509  1.00 0.00  ? 25  LYS B CA  1 
ATOM 198  C C   . LYS A 1 44  ? 12.120  7.023   -1.579  1.00 0.00  ? 25  LYS B C   1 
ATOM 199  O O   . LYS A 1 44  ? 11.198  7.690   -1.993  1.00 0.00  ? 25  LYS B O   1 
ATOM 200  C CB  . LYS A 1 44  ? 13.026  5.316   -3.189  1.00 0.00  ? 25  LYS B CB  1 
ATOM 201  C CG  . LYS A 1 44  ? 13.923  5.029   -4.385  1.00 0.00  ? 25  LYS B CG  1 
ATOM 202  C CD  . LYS A 1 44  ? 13.699  3.623   -4.920  1.00 0.00  ? 25  LYS B CD  1 
ATOM 203  C CE  . LYS A 1 44  ? 14.354  3.437   -6.282  1.00 0.00  ? 25  LYS B CE  1 
ATOM 204  N NZ  . LYS A 1 44  ? 14.057  2.100   -6.863  1.00 0.00  ? 25  LYS B NZ  1 
ATOM 205  N N   . ALA A 1 45  ? 12.159  6.579   -0.321  1.00 9.11  ? 26  ALA B N   1 
ATOM 206  C CA  . ALA A 1 45  ? 11.081  6.908   0.628   1.00 8.65  ? 26  ALA B CA  1 
ATOM 207  C C   . ALA A 1 45  ? 11.087  8.398   0.942   1.00 7.74  ? 26  ALA B C   1 
ATOM 208  O O   . ALA A 1 45  ? 10.031  9.008   1.039   1.00 6.79  ? 26  ALA B O   1 
ATOM 209  C CB  . ALA A 1 45  ? 11.207  6.095   1.899   1.00 9.13  ? 26  ALA B CB  1 
ATOM 210  N N   . LEU A 1 46  ? 12.284  8.965   1.080   1.00 0.00  ? 27  LEU B N   1 
ATOM 211  C CA  . LEU A 1 46  ? 12.447  10.411  1.245   1.00 0.00  ? 27  LEU B CA  1 
ATOM 212  C C   . LEU A 1 46  ? 11.987  11.159  -0.020  1.00 0.00  ? 27  LEU B C   1 
ATOM 213  O O   . LEU A 1 46  ? 11.193  12.101  0.054   1.00 0.00  ? 27  LEU B O   1 
ATOM 214  C CB  . LEU A 1 46  ? 13.911  10.751  1.551   1.00 0.00  ? 27  LEU B CB  1 
ATOM 215  C CG  . LEU A 1 46  ? 14.409  10.353  2.947   1.00 0.00  ? 27  LEU B CG  1 
ATOM 216  C CD1 . LEU A 1 46  ? 15.930  10.416  2.980   1.00 0.00  ? 27  LEU B CD1 1 
ATOM 217  C CD2 . LEU A 1 46  ? 13.799  11.282  3.987   1.00 0.00  ? 27  LEU B CD2 1 
ATOM 218  N N   . ALA A 1 47  ? 12.425  10.687  -1.189  1.00 9.46  ? 28  ALA B N   1 
ATOM 219  C CA  . ALA A 1 47  ? 12.001  11.299  -2.460  1.00 9.03  ? 28  ALA B CA  1 
ATOM 220  C C   . ALA A 1 47  ? 10.489  11.418  -2.534  1.00 8.75  ? 28  ALA B C   1 
ATOM 221  O O   . ALA A 1 47  ? 9.957   12.505  -2.719  1.00 9.59  ? 28  ALA B O   1 
ATOM 222  C CB  . ALA A 1 47  ? 12.522  10.503  -3.637  1.00 9.00  ? 28  ALA B CB  1 
ATOM 223  N N   . VAL A 1 48  ? 9.815   10.286  -2.372  1.00 8.27  ? 29  VAL B N   1 
ATOM 224  C CA  . VAL A 1 48  ? 8.368   10.182  -2.389  1.00 8.21  ? 29  VAL B CA  1 
ATOM 225  C C   . VAL A 1 48  ? 7.684   11.115  -1.366  1.00 8.07  ? 29  VAL B C   1 
ATOM 226  O O   . VAL A 1 48  ? 6.699   11.785  -1.703  1.00 8.38  ? 29  VAL B O   1 
ATOM 227  C CB  . VAL A 1 48  ? 7.993   8.666   -2.208  1.00 8.55  ? 29  VAL B CB  1 
ATOM 228  C CG1 . VAL A 1 48  ? 6.861   8.450   -1.263  1.00 11.60 ? 29  VAL B CG1 1 
ATOM 229  C CG2 . VAL A 1 48  ? 7.838   7.994   -3.550  1.00 4.42  ? 29  VAL B CG2 1 
ATOM 230  N N   . PHE A 1 49  ? 8.186   11.128  -0.129  1.00 0.00  ? 30  PHE B N   1 
ATOM 231  C CA  . PHE A 1 49  ? 7.644   11.987  0.921   1.00 0.00  ? 30  PHE B CA  1 
ATOM 232  C C   . PHE A 1 49  ? 7.824   13.462  0.552   1.00 0.00  ? 30  PHE B C   1 
ATOM 233  O O   . PHE A 1 49  ? 6.873   14.253  0.651   1.00 0.00  ? 30  PHE B O   1 
ATOM 234  C CB  . PHE A 1 49  ? 8.325   11.699  2.261   1.00 0.00  ? 30  PHE B CB  1 
ATOM 235  C CG  . PHE A 1 49  ? 7.794   12.519  3.401   1.00 0.00  ? 30  PHE B CG  1 
ATOM 236  C CD1 . PHE A 1 49  ? 6.529   12.281  3.916   1.00 0.00  ? 30  PHE B CD1 1 
ATOM 237  C CD2 . PHE A 1 49  ? 8.559   13.533  3.962   1.00 0.00  ? 30  PHE B CD2 1 
ATOM 238  C CE1 . PHE A 1 49  ? 6.039   13.034  4.965   1.00 0.00  ? 30  PHE B CE1 1 
ATOM 239  C CE2 . PHE A 1 49  ? 8.072   14.287  5.010   1.00 0.00  ? 30  PHE B CE2 1 
ATOM 240  C CZ  . PHE A 1 49  ? 6.810   14.038  5.513   1.00 0.00  ? 30  PHE B CZ  1 
ATOM 241  N N   . LEU A 1 50  ? 9.026   13.805  0.092   1.00 0.00  ? 31  LEU B N   1 
ATOM 242  C CA  . LEU A 1 50  ? 9.338   15.172  -0.329  1.00 0.00  ? 31  LEU B CA  1 
ATOM 243  C C   . LEU A 1 50  ? 8.431   15.610  -1.464  1.00 0.00  ? 31  LEU B C   1 
ATOM 244  O O   . LEU A 1 50  ? 8.112   16.790  -1.582  1.00 0.00  ? 31  LEU B O   1 
ATOM 245  C CB  . LEU A 1 50  ? 10.803  15.276  -0.770  1.00 0.00  ? 31  LEU B CB  1 
ATOM 246  C CG  . LEU A 1 50  ? 11.845  15.198  0.354   1.00 0.00  ? 31  LEU B CG  1 
ATOM 247  C CD1 . LEU A 1 50  ? 13.242  15.215  -0.246  1.00 0.00  ? 31  LEU B CD1 1 
ATOM 248  C CD2 . LEU A 1 50  ? 11.645  16.365  1.310   1.00 0.00  ? 31  LEU B CD2 1 
ATOM 249  N N   . GLY A 1 51  ? 7.981   14.647  -2.272  1.00 0.00  ? 32  GLY B N   1 
ATOM 250  C CA  . GLY A 1 51  ? 7.036   14.914  -3.360  1.00 0.00  ? 32  GLY B CA  1 
ATOM 251  C C   . GLY A 1 51  ? 5.563   14.852  -2.985  1.00 0.00  ? 32  GLY B C   1 
ATOM 252  O O   . GLY A 1 51  ? 4.685   14.964  -3.860  1.00 0.00  ? 32  GLY B O   1 
ATOM 253  N N   . GLY A 1 52  ? 5.274   14.621  -1.706  1.00 0.00  ? 33  GLY B N   1 
ATOM 254  C CA  . GLY A 1 52  ? 3.896   14.734  -1.201  1.00 0.00  ? 33  GLY B CA  1 
ATOM 255  C C   . GLY A 1 52  ? 3.178   13.433  -0.891  1.00 0.00  ? 33  GLY B C   1 
ATOM 256  O O   . GLY A 1 52  ? 1.986   13.435  -0.590  1.00 0.00  ? 33  GLY B O   1 
ATOM 257  N N   . VAL A 1 53  ? 3.894   12.319  -0.967  1.00 10.65 ? 34  VAL B N   1 
ATOM 258  C CA  . VAL A 1 53  ? 3.285   11.022  -0.659  1.00 10.92 ? 34  VAL B CA  1 
ATOM 259  C C   . VAL A 1 53  ? 3.579   10.675  0.796   1.00 10.52 ? 34  VAL B C   1 
ATOM 260  O O   . VAL A 1 53  ? 4.729   10.456  1.153   1.00 10.83 ? 34  VAL B O   1 
ATOM 261  C CB  . VAL A 1 53  ? 3.774   9.883   -1.607  1.00 10.71 ? 34  VAL B CB  1 
ATOM 262  C CG1 . VAL A 1 53  ? 3.146   8.550   -1.201  1.00 8.93  ? 34  VAL B CG1 1 
ATOM 263  C CG2 . VAL A 1 53  ? 3.393   10.194  -3.061  1.00 12.96 ? 34  VAL B CG2 1 
ATOM 264  N N   . HIS A 1 54  ? 2.528   10.623  1.617   1.00 10.08 ? 35  HIS B N   1 
ATOM 265  C CA  . HIS A 1 54  ? 2.673   10.396  3.056   1.00 10.41 ? 35  HIS B CA  1 
ATOM 266  C C   . HIS A 1 54  ? 2.609   8.913   3.470   1.00 9.08  ? 35  HIS B C   1 
ATOM 267  O O   . HIS A 1 54  ? 3.159   8.532   4.518   1.00 10.31 ? 35  HIS B O   1 
ATOM 268  C CB  . HIS A 1 54  ? 1.618   11.207  3.820   1.00 11.11 ? 35  HIS B CB  1 
ATOM 269  C CG  . HIS A 1 54  ? 1.928   12.667  3.915   1.00 14.37 ? 35  HIS B CG  1 
ATOM 270  N ND1 . HIS A 1 54  ? 2.290   13.281  5.102   1.00 15.91 ? 35  HIS B ND1 1 
ATOM 271  C CD2 . HIS A 1 54  ? 1.925   13.641  2.972   1.00 18.25 ? 35  HIS B CD2 1 
ATOM 272  C CE1 . HIS A 1 54  ? 2.503   14.568  4.884   1.00 18.38 ? 35  HIS B CE1 1 
ATOM 273  N NE2 . HIS A 1 54  ? 2.283   14.816  3.602   1.00 18.89 ? 35  HIS B NE2 1 
ATOM 274  N N   . LEU A 1 55  ? 1.975   8.077   2.653   1.00 8.11  ? 36  LEU B N   1 
ATOM 275  C CA  . LEU A 1 55  ? 1.834   6.662   2.990   1.00 6.57  ? 36  LEU B CA  1 
ATOM 276  C C   . LEU A 1 55  ? 2.916   5.880   2.287   1.00 6.06  ? 36  LEU B C   1 
ATOM 277  O O   . LEU A 1 55  ? 2.954   5.804   1.064   1.00 5.83  ? 36  LEU B O   1 
ATOM 278  C CB  . LEU A 1 55  ? 0.442   6.102   2.639   1.00 6.48  ? 36  LEU B CB  1 
ATOM 279  C CG  . LEU A 1 55  ? -0.756  6.870   3.211   1.00 9.55  ? 36  LEU B CG  1 
ATOM 280  C CD1 . LEU A 1 55  ? -2.025  6.444   2.570   1.00 8.94  ? 36  LEU B CD1 1 
ATOM 281  C CD2 . LEU A 1 55  ? -0.854  6.732   4.718   1.00 12.60 ? 36  LEU B CD2 1 
ATOM 282  N N   . ILE A 1 56  ? 3.801   5.282   3.063   1.00 5.10  ? 37  ILE B N   1 
ATOM 283  C CA  . ILE A 1 56  ? 4.956   4.648   2.463   1.00 5.22  ? 37  ILE B CA  1 
ATOM 284  C C   . ILE A 1 56  ? 5.027   3.218   2.933   1.00 4.28  ? 37  ILE B C   1 
ATOM 285  O O   . ILE A 1 56  ? 5.174   2.959   4.136   1.00 4.60  ? 37  ILE B O   1 
ATOM 286  C CB  . ILE A 1 56  ? 6.248   5.424   2.786   1.00 4.45  ? 37  ILE B CB  1 
ATOM 287  C CG1 . ILE A 1 56  ? 6.167   6.875   2.298   1.00 4.86  ? 37  ILE B CG1 1 
ATOM 288  C CG2 . ILE A 1 56  ? 7.506   4.716   2.236   1.00 6.37  ? 37  ILE B CG2 1 
ATOM 289  C CD1 . ILE A 1 56  ? 7.265   7.788   2.890   1.00 6.31  ? 37  ILE B CD1 1 
ATOM 290  N N   . GLU A 1 57  ? 5.002   2.302   1.977   1.00 2.99  ? 38  GLU B N   1 
ATOM 291  C CA  . GLU A 1 57  ? 5.001   0.894   2.240   1.00 4.12  ? 38  GLU B CA  1 
ATOM 292  C C   . GLU A 1 57  ? 6.374   0.309   1.890   1.00 3.74  ? 38  GLU B C   1 
ATOM 293  O O   . GLU A 1 57  ? 6.704   0.172   0.720   1.00 4.54  ? 38  GLU B O   1 
ATOM 294  C CB  . GLU A 1 57  ? 3.910   0.240   1.387   1.00 3.80  ? 38  GLU B CB  1 
ATOM 295  C CG  . GLU A 1 57  ? 3.723   -1.256  1.547   1.00 5.71  ? 38  GLU B CG  1 
ATOM 296  C CD  . GLU A 1 57  ? 2.688   -1.797  0.561   1.00 6.70  ? 38  GLU B CD  1 
ATOM 297  O OE1 . GLU A 1 57  ? 2.924   -2.867  -0.087  1.00 7.62  ? 38  GLU B OE1 1 
ATOM 298  O OE2 . GLU A 1 57  ? 1.628   -1.147  0.432   1.00 10.68 ? 38  GLU B OE2 1 
ATOM 299  N N   . ILE A 1 58  ? 7.142   -0.094  2.891   1.00 2.75  ? 39  ILE B N   1 
ATOM 300  C CA  . ILE A 1 58  ? 8.447   -0.724  2.644   1.00 2.92  ? 39  ILE B CA  1 
ATOM 301  C C   . ILE A 1 58  ? 8.229   -2.202  2.457   1.00 3.24  ? 39  ILE B C   1 
ATOM 302  O O   . ILE A 1 58  ? 7.911   -2.906  3.405   1.00 3.80  ? 39  ILE B O   1 
ATOM 303  C CB  . ILE A 1 58  ? 9.461   -0.481  3.824   1.00 3.26  ? 39  ILE B CB  1 
ATOM 304  C CG1 . ILE A 1 58  ? 9.540   1.004   4.228   1.00 3.69  ? 39  ILE B CG1 1 
ATOM 305  C CG2 . ILE A 1 58  ? 10.851  -0.990  3.475   1.00 3.07  ? 39  ILE B CG2 1 
ATOM 306  C CD1 . ILE A 1 58  ? 9.928   1.966   3.113   1.00 3.70  ? 39  ILE B CD1 1 
ATOM 307  N N   . THR A 1 59  ? 8.401   -2.712  1.236   1.00 3.35  ? 40  THR B N   1 
ATOM 308  C CA  . THR A 1 59  ? 8.164   -4.119  0.997   1.00 2.88  ? 40  THR B CA  1 
ATOM 309  C C   . THR A 1 59  ? 9.305   -4.976  1.561   1.00 3.61  ? 40  THR B C   1 
ATOM 310  O O   . THR A 1 59  ? 10.454  -4.545  1.646   1.00 2.35  ? 40  THR B O   1 
ATOM 311  C CB  . THR A 1 59  ? 8.000   -4.429  -0.506  1.00 3.05  ? 40  THR B CB  1 
ATOM 312  O OG1 . THR A 1 59  ? 9.247   -4.123  -1.176  1.00 3.34  ? 40  THR B OG1 1 
ATOM 313  C CG2 . THR A 1 59  ? 6.841   -3.598  -1.083  1.00 2.00  ? 40  THR B CG2 1 
ATOM 314  N N   . PHE A 1 60  ? 8.960   -6.207  1.914   1.00 4.28  ? 41  PHE B N   1 
ATOM 315  C CA  . PHE A 1 60  ? 9.941   -7.107  2.478   1.00 6.04  ? 41  PHE B CA  1 
ATOM 316  C C   . PHE A 1 60  ? 10.878  -7.759  1.448   1.00 6.89  ? 41  PHE B C   1 
ATOM 317  O O   . PHE A 1 60  ? 11.767  -8.547  1.802   1.00 8.41  ? 41  PHE B O   1 
ATOM 318  C CB  . PHE A 1 60  ? 9.286   -8.125  3.406   1.00 6.52  ? 41  PHE B CB  1 
ATOM 319  C CG  . PHE A 1 60  ? 9.429   -7.745  4.849   1.00 7.35  ? 41  PHE B CG  1 
ATOM 320  C CD1 . PHE A 1 60  ? 8.674   -6.727  5.376   1.00 8.70  ? 41  PHE B CD1 1 
ATOM 321  C CD2 . PHE A 1 60  ? 10.379  -8.374  5.661   1.00 8.47  ? 41  PHE B CD2 1 
ATOM 322  C CE1 . PHE A 1 60  ? 8.846   -6.325  6.710   1.00 12.53 ? 41  PHE B CE1 1 
ATOM 323  C CE2 . PHE A 1 60  ? 10.545  -7.992  6.987   1.00 7.46  ? 41  PHE B CE2 1 
ATOM 324  C CZ  . PHE A 1 60  ? 9.779   -6.977  7.510   1.00 8.51  ? 41  PHE B CZ  1 
ATOM 325  N N   . THR A 1 61  ? 10.705  -7.388  0.184   1.00 6.26  ? 42  THR B N   1 
ATOM 326  C CA  . THR A 1 61  ? 11.711  -7.704  -0.837  1.00 6.56  ? 42  THR B CA  1 
ATOM 327  C C   . THR A 1 61  ? 12.898  -6.738  -0.779  1.00 6.34  ? 42  THR B C   1 
ATOM 328  O O   . THR A 1 61  ? 13.955  -7.022  -1.356  1.00 6.76  ? 42  THR B O   1 
ATOM 329  C CB  . THR A 1 61  ? 11.106  -7.792  -2.268  1.00 5.94  ? 42  THR B CB  1 
ATOM 330  O OG1 . THR A 1 61  ? 10.457  -6.553  -2.574  1.00 6.44  ? 42  THR B OG1 1 
ATOM 331  C CG2 . THR A 1 61  ? 10.119  -8.927  -2.370  1.00 8.33  ? 42  THR B CG2 1 
ATOM 332  N N   . VAL A 1 62  ? 12.754  -5.618  -0.058  1.00 6.81  ? 43  VAL B N   1 
ATOM 333  C CA  . VAL A 1 62  ? 13.878  -4.742  0.244   1.00 6.78  ? 43  VAL B CA  1 
ATOM 334  C C   . VAL A 1 62  ? 14.788  -5.485  1.238   1.00 7.87  ? 43  VAL B C   1 
ATOM 335  O O   . VAL A 1 62  ? 14.307  -6.042  2.213   1.00 6.76  ? 43  VAL B O   1 
ATOM 336  C CB  . VAL A 1 62  ? 13.453  -3.348  0.805   1.00 6.61  ? 43  VAL B CB  1 
ATOM 337  C CG1 . VAL A 1 62  ? 14.672  -2.446  1.011   1.00 6.80  ? 43  VAL B CG1 1 
ATOM 338  C CG2 . VAL A 1 62  ? 12.500  -2.655  -0.156  1.00 6.12  ? 43  VAL B CG2 1 
ATOM 339  N N   . PRO A 1 63  ? 16.099  -5.559  0.941   1.00 8.72  ? 44  PRO B N   1 
ATOM 340  C CA  . PRO A 1 63  ? 17.038  -6.168  1.905   1.00 9.68  ? 44  PRO B CA  1 
ATOM 341  C C   . PRO A 1 63  ? 16.946  -5.437  3.251   1.00 8.91  ? 44  PRO B C   1 
ATOM 342  O O   . PRO A 1 63  ? 16.974  -4.222  3.268   1.00 7.73  ? 44  PRO B O   1 
ATOM 343  C CB  . PRO A 1 63  ? 18.426  -5.866  1.295   1.00 9.88  ? 44  PRO B CB  1 
ATOM 344  C CG  . PRO A 1 63  ? 18.173  -5.666  -0.173  1.00 11.03 ? 44  PRO B CG  1 
ATOM 345  C CD  . PRO A 1 63  ? 16.770  -5.092  -0.292  1.00 9.44  ? 44  PRO B CD  1 
ATOM 346  N N   . ASP A 1 64  ? 16.854  -6.181  4.354   1.00 9.45  ? 45  ASP B N   1 
ATOM 347  C CA  . ASP A 1 64  ? 16.834  -5.560  5.692   1.00 9.68  ? 45  ASP B CA  1 
ATOM 348  C C   . ASP A 1 64  ? 15.710  -4.528  5.770   1.00 8.43  ? 45  ASP B C   1 
ATOM 349  O O   . ASP A 1 64  ? 15.903  -3.412  6.238   1.00 8.24  ? 45  ASP B O   1 
ATOM 350  C CB  . ASP A 1 64  ? 18.198  -4.955  6.017   1.00 10.52 ? 45  ASP B CB  1 
ATOM 351  C CG  . ASP A 1 64  ? 19.275  -6.025  6.173   1.00 15.02 ? 45  ASP B CG  1 
ATOM 352  O OD1 . ASP A 1 64  ? 19.033  -6.989  6.940   1.00 18.21 ? 45  ASP B OD1 1 
ATOM 353  O OD2 . ASP A 1 64  ? 20.344  -5.931  5.509   1.00 19.74 ? 45  ASP B OD2 1 
ATOM 354  N N   . ALA A 1 65  ? 14.535  -4.927  5.298   1.00 8.24  ? 46  ALA B N   1 
ATOM 355  C CA  . ALA A 1 65  ? 13.363  -4.016  5.220   1.00 8.09  ? 46  ALA B CA  1 
ATOM 356  C C   . ALA A 1 65  ? 13.010  -3.440  6.614   1.00 7.55  ? 46  ALA B C   1 
ATOM 357  O O   . ALA A 1 65  ? 12.630  -2.321  6.759   1.00 6.83  ? 46  ALA B O   1 
ATOM 358  C CB  . ALA A 1 65  ? 12.206  -4.736  4.591   1.00 7.32  ? 46  ALA B CB  1 
ATOM 359  N N   . ASP A 1 66  ? 13.172  -4.294  7.612   1.00 8.94  ? 47  ASP B N   1 
ATOM 360  C CA  . ASP A 1 66  ? 13.228  -4.037  9.039   1.00 9.81  ? 47  ASP B CA  1 
ATOM 361  C C   . ASP A 1 66  ? 13.997  -2.785  9.440   1.00 9.53  ? 47  ASP B C   1 
ATOM 362  O O   . ASP A 1 66  ? 13.503  -1.894  10.149  1.00 9.98  ? 47  ASP B O   1 
ATOM 363  C CB  . ASP A 1 66  ? 14.062  -5.218  9.568   1.00 12.14 ? 47  ASP B CB  1 
ATOM 364  C CG  . ASP A 1 66  ? 13.381  -5.955  10.625  1.00 13.95 ? 47  ASP B CG  1 
ATOM 365  O OD1 . ASP A 1 66  ? 12.130  -6.075  10.540  1.00 20.00 ? 47  ASP B OD1 1 
ATOM 366  O OD2 . ASP A 1 66  ? 14.082  -6.396  11.542  1.00 13.18 ? 47  ASP B OD2 1 
ATOM 367  N N   . THR A 1 67  ? 15.257  -2.757  9.038   1.00 8.18  ? 48  THR B N   1 
ATOM 368  C CA  . THR A 1 67  ? 16.136  -1.640  9.328   1.00 6.84  ? 48  THR B CA  1 
ATOM 369  C C   . THR A 1 67  ? 15.656  -0.385  8.645   1.00 5.76  ? 48  THR B C   1 
ATOM 370  O O   . THR A 1 67  ? 15.663  0.674   9.250   1.00 6.52  ? 48  THR B O   1 
ATOM 371  C CB  . THR A 1 67  ? 17.552  -1.958  8.858   1.00 7.16  ? 48  THR B CB  1 
ATOM 372  O OG1 . THR A 1 67  ? 17.959  -3.174  9.486   1.00 8.65  ? 48  THR B OG1 1 
ATOM 373  C CG2 . THR A 1 67  ? 18.532  -0.839  9.199   1.00 7.48  ? 48  THR B CG2 1 
ATOM 374  N N   . VAL A 1 68  ? 15.236  -0.498  7.382   1.00 3.33  ? 49  VAL B N   1 
ATOM 375  C CA  . VAL A 1 68  ? 14.738  0.655   6.637   1.00 2.77  ? 49  VAL B CA  1 
ATOM 376  C C   . VAL A 1 68  ? 13.550  1.308   7.376   1.00 2.45  ? 49  VAL B C   1 
ATOM 377  O O   . VAL A 1 68  ? 13.542  2.514   7.571   1.00 3.89  ? 49  VAL B O   1 
ATOM 378  C CB  . VAL A 1 68  ? 14.315  0.242   5.181   1.00 3.30  ? 49  VAL B CB  1 
ATOM 379  C CG1 . VAL A 1 68  ? 13.585  1.381   4.442   1.00 2.00  ? 49  VAL B CG1 1 
ATOM 380  C CG2 . VAL A 1 68  ? 15.508  -0.300  4.381   1.00 2.72  ? 49  VAL B CG2 1 
ATOM 381  N N   . ILE A 1 69  ? 12.555  0.505   7.779   1.00 2.86  ? 50  ILE B N   1 
ATOM 382  C CA  . ILE A 1 69  ? 11.407  1.011   8.547   1.00 3.92  ? 50  ILE B CA  1 
ATOM 383  C C   . ILE A 1 69  ? 11.878  1.706   9.848   1.00 5.08  ? 50  ILE B C   1 
ATOM 384  O O   . ILE A 1 69  ? 11.439  2.809   10.154  1.00 5.72  ? 50  ILE B O   1 
ATOM 385  C CB  . ILE A 1 69  ? 10.387  -0.110  8.881   1.00 3.98  ? 50  ILE B CB  1 
ATOM 386  C CG1 . ILE A 1 69  ? 9.659   -0.592  7.612   1.00 4.02  ? 50  ILE B CG1 1 
ATOM 387  C CG2 . ILE A 1 69  ? 9.296   0.418   9.799   1.00 7.45  ? 50  ILE B CG2 1 
ATOM 388  C CD1 . ILE A 1 69  ? 9.060   -1.998  7.729   1.00 4.51  ? 50  ILE B CD1 1 
ATOM 389  N N   . LYS A 1 70  ? 12.800  1.077   10.578  1.00 6.23  ? 51  LYS B N   1 
ATOM 390  C CA  . LYS A 1 70  ? 13.332  1.675   11.806  1.00 9.15  ? 51  LYS B CA  1 
ATOM 391  C C   . LYS A 1 70  ? 14.056  2.988   11.530  1.00 9.67  ? 51  LYS B C   1 
ATOM 392  O O   . LYS A 1 70  ? 13.869  3.982   12.242  1.00 11.18 ? 51  LYS B O   1 
ATOM 393  C CB  . LYS A 1 70  ? 14.257  0.679   12.519  1.00 8.55  ? 51  LYS B CB  1 
ATOM 394  C CG  . LYS A 1 70  ? 14.902  1.181   13.831  1.00 11.71 ? 51  LYS B CG  1 
ATOM 395  C CD  . LYS A 1 70  ? 15.740  0.046   14.448  1.00 11.77 ? 51  LYS B CD  1 
ATOM 396  C CE  . LYS A 1 70  ? 16.325  0.432   15.815  1.00 14.67 ? 51  LYS B CE  1 
ATOM 397  N NZ  . LYS A 1 70  ? 17.517  -0.433  16.060  1.00 17.58 ? 51  LYS B NZ  1 
ATOM 398  N N   . GLU A 1 71  ? 14.891  3.021   10.503  1.00 0.00  ? 52  GLU B N   1 
ATOM 399  C CA  . GLU A 1 71  ? 15.622  4.267   10.187  1.00 0.00  ? 52  GLU B CA  1 
ATOM 400  C C   . GLU A 1 71  ? 14.742  5.408   9.623   1.00 0.00  ? 52  GLU B C   1 
ATOM 401  O O   . GLU A 1 71  ? 15.150  6.571   9.659   1.00 0.00  ? 52  GLU B O   1 
ATOM 402  C CB  . GLU A 1 71  ? 16.740  3.960   9.190   1.00 0.00  ? 52  GLU B CB  1 
ATOM 403  C CG  . GLU A 1 71  ? 17.884  3.136   9.764   1.00 0.00  ? 52  GLU B CG  1 
ATOM 404  C CD  . GLU A 1 71  ? 19.022  2.960   8.796   1.00 0.00  ? 52  GLU B CD  1 
ATOM 405  O OE1 . GLU A 1 71  ? 18.910  3.424   7.687   1.00 0.00  ? 52  GLU B OE1 1 
ATOM 406  O OE2 . GLU A 1 71  ? 20.004  2.362   9.166   1.00 0.00  ? 52  GLU B OE2 1 
ATOM 407  N N   . LEU A 1 72  ? 13.554  5.066   9.120   1.00 12.44 ? 53  LEU B N   1 
ATOM 408  C CA  . LEU A 1 72  ? 12.564  6.061   8.654   1.00 13.62 ? 53  LEU B CA  1 
ATOM 409  C C   . LEU A 1 72  ? 11.576  6.480   9.745   1.00 15.57 ? 53  LEU B C   1 
ATOM 410  O O   . LEU A 1 72  ? 10.768  7.387   9.542   1.00 15.00 ? 53  LEU B O   1 
ATOM 411  C CB  . LEU A 1 72  ? 11.768  5.547   7.445   1.00 11.70 ? 53  LEU B CB  1 
ATOM 412  C CG  . LEU A 1 72  ? 12.487  5.311   6.112   1.00 9.56  ? 53  LEU B CG  1 
ATOM 413  C CD1 . LEU A 1 72  ? 11.534  4.644   5.128   1.00 10.95 ? 53  LEU B CD1 1 
ATOM 414  C CD2 . LEU A 1 72  ? 13.030  6.577   5.489   1.00 9.73  ? 53  LEU B CD2 1 
ATOM 415  N N   . SER A 1 73  ? 11.650  5.813   10.898  1.00 17.96 ? 54  SER B N   1 
ATOM 416  C CA  . SER A 1 73  ? 10.791  6.119   12.056  1.00 20.06 ? 54  SER B CA  1 
ATOM 417  C C   . SER A 1 73  ? 10.680  7.630   12.388  1.00 20.16 ? 54  SER B C   1 
ATOM 418  O O   . SER A 1 73  ? 9.606   8.113   12.779  1.00 20.83 ? 54  SER B O   1 
ATOM 419  C CB  . SER A 1 73  ? 11.287  5.366   13.293  1.00 20.20 ? 54  SER B CB  1 
ATOM 420  O OG  . SER A 1 73  ? 12.374  6.067   13.873  1.00 22.54 ? 54  SER B OG  1 
ATOM 421  N N   . PHE A 1 74  ? 11.774  8.373   12.213  1.00 0.00  ? 55  PHE B N   1 
ATOM 422  C CA  . PHE A 1 74  ? 11.767  9.819   12.457  1.00 0.00  ? 55  PHE B CA  1 
ATOM 423  C C   . PHE A 1 74  ? 10.843  10.599  11.533  1.00 0.00  ? 55  PHE B C   1 
ATOM 424  O O   . PHE A 1 74  ? 10.328  11.656  11.912  1.00 0.00  ? 55  PHE B O   1 
ATOM 425  C CB  . PHE A 1 74  ? 13.186  10.375  12.320  1.00 0.00  ? 55  PHE B CB  1 
ATOM 426  C CG  . PHE A 1 74  ? 13.637  10.540  10.897  1.00 0.00  ? 55  PHE B CG  1 
ATOM 427  C CD1 . PHE A 1 74  ? 13.489  11.752  10.242  1.00 0.00  ? 55  PHE B CD1 1 
ATOM 428  C CD2 . PHE A 1 74  ? 14.212  9.480   10.210  1.00 0.00  ? 55  PHE B CD2 1 
ATOM 429  C CE1 . PHE A 1 74  ? 13.904  11.904  8.933   1.00 0.00  ? 55  PHE B CE1 1 
ATOM 430  C CE2 . PHE A 1 74  ? 14.627  9.628   8.902   1.00 0.00  ? 55  PHE B CE2 1 
ATOM 431  C CZ  . PHE A 1 74  ? 14.474  10.843  8.263   1.00 0.00  ? 55  PHE B CZ  1 
ATOM 432  N N   . LEU A 1 75  ? 10.642  10.092  10.317  1.00 19.29 ? 56  LEU B N   1 
ATOM 433  C CA  . LEU A 1 75  ? 9.743   10.731  9.355   1.00 18.98 ? 56  LEU B CA  1 
ATOM 434  C C   . LEU A 1 75  ? 8.304   10.737  9.838   1.00 19.47 ? 56  LEU B C   1 
ATOM 435  O O   . LEU A 1 75  ? 7.497   11.553  9.387   1.00 18.93 ? 56  LEU B O   1 
ATOM 436  C CB  . LEU A 1 75  ? 9.815   10.057  7.987   1.00 18.97 ? 56  LEU B CB  1 
ATOM 437  C CG  . LEU A 1 75  ? 10.958  10.446  7.056   1.00 18.78 ? 56  LEU B CG  1 
ATOM 438  C CD1 . LEU A 1 75  ? 10.778  9.741   5.724   1.00 17.96 ? 56  LEU B CD1 1 
ATOM 439  C CD2 . LEU A 1 75  ? 11.012  11.954  6.851   1.00 19.14 ? 56  LEU B CD2 1 
ATOM 440  N N   . LYS A 1 76  ? 7.980   9.810   10.739  1.00 19.82 ? 57  LYS B N   1 
ATOM 441  C CA  . LYS A 1 76  ? 6.688   9.811   11.415  1.00 20.48 ? 57  LYS B CA  1 
ATOM 442  C C   . LYS A 1 76  ? 6.450   11.142  12.111  1.00 20.70 ? 57  LYS B C   1 
ATOM 443  O O   . LYS A 1 76  ? 5.324   11.620  12.130  1.00 21.80 ? 57  LYS B O   1 
ATOM 444  C CB  . LYS A 1 76  ? 6.607   8.683   12.444  1.00 20.40 ? 57  LYS B CB  1 
ATOM 445  C CG  . LYS A 1 76  ? 6.690   7.280   11.876  1.00 20.76 ? 57  LYS B CG  1 
ATOM 446  C CD  . LYS A 1 76  ? 6.387   6.309   12.982  1.00 22.30 ? 57  LYS B CD  1 
ATOM 447  C CE  . LYS A 1 76  ? 6.728   4.886   12.614  1.00 23.40 ? 57  LYS B CE  1 
ATOM 448  N NZ  . LYS A 1 76  ? 6.380   4.026   13.775  1.00 24.00 ? 57  LYS B NZ  1 
ATOM 449  N N   . GLU A 1 77  ? 7.507   11.733  12.677  1.00 0.00  ? 58  GLU B N   1 
ATOM 450  C CA  . GLU A 1 77  ? 7.417   13.062  13.338  1.00 0.00  ? 58  GLU B CA  1 
ATOM 451  C C   . GLU A 1 77  ? 7.100   14.192  12.357  1.00 0.00  ? 58  GLU B C   1 
ATOM 452  O O   . GLU A 1 77  ? 6.641   15.269  12.765  1.00 0.00  ? 58  GLU B O   1 
ATOM 453  C CB  . GLU A 1 77  ? 8.721   13.383  14.069  1.00 0.00  ? 58  GLU B CB  1 
ATOM 454  C CG  . GLU A 1 77  ? 9.011   12.482  15.262  1.00 0.00  ? 58  GLU B CG  1 
ATOM 455  C CD  . GLU A 1 77  ? 10.299  12.827  15.956  1.00 0.00  ? 58  GLU B CD  1 
ATOM 456  O OE1 . GLU A 1 77  ? 11.024  13.650  15.448  1.00 0.00  ? 58  GLU B OE1 1 
ATOM 457  O OE2 . GLU A 1 77  ? 10.561  12.266  16.994  1.00 0.00  ? 58  GLU B OE2 1 
ATOM 458  N N   . MET A 1 78  ? 7.368   13.945  11.075  1.00 0.00  ? 59  MET B N   1 
ATOM 459  C CA  . MET A 1 78  ? 7.002   14.870  9.995   1.00 0.00  ? 59  MET B CA  1 
ATOM 460  C C   . MET A 1 78  ? 5.686   14.476  9.341   1.00 0.00  ? 59  MET B C   1 
ATOM 461  O O   . MET A 1 78  ? 5.289   15.065  8.339   1.00 0.00  ? 59  MET B O   1 
ATOM 462  C CB  . MET A 1 78  ? 8.112   14.928  8.949   1.00 0.00  ? 59  MET B CB  1 
ATOM 463  C CG  . MET A 1 78  ? 9.439   15.467  9.468   1.00 0.00  ? 59  MET B CG  1 
ATOM 464  S SD  . MET A 1 78  ? 10.730  15.470  8.207   1.00 0.00  ? 59  MET B SD  1 
ATOM 465  C CE  . MET A 1 78  ? 10.219  16.860  7.203   1.00 0.00  ? 59  MET B CE  1 
ATOM 466  N N   . GLY A 1 79  ? 5.030   13.463  9.890   1.00 13.94 ? 60  GLY B N   1 
ATOM 467  C CA  . GLY A 1 79  ? 3.699   13.066  9.436   1.00 13.15 ? 60  GLY B CA  1 
ATOM 468  C C   . GLY A 1 79  ? 3.659   11.932  8.433   1.00 11.83 ? 60  GLY B C   1 
ATOM 469  O O   . GLY A 1 79  ? 2.584   11.597  7.924   1.00 12.20 ? 60  GLY B O   1 
ATOM 470  N N   . ALA A 1 80  ? 4.818   11.352  8.128   1.00 10.53 ? 61  ALA B N   1 
ATOM 471  C CA  . ALA A 1 80  ? 4.858   10.159  7.265   1.00 9.13  ? 61  ALA B CA  1 
ATOM 472  C C   . ALA A 1 80  ? 4.236   8.963   7.965   1.00 8.21  ? 61  ALA B C   1 
ATOM 473  O O   . ALA A 1 80  ? 4.376   8.808   9.185   1.00 8.44  ? 61  ALA B O   1 
ATOM 474  C CB  . ALA A 1 80  ? 6.307   9.812   6.874   1.00 8.98  ? 61  ALA B CB  1 
ATOM 475  N N   . ILE A 1 81  ? 3.584   8.094   7.187   1.00 6.27  ? 62  ILE B N   1 
ATOM 476  C CA  . ILE A 1 81  ? 3.036   6.893   7.747   1.00 5.37  ? 62  ILE B CA  1 
ATOM 477  C C   . ILE A 1 81  ? 3.764   5.761   7.049   1.00 5.07  ? 62  ILE B C   1 
ATOM 478  O O   . ILE A 1 81  ? 3.606   5.568   5.850   1.00 3.98  ? 62  ILE B O   1 
ATOM 479  C CB  . ILE A 1 81  ? 1.496   6.834   7.602   1.00 6.22  ? 62  ILE B CB  1 
ATOM 480  C CG1 . ILE A 1 81  ? 0.873   8.065   8.272   1.00 7.55  ? 62  ILE B CG1 1 
ATOM 481  C CG2 . ILE A 1 81  ? 0.965   5.587   8.246   1.00 6.33  ? 62  ILE B CG2 1 
ATOM 482  C CD1 . ILE A 1 81  ? 0.294   9.075   7.307   1.00 12.09 ? 62  ILE B CD1 1 
ATOM 483  N N   . ILE A 1 82  ? 4.615   5.075   7.815   1.00 4.46  ? 63  ILE B N   1 
ATOM 484  C CA  . ILE A 1 82  ? 5.503   4.024   7.309   1.00 4.92  ? 63  ILE B CA  1 
ATOM 485  C C   . ILE A 1 82  ? 4.962   2.638   7.675   1.00 4.41  ? 63  ILE B C   1 
ATOM 486  O O   . ILE A 1 82  ? 4.786   2.330   8.855   1.00 3.81  ? 63  ILE B O   1 
ATOM 487  C CB  . ILE A 1 82  ? 6.934   4.158   7.914   1.00 4.76  ? 63  ILE B CB  1 
ATOM 488  C CG1 . ILE A 1 82  ? 7.454   5.612   7.898   1.00 7.64  ? 63  ILE B CG1 1 
ATOM 489  C CG2 . ILE A 1 82  ? 7.917   3.215   7.238   1.00 7.02  ? 63  ILE B CG2 1 
ATOM 490  C CD1 . ILE A 1 82  ? 7.464   6.271   6.523   1.00 11.79 ? 63  ILE B CD1 1 
ATOM 491  N N   . GLY A 1 83  ? 4.750   1.790   6.668   1.00 3.03  ? 64  GLY B N   1 
ATOM 492  C CA  . GLY A 1 83  ? 4.261   0.462   6.887   1.00 3.30  ? 64  GLY B CA  1 
ATOM 493  C C   . GLY A 1 83  ? 5.154   -0.506  6.178   1.00 3.22  ? 64  GLY B C   1 
ATOM 494  O O   . GLY A 1 83  ? 6.238   -0.135  5.714   1.00 4.19  ? 64  GLY B O   1 
ATOM 495  N N   . ALA A 1 84  ? 4.722   -1.748  6.168   1.00 2.77  ? 65  ALA B N   1 
ATOM 496  C CA  . ALA A 1 84  ? 5.460   -2.826  5.533   1.00 3.41  ? 65  ALA B CA  1 
ATOM 497  C C   . ALA A 1 84  ? 4.575   -3.517  4.503   1.00 3.27  ? 65  ALA B C   1 
ATOM 498  O O   . ALA A 1 84  ? 3.378   -3.698  4.715   1.00 2.46  ? 65  ALA B O   1 
ATOM 499  C CB  . ALA A 1 84  ? 5.899   -3.823  6.552   1.00 4.20  ? 65  ALA B CB  1 
ATOM 500  N N   . GLY A 1 85  ? 5.177   -3.954  3.404   1.00 3.47  ? 66  GLY B N   1 
ATOM 501  C CA  . GLY A 1 85  ? 4.448   -4.699  2.364   1.00 3.45  ? 66  GLY B CA  1 
ATOM 502  C C   . GLY A 1 85  ? 5.152   -6.014  2.057   1.00 3.52  ? 66  GLY B C   1 
ATOM 503  O O   . GLY A 1 85  ? 6.218   -6.292  2.618   1.00 4.07  ? 66  GLY B O   1 
ATOM 504  N N   . THR A 1 86  ? 4.555   -6.818  1.171   1.00 4.12  ? 67  THR B N   1 
ATOM 505  C CA  . THR A 1 86  ? 5.082   -8.137  0.800   1.00 4.90  ? 67  THR B CA  1 
ATOM 506  C C   . THR A 1 86  ? 5.385   -8.966  2.055   1.00 5.35  ? 67  THR B C   1 
ATOM 507  O O   . THR A 1 86  ? 6.391   -9.703  2.136   1.00 2.93  ? 67  THR B O   1 
ATOM 508  C CB  . THR A 1 86  ? 6.348   -8.057  -0.142  1.00 5.24  ? 67  THR B CB  1 
ATOM 509  O OG1 . THR A 1 86  ? 6.195   -6.951  -1.037  1.00 6.86  ? 67  THR B OG1 1 
ATOM 510  C CG2 . THR A 1 86  ? 6.494   -9.367  -0.939  1.00 5.90  ? 67  THR B CG2 1 
ATOM 511  N N   . VAL A 1 87  ? 4.479   -8.843  3.027   1.00 5.80  ? 68  VAL B N   1 
ATOM 512  C CA  . VAL A 1 87  ? 4.607   -9.601  4.267   1.00 6.28  ? 68  VAL B CA  1 
ATOM 513  C C   . VAL A 1 87  ? 3.973   -10.965 4.062   1.00 5.66  ? 68  VAL B C   1 
ATOM 514  O O   . VAL A 1 87  ? 2.780   -11.076 3.813   1.00 6.51  ? 68  VAL B O   1 
ATOM 515  C CB  . VAL A 1 87  ? 4.008   -8.845  5.487   1.00 5.86  ? 68  VAL B CB  1 
ATOM 516  C CG1 . VAL A 1 87  ? 4.125   -9.706  6.760   1.00 5.33  ? 68  VAL B CG1 1 
ATOM 517  C CG2 . VAL A 1 87  ? 4.726   -7.477  5.667   1.00 5.56  ? 68  VAL B CG2 1 
ATOM 518  N N   . THR A 1 88  ? 4.782   -12.015 4.163   1.00 6.11  ? 69  THR B N   1 
ATOM 519  C CA  . THR A 1 88  ? 4.331   -13.359 3.822   1.00 5.62  ? 69  THR B CA  1 
ATOM 520  C C   . THR A 1 88  ? 4.412   -14.409 4.932   1.00 5.88  ? 69  THR B C   1 
ATOM 521  O O   . THR A 1 88  ? 4.019   -15.576 4.730   1.00 6.82  ? 69  THR B O   1 
ATOM 522  C CB  . THR A 1 88  ? 4.984   -13.869 2.515   1.00 6.50  ? 69  THR B CB  1 
ATOM 523  O OG1 . THR A 1 88  ? 6.406   -13.972 2.669   1.00 6.52  ? 69  THR B OG1 1 
ATOM 524  C CG2 . THR A 1 88  ? 4.619   -12.904 1.341   1.00 7.40  ? 69  THR B CG2 1 
ATOM 525  N N   . SER A 1 89  ? 4.909   -14.004 6.101   1.00 6.41  ? 70  SER B N   1 
ATOM 526  C CA  . SER A 1 89  ? 4.918   -14.886 7.264   1.00 6.69  ? 70  SER B CA  1 
ATOM 527  C C   . SER A 1 89  ? 4.712   -14.059 8.520   1.00 7.17  ? 70  SER B C   1 
ATOM 528  O O   . SER A 1 89  ? 4.919   -12.845 8.522   1.00 5.87  ? 70  SER B O   1 
ATOM 529  C CB  . SER A 1 89  ? 6.271   -15.576 7.378   1.00 6.78  ? 70  SER B CB  1 
ATOM 530  O OG  . SER A 1 89  ? 7.194   -14.622 7.823   1.00 6.14  ? 70  SER B OG  1 
ATOM 531  N N   . VAL A 1 90  ? 4.318   -14.717 9.593   1.00 7.99  ? 71  VAL B N   1 
ATOM 532  C CA  . VAL A 1 90  ? 4.139   -14.006 10.860  1.00 9.39  ? 71  VAL B CA  1 
ATOM 533  C C   . VAL A 1 90  ? 5.500   -13.521 11.413  1.00 8.98  ? 71  VAL B C   1 
ATOM 534  O O   . VAL A 1 90  ? 5.581   -12.483 12.056  1.00 9.19  ? 71  VAL B O   1 
ATOM 535  C CB  . VAL A 1 90  ? 3.338   -14.848 11.882  1.00 9.50  ? 71  VAL B CB  1 
ATOM 536  C CG1 . VAL A 1 90  ? 3.301   -14.148 13.234  1.00 11.48 ? 71  VAL B CG1 1 
ATOM 537  C CG2 . VAL A 1 90  ? 1.914   -15.067 11.362  1.00 10.56 ? 71  VAL B CG2 1 
ATOM 538  N N   . GLU A 1 91  ? 6.568   -14.249 11.115  1.00 8.74  ? 72  GLU B N   1 
ATOM 539  C CA  . GLU A 1 91  ? 7.900   -13.828 11.539  1.00 9.17  ? 72  GLU B CA  1 
ATOM 540  C C   . GLU A 1 91  ? 8.287   -12.492 10.949  1.00 7.79  ? 72  GLU B C   1 
ATOM 541  O O   . GLU A 1 91  ? 8.851   -11.664 11.646  1.00 7.22  ? 72  GLU B O   1 
ATOM 542  C CB  . GLU A 1 91  ? 8.930   -14.869 11.159  1.00 9.94  ? 72  GLU B CB  1 
ATOM 543  C CG  . GLU A 1 91  ? 8.903   -16.071 12.076  1.00 15.45 ? 72  GLU B CG  1 
ATOM 544  C CD  . GLU A 1 91  ? 8.068   -17.212 11.537  1.00 18.87 ? 72  GLU B CD  1 
ATOM 545  O OE1 . GLU A 1 91  ? 8.540   -18.353 11.687  1.00 24.89 ? 72  GLU B OE1 1 
ATOM 546  O OE2 . GLU A 1 91  ? 6.967   -17.001 10.963  1.00 20.84 ? 72  GLU B OE2 1 
ATOM 547  N N   . GLN A 1 92  ? 7.951   -12.281 9.670   1.00 6.50  ? 73  GLN B N   1 
ATOM 548  C CA  . GLN A 1 92  ? 8.202   -10.995 8.990   1.00 5.95  ? 73  GLN B CA  1 
ATOM 549  C C   . GLN A 1 92  ? 7.305   -9.935  9.565   1.00 4.63  ? 73  GLN B C   1 
ATOM 550  O O   . GLN A 1 92  ? 7.706   -8.802  9.769   1.00 4.48  ? 73  GLN B O   1 
ATOM 551  C CB  . GLN A 1 92  ? 7.876   -11.111 7.496   1.00 6.18  ? 73  GLN B CB  1 
ATOM 552  C CG  . GLN A 1 92  ? 8.915   -11.802 6.635   1.00 8.13  ? 73  GLN B CG  1 
ATOM 553  C CD  . GLN A 1 92  ? 8.481   -11.811 5.182   1.00 9.27  ? 73  GLN B CD  1 
ATOM 554  O OE1 . GLN A 1 92  ? 7.295   -11.882 4.889   1.00 10.35 ? 73  GLN B OE1 1 
ATOM 555  N NE2 . GLN A 1 92  ? 9.444   -11.760 4.269   1.00 11.75 ? 73  GLN B NE2 1 
ATOM 556  N N   . CYS A 1 93  ? 6.054   -10.312 9.814   1.00 5.04  ? 74  CYS B N   1 
ATOM 557  C CA  . CYS A 1 93  ? 5.108   -9.400  10.417  1.00 4.57  ? 74  CYS B CA  1 
ATOM 558  C C   . CYS A 1 93  ? 5.591   -8.893  11.777  1.00 3.76  ? 74  CYS B C   1 
ATOM 559  O O   . CYS A 1 93  ? 5.529   -7.702  12.056  1.00 3.11  ? 74  CYS B O   1 
ATOM 560  C CB  . CYS A 1 93  ? 3.743   -10.085 10.539  1.00 4.96  ? 74  CYS B CB  1 
ATOM 561  S SG  . CYS A 1 93  ? 2.504   -8.871  10.773  1.00 8.03  ? 74  CYS B SG  1 
ATOM 562  N N   . ARG A 1 94  ? 6.079   -9.800  12.623  1.00 4.10  ? 75  ARG B N   1 
ATOM 563  C CA  . ARG A 1 94  ? 6.637   -9.429  13.924  1.00 4.45  ? 75  ARG B CA  1 
ATOM 564  C C   . ARG A 1 94  ? 7.799   -8.435  13.795  1.00 4.32  ? 75  ARG B C   1 
ATOM 565  O O   . ARG A 1 94  ? 7.827   -7.393  14.466  1.00 4.06  ? 75  ARG B O   1 
ATOM 566  C CB  . ARG A 1 94  ? 7.087   -10.686 14.672  1.00 4.83  ? 75  ARG B CB  1 
ATOM 567  C CG  . ARG A 1 94  ? 7.765   -10.405 16.019  1.00 6.87  ? 75  ARG B CG  1 
ATOM 568  C CD  . ARG A 1 94  ? 8.022   -11.686 16.821  1.00 8.51  ? 75  ARG B CD  1 
ATOM 569  N NE  . ARG A 1 94  ? 6.755   -12.278 17.280  1.00 16.98 ? 75  ARG B NE  1 
ATOM 570  C CZ  . ARG A 1 94  ? 6.132   -11.915 18.406  1.00 19.02 ? 75  ARG B CZ  1 
ATOM 571  N NH1 . ARG A 1 94  ? 6.659   -10.979 19.190  1.00 21.29 ? 75  ARG B NH1 1 
ATOM 572  N NH2 . ARG A 1 94  ? 4.988   -12.490 18.750  1.00 20.13 ? 75  ARG B NH2 1 
ATOM 573  N N   . LYS A 1 95  ? 8.755   -8.734  12.929  1.00 3.42  ? 76  LYS B N   1 
ATOM 574  C CA  . LYS A 1 95  ? 9.886   -7.804  12.718  1.00 3.77  ? 76  LYS B CA  1 
ATOM 575  C C   . LYS A 1 95  ? 9.458   -6.412  12.272  1.00 2.65  ? 76  LYS B C   1 
ATOM 576  O O   . LYS A 1 95  ? 9.931   -5.403  12.802  1.00 2.88  ? 76  LYS B O   1 
ATOM 577  C CB  . LYS A 1 95  ? 10.827  -8.389  11.674  1.00 4.01  ? 76  LYS B CB  1 
ATOM 578  C CG  . LYS A 1 95  ? 11.546  -9.595  12.095  1.00 8.14  ? 76  LYS B CG  1 
ATOM 579  C CD  . LYS A 1 95  ? 12.466  -9.977  10.984  1.00 13.66 ? 76  LYS B CD  1 
ATOM 580  C CE  . LYS A 1 95  ? 13.034  -11.341 11.223  1.00 15.77 ? 76  LYS B CE  1 
ATOM 581  N NZ  . LYS A 1 95  ? 13.884  -11.715 10.071  1.00 20.06 ? 76  LYS B NZ  1 
ATOM 582  N N   . ALA A 1 96  ? 8.534   -6.347  11.304  1.00 3.19  ? 77  ALA B N   1 
ATOM 583  C CA  . ALA A 1 96  ? 8.007   -5.070  10.834  1.00 2.78  ? 77  ALA B CA  1 
ATOM 584  C C   . ALA A 1 96  ? 7.363   -4.253  11.963  1.00 3.72  ? 77  ALA B C   1 
ATOM 585  O O   . ALA A 1 96  ? 7.712   -3.081  12.176  1.00 3.04  ? 77  ALA B O   1 
ATOM 586  C CB  . ALA A 1 96  ? 6.984   -5.301  9.708   1.00 2.63  ? 77  ALA B CB  1 
ATOM 587  N N   . VAL A 1 97  ? 6.448   -4.887  12.699  1.00 4.68  ? 78  VAL B N   1 
ATOM 588  C CA  . VAL A 1 97  ? 5.787   -4.223  13.848  1.00 6.32  ? 78  VAL B CA  1 
ATOM 589  C C   . VAL A 1 97  ? 6.812   -3.786  14.927  1.00 7.31  ? 78  VAL B C   1 
ATOM 590  O O   . VAL A 1 97  ? 6.743   -2.650  15.431  1.00 7.60  ? 78  VAL B O   1 
ATOM 591  C CB  . VAL A 1 97  ? 4.652   -5.119  14.440  1.00 6.39  ? 78  VAL B CB  1 
ATOM 592  C CG1 . VAL A 1 97  ? 4.022   -4.473  15.677  1.00 7.69  ? 78  VAL B CG1 1 
ATOM 593  C CG2 . VAL A 1 97  ? 3.593   -5.411  13.392  1.00 5.08  ? 78  VAL B CG2 1 
ATOM 594  N N   . GLU A 1 98  ? 7.769   -4.672  15.232  1.00 8.49  ? 79  GLU B N   1 
ATOM 595  C CA  . GLU A 1 98  ? 8.839   -4.411  16.207  1.00 10.29 ? 79  GLU B CA  1 
ATOM 596  C C   . GLU A 1 98  ? 9.644   -3.201  15.785  1.00 10.08 ? 79  GLU B C   1 
ATOM 597  O O   . GLU A 1 98  ? 10.113  -2.436  16.628  1.00 9.08  ? 79  GLU B O   1 
ATOM 598  C CB  . GLU A 1 98  ? 9.801   -5.606  16.353  1.00 10.78 ? 79  GLU B CB  1 
ATOM 599  C CG  . GLU A 1 98  ? 9.306   -6.731  17.285  1.00 13.82 ? 79  GLU B CG  1 
ATOM 600  C CD  . GLU A 1 98  ? 10.143  -8.027  17.216  1.00 14.95 ? 79  GLU B CD  1 
ATOM 601  O OE1 . GLU A 1 98  ? 11.167  -8.108  16.481  1.00 17.31 ? 79  GLU B OE1 1 
ATOM 602  O OE2 . GLU A 1 98  ? 9.744   -8.997  17.902  1.00 20.67 ? 79  GLU B OE2 1 
ATOM 603  N N   . SER A 1 99  ? 9.778   -3.007  14.471  1.00 9.96  ? 80  SER B N   1 
ATOM 604  C CA  . SER A 1 99  ? 10.583  -1.878  13.960  1.00 10.85 ? 80  SER B CA  1 
ATOM 605  C C   . SER A 1 99  ? 9.765   -0.610  13.692  1.00 9.25  ? 80  SER B C   1 
ATOM 606  O O   . SER A 1 99  ? 10.294  0.385   13.193  1.00 10.28 ? 80  SER B O   1 
ATOM 607  C CB  . SER A 1 99  ? 11.392  -2.297  12.727  1.00 10.50 ? 80  SER B CB  1 
ATOM 608  O OG  . SER A 1 99  ? 10.529  -2.291  11.600  1.00 15.39 ? 80  SER B OG  1 
ATOM 609  N N   . GLY A 1 100 ? 8.481   -0.628  14.035  1.00 8.75  ? 81  GLY B N   1 
ATOM 610  C CA  . GLY A 1 100 ? 7.657   0.581   13.976  1.00 7.64  ? 81  GLY B CA  1 
ATOM 611  C C   . GLY A 1 100 ? 6.662   0.693   12.842  1.00 7.29  ? 81  GLY B C   1 
ATOM 612  O O   . GLY A 1 100 ? 6.047   1.747   12.639  1.00 7.19  ? 81  GLY B O   1 
ATOM 613  N N   . ALA A 1 101 ? 6.430   -0.402  12.116  1.00 7.70  ? 82  ALA B N   1 
ATOM 614  C CA  . ALA A 1 101 ? 5.433   -0.376  11.058  1.00 6.42  ? 82  ALA B CA  1 
ATOM 615  C C   . ALA A 1 101 ? 4.054   -0.045  11.613  1.00 6.73  ? 82  ALA B C   1 
ATOM 616  O O   . ALA A 1 101 ? 3.595   -0.671  12.565  1.00 7.07  ? 82  ALA B O   1 
ATOM 617  C CB  . ALA A 1 101 ? 5.384   -1.714  10.318  1.00 6.51  ? 82  ALA B CB  1 
ATOM 618  N N   . GLU A 1 102 ? 3.404   0.925   10.984  1.00 5.74  ? 83  GLU B N   1 
ATOM 619  C CA  . GLU A 1 102 ? 2.090   1.400   11.374  1.00 6.64  ? 83  GLU B CA  1 
ATOM 620  C C   . GLU A 1 102 ? 0.979   0.670   10.637  1.00 5.64  ? 83  GLU B C   1 
ATOM 621  O O   . GLU A 1 102 ? -0.209  0.825   10.963  1.00 6.07  ? 83  GLU B O   1 
ATOM 622  C CB  . GLU A 1 102 ? 2.009   2.895   11.109  1.00 6.95  ? 83  GLU B CB  1 
ATOM 623  C CG  . GLU A 1 102 ? 3.104   3.649   11.858  1.00 10.84 ? 83  GLU B CG  1 
ATOM 624  C CD  . GLU A 1 102 ? 3.151   5.130   11.541  1.00 15.29 ? 83  GLU B CD  1 
ATOM 625  O OE1 . GLU A 1 102 ? 4.018   5.554   10.750  1.00 16.49 ? 83  GLU B OE1 1 
ATOM 626  O OE2 . GLU A 1 102 ? 2.323   5.876   12.089  1.00 19.18 ? 83  GLU B OE2 1 
ATOM 627  N N   . PHE A 1 103 ? 1.349   -0.094  9.602   1.00 4.37  ? 84  PHE B N   1 
ATOM 628  C CA  . PHE A 1 103 ? 0.376   -0.901  8.866   1.00 2.55  ? 84  PHE B CA  1 
ATOM 629  C C   . PHE A 1 103 ? 1.113   -2.040  8.147   1.00 2.04  ? 84  PHE B C   1 
ATOM 630  O O   . PHE A 1 103 ? 2.325   -1.912  7.895   1.00 2.00  ? 84  PHE B O   1 
ATOM 631  C CB  . PHE A 1 103 ? -0.503  -0.054  7.908   1.00 3.81  ? 84  PHE B CB  1 
ATOM 632  C CG  . PHE A 1 103 ? 0.258   0.595   6.776   1.00 4.81  ? 84  PHE B CG  1 
ATOM 633  C CD1 . PHE A 1 103 ? 0.465   -0.100  5.569   1.00 7.38  ? 84  PHE B CD1 1 
ATOM 634  C CD2 . PHE A 1 103 ? 0.757   1.878   6.904   1.00 4.22  ? 84  PHE B CD2 1 
ATOM 635  C CE1 . PHE A 1 103 ? 1.189   0.480   4.536   1.00 9.20  ? 84  PHE B CE1 1 
ATOM 636  C CE2 . PHE A 1 103 ? 1.467   2.482   5.875   1.00 6.34  ? 84  PHE B CE2 1 
ATOM 637  C CZ  . PHE A 1 103 ? 1.681   1.798   4.681   1.00 4.73  ? 84  PHE B CZ  1 
ATOM 638  N N   . ILE A 1 104 ? 0.416   -3.153  7.920   1.00 2.00  ? 85  ILE B N   1 
ATOM 639  C CA  . ILE A 1 104 ? 0.958   -4.341  7.244   1.00 2.00  ? 85  ILE B CA  1 
ATOM 640  C C   . ILE A 1 104 ? 0.132   -4.620  5.963   1.00 2.00  ? 85  ILE B C   1 
ATOM 641  O O   . ILE A 1 104 ? -1.121  -4.598  5.970   1.00 2.00  ? 85  ILE B O   1 
ATOM 642  C CB  . ILE A 1 104 ? 0.947   -5.581  8.187   1.00 2.00  ? 85  ILE B CB  1 
ATOM 643  C CG1 . ILE A 1 104 ? 1.690   -5.314  9.511   1.00 2.00  ? 85  ILE B CG1 1 
ATOM 644  C CG2 . ILE A 1 104 ? 1.397   -6.906  7.480   1.00 2.02  ? 85  ILE B CG2 1 
ATOM 645  C CD1 . ILE A 1 104 ? 3.253   -5.087  9.382   1.00 2.00  ? 85  ILE B CD1 1 
ATOM 646  N N   . VAL A 1 105 ? 0.840   -4.883  4.866   1.00 2.00  ? 86  VAL B N   1 
ATOM 647  C CA  . VAL A 1 105 ? 0.200   -5.179  3.575   1.00 2.00  ? 86  VAL B CA  1 
ATOM 648  C C   . VAL A 1 105 ? 0.799   -6.482  3.071   1.00 2.00  ? 86  VAL B C   1 
ATOM 649  O O   . VAL A 1 105 ? 1.988   -6.723  3.246   1.00 2.00  ? 86  VAL B O   1 
ATOM 650  C CB  . VAL A 1 105 ? 0.407   -4.022  2.538   1.00 2.00  ? 86  VAL B CB  1 
ATOM 651  C CG1 . VAL A 1 105 ? -0.378  -4.298  1.247   1.00 2.43  ? 86  VAL B CG1 1 
ATOM 652  C CG2 . VAL A 1 105 ? -0.027  -2.712  3.115   1.00 2.94  ? 86  VAL B CG2 1 
ATOM 653  N N   . SER A 1 106 ? -0.027  -7.347  2.501   1.00 2.00  ? 87  SER B N   1 
ATOM 654  C CA  . SER A 1 106 ? 0.481   -8.517  1.824   1.00 2.00  ? 87  SER B CA  1 
ATOM 655  C C   . SER A 1 106 ? -0.117  -8.648  0.422   1.00 2.00  ? 87  SER B C   1 
ATOM 656  O O   . SER A 1 106 ? -1.165  -8.115  0.150   1.00 2.00  ? 87  SER B O   1 
ATOM 657  C CB  . SER A 1 106 ? 0.241   -9.776  2.645   1.00 2.00  ? 87  SER B CB  1 
ATOM 658  O OG  . SER A 1 106 ? -1.139  -9.968  2.830   1.00 2.90  ? 87  SER B OG  1 
ATOM 659  N N   . PRO A 1 107 ? 0.562   -9.389  -0.487  1.00 2.35  ? 88  PRO B N   1 
ATOM 660  C CA  . PRO A 1 107 ? -0.090  -9.600  -1.812  1.00 2.08  ? 88  PRO B CA  1 
ATOM 661  C C   . PRO A 1 107 ? -1.281  -10.560 -1.784  1.00 2.68  ? 88  PRO B C   1 
ATOM 662  O O   . PRO A 1 107 ? -2.036  -10.587 -2.741  1.00 3.16  ? 88  PRO B O   1 
ATOM 663  C CB  . PRO A 1 107 ? 0.978   -10.309 -2.646  1.00 2.66  ? 88  PRO B CB  1 
ATOM 664  C CG  . PRO A 1 107 ? 2.157   -10.568 -1.747  1.00 2.79  ? 88  PRO B CG  1 
ATOM 665  C CD  . PRO A 1 107 ? 1.899   -9.973  -0.381  1.00 3.24  ? 88  PRO B CD  1 
ATOM 666  N N   . HIS A 1 108 ? -1.359  -11.394 -0.748  1.00 3.19  ? 89  HIS B N   1 
ATOM 667  C CA  . HIS A 1 108 ? -2.334  -12.478 -0.620  1.00 2.64  ? 89  HIS B CA  1 
ATOM 668  C C   . HIS A 1 108 ? -3.175  -12.336 0.668   1.00 4.21  ? 89  HIS B C   1 
ATOM 669  O O   . HIS A 1 108 ? -2.932  -11.452 1.485   1.00 4.12  ? 89  HIS B O   1 
ATOM 670  C CB  . HIS A 1 108 ? -1.583  -13.798 -0.528  1.00 2.00  ? 89  HIS B CB  1 
ATOM 671  C CG  . HIS A 1 108 ? -0.751  -13.922 0.710   1.00 2.90  ? 89  HIS B CG  1 
ATOM 672  N ND1 . HIS A 1 108 ? 0.166   -12.971 1.085   1.00 2.00  ? 89  HIS B ND1 1 
ATOM 673  C CD2 . HIS A 1 108 ? -0.685  -14.896 1.650   1.00 2.00  ? 89  HIS B CD2 1 
ATOM 674  C CE1 . HIS A 1 108 ? 0.765   -13.345 2.204   1.00 2.00  ? 89  HIS B CE1 1 
ATOM 675  N NE2 . HIS A 1 108 ? 0.249   -14.503 2.577   1.00 2.00  ? 89  HIS B NE2 1 
ATOM 676  N N   . LEU A 1 109 ? -4.139  -13.228 0.882   1.00 4.56  ? 90  LEU B N   1 
ATOM 677  C CA  . LEU A 1 109 ? -4.875  -13.215 2.144   1.00 5.70  ? 90  LEU B CA  1 
ATOM 678  C C   . LEU A 1 109 ? -4.241  -14.247 3.042   1.00 5.90  ? 90  LEU B C   1 
ATOM 679  O O   . LEU A 1 109 ? -4.236  -15.440 2.709   1.00 5.30  ? 90  LEU B O   1 
ATOM 680  C CB  . LEU A 1 109 ? -6.345  -13.579 1.903   1.00 7.04  ? 90  LEU B CB  1 
ATOM 681  C CG  . LEU A 1 109 ? -7.284  -13.819 3.113   1.00 9.42  ? 90  LEU B CG  1 
ATOM 682  C CD1 . LEU A 1 109 ? -7.376  -12.562 3.990   1.00 11.01 ? 90  LEU B CD1 1 
ATOM 683  C CD2 . LEU A 1 109 ? -8.687  -14.190 2.587   1.00 7.45  ? 90  LEU B CD2 1 
ATOM 684  N N   . ASP A 1 110 ? -3.719  -13.804 4.180   1.00 7.12  ? 91  ASP B N   1 
ATOM 685  C CA  . ASP A 1 110 ? -3.027  -14.697 5.120   1.00 8.45  ? 91  ASP B CA  1 
ATOM 686  C C   . ASP A 1 110 ? -3.776  -14.734 6.475   1.00 8.71  ? 91  ASP B C   1 
ATOM 687  O O   . ASP A 1 110 ? -3.745  -13.775 7.222   1.00 6.98  ? 91  ASP B O   1 
ATOM 688  C CB  . ASP A 1 110 ? -1.582  -14.213 5.321   1.00 8.33  ? 91  ASP B CB  1 
ATOM 689  C CG  . ASP A 1 110 ? -0.669  -15.301 5.865   1.00 13.08 ? 91  ASP B CG  1 
ATOM 690  O OD1 . ASP A 1 110 ? 0.297   -15.705 5.163   1.00 17.45 ? 91  ASP B OD1 1 
ATOM 691  O OD2 . ASP A 1 110 ? -0.902  -15.759 6.999   1.00 14.68 ? 91  ASP B OD2 1 
ATOM 692  N N   . GLU A 1 111 ? -4.438  -15.850 6.779   1.00 9.82  ? 92  GLU B N   1 
ATOM 693  C CA  . GLU A 1 111 ? -5.182  -15.984 8.037   1.00 11.17 ? 92  GLU B CA  1 
ATOM 694  C C   . GLU A 1 111 ? -4.301  -15.787 9.257   1.00 10.40 ? 92  GLU B C   1 
ATOM 695  O O   . GLU A 1 111 ? -4.752  -15.215 10.245  1.00 10.87 ? 92  GLU B O   1 
ATOM 696  C CB  . GLU A 1 111 ? -5.824  -17.370 8.166   1.00 12.01 ? 92  GLU B CB  1 
ATOM 697  C CG  . GLU A 1 111 ? -6.911  -17.676 7.185   1.00 17.20 ? 92  GLU B CG  1 
ATOM 698  C CD  . GLU A 1 111 ? -7.135  -19.172 7.075   1.00 25.82 ? 92  GLU B CD  1 
ATOM 699  O OE1 . GLU A 1 111 ? -7.787  -19.744 7.981   1.00 29.79 ? 92  GLU B OE1 1 
ATOM 700  O OE2 . GLU A 1 111 ? -6.655  -19.792 6.094   1.00 29.37 ? 92  GLU B OE2 1 
ATOM 701  N N   . GLU A 1 112 ? -3.067  -16.287 9.196   1.00 9.94  ? 93  GLU B N   1 
ATOM 702  C CA  . GLU A 1 112 ? -2.135  -16.229 10.330  1.00 9.65  ? 93  GLU B CA  1 
ATOM 703  C C   . GLU A 1 112 ? -1.680  -14.799 10.587  1.00 8.85  ? 93  GLU B C   1 
ATOM 704  O O   . GLU A 1 112 ? -1.519  -14.365 11.738  1.00 8.26  ? 93  GLU B O   1 
ATOM 705  C CB  . GLU A 1 112 ? -0.908  -17.144 10.079  1.00 10.34 ? 93  GLU B CB  1 
ATOM 706  C CG  . GLU A 1 112 ? -1.219  -18.651 9.962   1.00 15.75 ? 93  GLU B CG  1 
ATOM 707  C CD  . GLU A 1 112 ? -1.476  -19.146 8.518   1.00 22.92 ? 93  GLU B CD  1 
ATOM 708  O OE1 . GLU A 1 112 ? -1.869  -18.340 7.631   1.00 25.61 ? 93  GLU B OE1 1 
ATOM 709  O OE2 . GLU A 1 112 ? -1.296  -20.370 8.274   1.00 26.05 ? 93  GLU B OE2 1 
ATOM 710  N N   . ILE A 1 113 ? -1.434  -14.069 9.505   1.00 8.00  ? 94  ILE B N   1 
ATOM 711  C CA  . ILE A 1 113 ? -1.063  -12.649 9.625   1.00 7.39  ? 94  ILE B CA  1 
ATOM 712  C C   . ILE A 1 113 ? -2.283  -11.833 10.075  1.00 6.72  ? 94  ILE B C   1 
ATOM 713  O O   . ILE A 1 113 ? -2.145  -10.943 10.919  1.00 6.56  ? 94  ILE B O   1 
ATOM 714  C CB  . ILE A 1 113 ? -0.410  -12.090 8.310   1.00 7.54  ? 94  ILE B CB  1 
ATOM 715  C CG1 . ILE A 1 113 ? 0.950   -12.770 8.075   1.00 8.44  ? 94  ILE B CG1 1 
ATOM 716  C CG2 . ILE A 1 113 ? -0.273  -10.525 8.342   1.00 7.01  ? 94  ILE B CG2 1 
ATOM 717  C CD1 . ILE A 1 113 ? 1.542   -12.564 6.665   1.00 9.85  ? 94  ILE B CD1 1 
ATOM 718  N N   . SER A 1 114 ? -3.460  -12.128 9.522   1.00 6.74  ? 95  SER B N   1 
ATOM 719  C CA  . SER A 1 114 ? -4.705  -11.493 10.003  1.00 7.58  ? 95  SER B CA  1 
ATOM 720  C C   . SER A 1 114 ? -4.825  -11.579 11.545  1.00 8.24  ? 95  SER B C   1 
ATOM 721  O O   . SER A 1 114 ? -4.989  -10.559 12.228  1.00 7.50  ? 95  SER B O   1 
ATOM 722  C CB  . SER A 1 114 ? -5.962  -12.094 9.342   1.00 7.73  ? 95  SER B CB  1 
ATOM 723  O OG  . SER A 1 114 ? -7.075  -11.246 9.605   1.00 9.06  ? 95  SER B OG  1 
ATOM 724  N N   . GLN A 1 115 ? -4.723  -12.800 12.071  1.00 8.78  ? 96  GLN B N   1 
ATOM 725  C CA  . GLN A 1 115 ? -4.833  -13.057 13.519  1.00 10.19 ? 96  GLN B CA  1 
ATOM 726  C C   . GLN A 1 115 ? -3.789  -12.365 14.381  1.00 9.95  ? 96  GLN B C   1 
ATOM 727  O O   . GLN A 1 115 ? -4.112  -11.769 15.412  1.00 10.30 ? 96  GLN B O   1 
ATOM 728  C CB  . GLN A 1 115 ? -4.794  -14.563 13.780  1.00 10.24 ? 96  GLN B CB  1 
ATOM 729  C CG  . GLN A 1 115 ? -6.027  -15.292 13.266  1.00 14.27 ? 96  GLN B CG  1 
ATOM 730  C CD  . GLN A 1 115 ? -7.321  -14.607 13.686  1.00 19.18 ? 96  GLN B CD  1 
ATOM 731  O OE1 . GLN A 1 115 ? -7.538  -14.353 14.884  1.00 21.00 ? 96  GLN B OE1 1 
ATOM 732  N NE2 . GLN A 1 115 ? -8.178  -14.288 12.706  1.00 16.64 ? 96  GLN B NE2 1 
ATOM 733  N N   . PHE A 1 116 ? -2.524  -12.476 13.981  1.00 9.45  ? 97  PHE B N   1 
ATOM 734  C CA  . PHE A 1 116 ? -1.442  -11.752 14.633  1.00 9.59  ? 97  PHE B CA  1 
ATOM 735  C C   . PHE A 1 116 ? -1.657  -10.236 14.679  1.00 9.80  ? 97  PHE B C   1 
ATOM 736  O O   . PHE A 1 116 ? -1.422  -9.614  15.696  1.00 9.08  ? 97  PHE B O   1 
ATOM 737  C CB  . PHE A 1 116 ? -0.115  -12.066 13.939  1.00 9.48  ? 97  PHE B CB  1 
ATOM 738  C CG  . PHE A 1 116 ? 1.060   -11.331 14.511  1.00 9.14  ? 97  PHE B CG  1 
ATOM 739  C CD1 . PHE A 1 116 ? 1.816   -11.892 15.528  1.00 8.60  ? 97  PHE B CD1 1 
ATOM 740  C CD2 . PHE A 1 116 ? 1.422   -10.085 14.010  1.00 7.90  ? 97  PHE B CD2 1 
ATOM 741  C CE1 . PHE A 1 116 ? 2.904   -11.223 16.049  1.00 10.12 ? 97  PHE B CE1 1 
ATOM 742  C CE2 . PHE A 1 116 ? 2.526   -9.398  14.524  1.00 9.90  ? 97  PHE B CE2 1 
ATOM 743  C CZ  . PHE A 1 116 ? 3.267   -9.975  15.541  1.00 9.54  ? 97  PHE B CZ  1 
ATOM 744  N N   . CYS A 1 117 ? -2.073  -9.651  13.561  1.00 9.68  ? 98  CYS B N   1 
ATOM 745  C CA  . CYS A 1 117 ? -2.308  -8.212  13.491  1.00 9.76  ? 98  CYS B CA  1 
ATOM 746  C C   . CYS A 1 117 ? -3.519  -7.797  14.322  1.00 10.87 ? 98  CYS B C   1 
ATOM 747  O O   . CYS A 1 117 ? -3.540  -6.695  14.849  1.00 10.99 ? 98  CYS B O   1 
ATOM 748  C CB  . CYS A 1 117 ? -2.523  -7.778  12.027  1.00 9.37  ? 98  CYS B CB  1 
ATOM 749  S SG  . CYS A 1 117 ? -0.921  -7.681  11.148  1.00 6.88  ? 98  CYS B SG  1 
ATOM 750  N N   . LYS A 1 118 ? -4.517  -8.684  14.409  1.00 11.39 ? 99  LYS B N   1 
ATOM 751  C CA  . LYS A 1 118 ? -5.668  -8.460  15.272  1.00 13.22 ? 99  LYS B CA  1 
ATOM 752  C C   . LYS A 1 118 ? -5.303  -8.392  16.759  1.00 13.90 ? 99  LYS B C   1 
ATOM 753  O O   . LYS A 1 118 ? -5.746  -7.494  17.463  1.00 14.13 ? 99  LYS B O   1 
ATOM 754  C CB  . LYS A 1 118 ? -6.735  -9.530  15.038  1.00 14.03 ? 99  LYS B CB  1 
ATOM 755  C CG  . LYS A 1 118 ? -7.911  -9.413  15.990  1.00 15.94 ? 99  LYS B CG  1 
ATOM 756  C CD  . LYS A 1 118 ? -9.163  -9.758  15.300  1.00 17.89 ? 99  LYS B CD  1 
ATOM 757  C CE  . LYS A 1 118 ? -9.175  -11.203 14.844  1.00 18.38 ? 99  LYS B CE  1 
ATOM 758  N NZ  . LYS A 1 118 ? -10.377 -11.390 14.002  1.00 22.26 ? 99  LYS B NZ  1 
ATOM 759  N N   . GLU A 1 119 ? -4.482  -9.338  17.213  1.00 14.52 ? 100 GLU B N   1 
ATOM 760  C CA  . GLU A 1 119 ? -4.039  -9.381  18.609  1.00 16.01 ? 100 GLU B CA  1 
ATOM 761  C C   . GLU A 1 119 ? -3.104  -8.232  18.935  1.00 16.13 ? 100 GLU B C   1 
ATOM 762  O O   . GLU A 1 119 ? -3.120  -7.692  20.058  1.00 16.55 ? 100 GLU B O   1 
ATOM 763  C CB  . GLU A 1 119 ? -3.317  -10.691 18.901  1.00 15.84 ? 100 GLU B CB  1 
ATOM 764  C CG  . GLU A 1 119 ? -4.179  -11.958 18.740  1.00 17.33 ? 100 GLU B CG  1 
ATOM 765  C CD  . GLU A 1 119 ? -3.339  -13.222 18.909  1.00 17.96 ? 100 GLU B CD  1 
ATOM 766  O OE1 . GLU A 1 119 ? -3.810  -14.327 18.565  1.00 20.38 ? 100 GLU B OE1 1 
ATOM 767  O OE2 . GLU A 1 119 ? -2.185  -13.094 19.364  1.00 20.61 ? 100 GLU B OE2 1 
ATOM 768  N N   . LYS A 1 120 ? -2.271  -7.876  17.959  1.00 16.17 ? 101 LYS B N   1 
ATOM 769  C CA  . LYS A 1 120 ? -1.268  -6.819  18.127  1.00 15.75 ? 101 LYS B CA  1 
ATOM 770  C C   . LYS A 1 120 ? -1.861  -5.421  17.975  1.00 15.15 ? 101 LYS B C   1 
ATOM 771  O O   . LYS A 1 120 ? -1.221  -4.427  18.333  1.00 16.20 ? 101 LYS B O   1 
ATOM 772  C CB  . LYS A 1 120 ? -0.119  -7.030  17.134  1.00 15.68 ? 101 LYS B CB  1 
ATOM 773  C CG  . LYS A 1 120 ? 1.125   -6.226  17.395  1.00 16.89 ? 101 LYS B CG  1 
ATOM 774  C CD  . LYS A 1 120 ? 1.765   -6.557  18.734  1.00 17.20 ? 101 LYS B CD  1 
ATOM 775  C CE  . LYS A 1 120 ? 2.537   -7.882  18.726  1.00 17.30 ? 101 LYS B CE  1 
ATOM 776  N NZ  . LYS A 1 120 ? 3.259   -7.945  20.054  1.00 17.40 ? 101 LYS B NZ  1 
ATOM 777  N N   . GLY A 1 121 ? -3.078  -5.345  17.460  1.00 14.58 ? 102 GLY B N   1 
ATOM 778  C CA  . GLY A 1 121 ? -3.740  -4.066  17.209  1.00 13.70 ? 102 GLY B CA  1 
ATOM 779  C C   . GLY A 1 121 ? -3.100  -3.200  16.120  1.00 12.76 ? 102 GLY B C   1 
ATOM 780  O O   . GLY A 1 121 ? -2.948  -1.974  16.285  1.00 12.32 ? 102 GLY B O   1 
ATOM 781  N N   . VAL A 1 122 ? -2.743  -3.842  15.000  1.00 11.30 ? 103 VAL B N   1 
ATOM 782  C CA  . VAL A 1 122 ? -2.094  -3.163  13.871  1.00 9.29  ? 103 VAL B CA  1 
ATOM 783  C C   . VAL A 1 122 ? -2.928  -3.415  12.624  1.00 7.40  ? 103 VAL B C   1 
ATOM 784  O O   . VAL A 1 122 ? -3.444  -4.520  12.445  1.00 6.86  ? 103 VAL B O   1 
ATOM 785  C CB  . VAL A 1 122 ? -0.667  -3.687  13.664  1.00 9.36  ? 103 VAL B CB  1 
ATOM 786  C CG1 . VAL A 1 122 ? -0.029  -3.041  12.454  1.00 10.64 ? 103 VAL B CG1 1 
ATOM 787  C CG2 . VAL A 1 122 ? 0.171   -3.384  14.893  1.00 9.90  ? 103 VAL B CG2 1 
ATOM 788  N N   . PHE A 1 123 ? -3.081  -2.391  11.789  1.00 5.64  ? 104 PHE B N   1 
ATOM 789  C CA  . PHE A 1 123 ? -3.911  -2.479  10.598  1.00 6.23  ? 104 PHE B CA  1 
ATOM 790  C C   . PHE A 1 123 ? -3.252  -3.392  9.564   1.00 5.23  ? 104 PHE B C   1 
ATOM 791  O O   . PHE A 1 123 ? -2.072  -3.209  9.262   1.00 5.42  ? 104 PHE B O   1 
ATOM 792  C CB  . PHE A 1 123 ? -4.156  -1.087  10.003  1.00 6.89  ? 104 PHE B CB  1 
ATOM 793  C CG  . PHE A 1 123 ? -5.016  -1.110  8.751   1.00 10.01 ? 104 PHE B CG  1 
ATOM 794  C CD1 . PHE A 1 123 ? -6.403  -1.307  8.829   1.00 10.46 ? 104 PHE B CD1 1 
ATOM 795  C CD2 . PHE A 1 123 ? -4.438  -0.963  7.489   1.00 11.77 ? 104 PHE B CD2 1 
ATOM 796  C CE1 . PHE A 1 123 ? -7.194  -1.344  7.675   1.00 11.94 ? 104 PHE B CE1 1 
ATOM 797  C CE2 . PHE A 1 123 ? -5.230  -1.002  6.332   1.00 11.62 ? 104 PHE B CE2 1 
ATOM 798  C CZ  . PHE A 1 123 ? -6.613  -1.191  6.433   1.00 10.87 ? 104 PHE B CZ  1 
ATOM 799  N N   . TYR A 1 124 ? -4.014  -4.363  9.073   1.00 4.87  ? 105 TYR B N   1 
ATOM 800  C CA  . TYR A 1 124 ? -3.587  -5.307  8.040   1.00 3.95  ? 105 TYR B CA  1 
ATOM 801  C C   . TYR A 1 124 ? -4.499  -5.207  6.824   1.00 3.95  ? 105 TYR B C   1 
ATOM 802  O O   . TYR A 1 124 ? -5.750  -5.287  6.917   1.00 4.00  ? 105 TYR B O   1 
ATOM 803  C CB  . TYR A 1 124 ? -3.617  -6.724  8.570   1.00 3.12  ? 105 TYR B CB  1 
ATOM 804  C CG  . TYR A 1 124 ? -3.376  -7.845  7.543   1.00 2.36  ? 105 TYR B CG  1 
ATOM 805  C CD1 . TYR A 1 124 ? -2.277  -7.803  6.657   1.00 2.25  ? 105 TYR B CD1 1 
ATOM 806  C CD2 . TYR A 1 124 ? -4.181  -8.974  7.521   1.00 2.00  ? 105 TYR B CD2 1 
ATOM 807  C CE1 . TYR A 1 124 ? -2.029  -8.821  5.736   1.00 2.00  ? 105 TYR B CE1 1 
ATOM 808  C CE2 . TYR A 1 124 ? -3.918  -10.041 6.630   1.00 4.60  ? 105 TYR B CE2 1 
ATOM 809  C CZ  . TYR A 1 124 ? -2.839  -9.953  5.733   1.00 3.97  ? 105 TYR B CZ  1 
ATOM 810  O OH  . TYR A 1 124 ? -2.605  -10.976 4.822   1.00 3.38  ? 105 TYR B OH  1 
ATOM 811  N N   . MET A 1 125 ? -3.867  -5.025  5.673   1.00 3.17  ? 106 MET B N   1 
ATOM 812  C CA  . MET A 1 125 ? -4.585  -5.010  4.408   1.00 4.62  ? 106 MET B CA  1 
ATOM 813  C C   . MET A 1 125 ? -4.131  -6.202  3.569   1.00 2.99  ? 106 MET B C   1 
ATOM 814  O O   . MET A 1 125 ? -3.102  -6.134  2.935   1.00 3.12  ? 106 MET B O   1 
ATOM 815  C CB  . MET A 1 125 ? -4.329  -3.681  3.675   1.00 3.34  ? 106 MET B CB  1 
ATOM 816  C CG  . MET A 1 125 ? -4.980  -3.658  2.300   1.00 5.67  ? 106 MET B CG  1 
ATOM 817  S SD  . MET A 1 125 ? -4.939  -2.025  1.571   1.00 11.04 ? 106 MET B SD  1 
ATOM 818  C CE  . MET A 1 125 ? -3.236  -1.875  1.070   1.00 9.58  ? 106 MET B CE  1 
ATOM 819  N N   . PRO A 1 126 ? -4.888  -7.311  3.586   1.00 2.94  ? 107 PRO B N   1 
ATOM 820  C CA  . PRO A 1 126 ? -4.557  -8.455  2.766   1.00 2.29  ? 107 PRO B CA  1 
ATOM 821  C C   . PRO A 1 126 ? -4.904  -8.161  1.301   1.00 2.42  ? 107 PRO B C   1 
ATOM 822  O O   . PRO A 1 126 ? -5.799  -7.349  1.017   1.00 3.98  ? 107 PRO B O   1 
ATOM 823  C CB  . PRO A 1 126 ? -5.514  -9.547  3.279   1.00 2.44  ? 107 PRO B CB  1 
ATOM 824  C CG  . PRO A 1 126 ? -6.737  -8.790  3.763   1.00 2.00  ? 107 PRO B CG  1 
ATOM 825  C CD  . PRO A 1 126 ? -6.144  -7.501  4.345   1.00 3.71  ? 107 PRO B CD  1 
ATOM 826  N N   . GLY A 1 127 ? -4.172  -8.792  0.393   1.00 3.11  ? 108 GLY B N   1 
ATOM 827  C CA  . GLY A 1 127 ? -4.526  -8.802  -1.033  1.00 3.27  ? 108 GLY B CA  1 
ATOM 828  C C   . GLY A 1 127 ? -5.430  -9.941  -1.433  1.00 2.57  ? 108 GLY B C   1 
ATOM 829  O O   . GLY A 1 127 ? -5.321  -11.081 -0.984  1.00 2.07  ? 108 GLY B O   1 
ATOM 830  N N   . VAL A 1 128 ? -6.336  -9.625  -2.341  1.00 2.96  ? 109 VAL B N   1 
ATOM 831  C CA  . VAL A 1 128 ? -7.328  -10.523 -2.795  1.00 4.37  ? 109 VAL B CA  1 
ATOM 832  C C   . VAL A 1 128 ? -7.454  -10.298 -4.327  1.00 4.02  ? 109 VAL B C   1 
ATOM 833  O O   . VAL A 1 128 ? -7.071  -9.223  -4.840  1.00 3.04  ? 109 VAL B O   1 
ATOM 834  C CB  . VAL A 1 128 ? -8.572  -10.015 -1.993  1.00 6.35  ? 109 VAL B CB  1 
ATOM 835  C CG1 . VAL A 1 128 ? -9.563  -9.183  -2.757  1.00 3.75  ? 109 VAL B CG1 1 
ATOM 836  C CG2 . VAL A 1 128 ? -8.940  -10.897 -0.751  1.00 7.54  ? 109 VAL B CG2 1 
ATOM 837  N N   . MET A 1 129 ? -7.934  -11.318 -5.009  1.00 4.24  ? 110 MET B N   1 
ATOM 838  C CA  . MET A 1 129 ? -8.130  -11.313 -6.465  1.00 6.26  ? 110 MET B CA  1 
ATOM 839  C C   . MET A 1 129 ? -9.447  -11.901 -6.921  1.00 5.11  ? 110 MET B C   1 
ATOM 840  O O   . MET A 1 129 ? -9.789  -11.864 -8.145  1.00 5.55  ? 110 MET B O   1 
ATOM 841  C CB  . MET A 1 129 ? -6.989  -12.106 -7.140  1.00 6.35  ? 110 MET B CB  1 
ATOM 842  C CG  . MET A 1 129 ? -6.776  -11.652 -8.598  1.00 10.63 ? 110 MET B CG  1 
ATOM 843  S SD  . MET A 1 129 ? -5.620  -12.693 -9.515  1.00 7.28  ? 110 MET B SD  1 
ATOM 844  C CE  . MET A 1 129 ? -6.682  -13.421 -10.721 1.00 6.44  ? 110 MET B CE  1 
ATOM 845  N N   . THR A 1 130 ? -10.194 -12.535 -6.006  1.00 3.54  ? 111 THR B N   1 
ATOM 846  C CA  . THR A 1 130 ? -11.430 -13.189 -6.406  1.00 3.46  ? 111 THR B CA  1 
ATOM 847  C C   . THR A 1 130 ? -12.562 -12.872 -5.422  1.00 3.65  ? 111 THR B C   1 
ATOM 848  O O   . THR A 1 130 ? -12.287 -12.485 -4.305  1.00 2.00  ? 111 THR B O   1 
ATOM 849  C CB  . THR A 1 130 ? -11.327 -14.741 -6.534  1.00 4.35  ? 111 THR B CB  1 
ATOM 850  O OG1 . THR A 1 130 ? -11.503 -15.364 -5.250  1.00 3.87  ? 111 THR B OG1 1 
ATOM 851  C CG2 . THR A 1 130 ? -9.966  -15.206 -7.137  1.00 2.35  ? 111 THR B CG2 1 
ATOM 852  N N   . PRO A 1 131 ? -13.828 -13.021 -5.861  1.00 3.38  ? 112 PRO B N   1 
ATOM 853  C CA  . PRO A 1 131 ? -14.953 -12.944 -4.887  1.00 3.97  ? 112 PRO B CA  1 
ATOM 854  C C   . PRO A 1 131 ? -14.856 -13.883 -3.664  1.00 3.73  ? 112 PRO B C   1 
ATOM 855  O O   . PRO A 1 131 ? -15.189 -13.462 -2.531  1.00 4.11  ? 112 PRO B O   1 
ATOM 856  C CB  . PRO A 1 131 ? -16.188 -13.228 -5.753  1.00 4.28  ? 112 PRO B CB  1 
ATOM 857  C CG  . PRO A 1 131 ? -15.780 -12.576 -7.094  1.00 4.95  ? 112 PRO B CG  1 
ATOM 858  C CD  . PRO A 1 131 ? -14.317 -13.129 -7.244  1.00 3.00  ? 112 PRO B CD  1 
ATOM 859  N N   . THR A 1 132 ? -14.384 -15.102 -3.868  1.00 3.09  ? 113 THR B N   1 
ATOM 860  C CA  . THR A 1 132 ? -14.233 -16.036 -2.752  1.00 3.61  ? 113 THR B CA  1 
ATOM 861  C C   . THR A 1 132 ? -13.166 -15.559 -1.759  1.00 4.17  ? 113 THR B C   1 
ATOM 862  O O   . THR A 1 132 ? -13.365 -15.623 -0.547  1.00 4.61  ? 113 THR B O   1 
ATOM 863  C CB  . THR A 1 132 ? -14.040 -17.492 -3.235  1.00 3.56  ? 113 THR B CB  1 
ATOM 864  O OG1 . THR A 1 132 ? -15.126 -17.840 -4.114  1.00 3.39  ? 113 THR B OG1 1 
ATOM 865  C CG2 . THR A 1 132 ? -14.022 -18.483 -2.072  1.00 5.24  ? 113 THR B CG2 1 
ATOM 866  N N   . GLU A 1 133 ? -12.024 -15.089 -2.272  1.00 3.62  ? 114 GLU B N   1 
ATOM 867  C CA  . GLU A 1 133 ? -10.998 -14.520 -1.411  1.00 3.81  ? 114 GLU B CA  1 
ATOM 868  C C   . GLU A 1 133 ? -11.484 -13.307 -0.641  1.00 3.67  ? 114 GLU B C   1 
ATOM 869  O O   . GLU A 1 133 ? -11.175 -13.167 0.560   1.00 3.92  ? 114 GLU B O   1 
ATOM 870  C CB  . GLU A 1 133 ? -9.718  -14.216 -2.206  1.00 2.69  ? 114 GLU B CB  1 
ATOM 871  C CG  . GLU A 1 133 ? -9.076  -15.522 -2.758  1.00 3.81  ? 114 GLU B CG  1 
ATOM 872  C CD  . GLU A 1 133 ? -7.906  -15.296 -3.732  1.00 4.97  ? 114 GLU B CD  1 
ATOM 873  O OE1 . GLU A 1 133 ? -7.685  -14.130 -4.115  1.00 4.45  ? 114 GLU B OE1 1 
ATOM 874  O OE2 . GLU A 1 133 ? -7.235  -16.298 -4.086  1.00 3.80  ? 114 GLU B OE2 1 
ATOM 875  N N   . LEU A 1 134 ? -12.215 -12.443 -1.342  1.00 3.50  ? 115 LEU B N   1 
ATOM 876  C CA  . LEU A 1 134 ? -12.844 -11.259 -0.771  1.00 3.92  ? 115 LEU B CA  1 
ATOM 877  C C   . LEU A 1 134 ? -13.728 -11.679 0.407   1.00 4.51  ? 115 LEU B C   1 
ATOM 878  O O   . LEU A 1 134 ? -13.613 -11.110 1.505   1.00 3.90  ? 115 LEU B O   1 
ATOM 879  C CB  . LEU A 1 134 ? -13.693 -10.557 -1.830  1.00 3.60  ? 115 LEU B CB  1 
ATOM 880  C CG  . LEU A 1 134 ? -14.504 -9.288  -1.494  1.00 7.03  ? 115 LEU B CG  1 
ATOM 881  C CD1 . LEU A 1 134 ? -14.913 -8.594  -2.791  1.00 9.76  ? 115 LEU B CD1 1 
ATOM 882  C CD2 . LEU A 1 134 ? -15.747 -9.636  -0.722  1.00 10.44 ? 115 LEU B CD2 1 
ATOM 883  N N   . VAL A 1 135 ? -14.587 -12.670 0.182   1.00 3.64  ? 116 VAL B N   1 
ATOM 884  C CA  . VAL A 1 135 ? -15.530 -13.052 1.236   1.00 4.89  ? 116 VAL B CA  1 
ATOM 885  C C   . VAL A 1 135 ? -14.802 -13.614 2.458   1.00 4.63  ? 116 VAL B C   1 
ATOM 886  O O   . VAL A 1 135 ? -15.098 -13.211 3.613   1.00 4.06  ? 116 VAL B O   1 
ATOM 887  C CB  . VAL A 1 135 ? -16.663 -13.949 0.717   1.00 4.22  ? 116 VAL B CB  1 
ATOM 888  C CG1 . VAL A 1 135 ? -17.450 -14.545 1.911   1.00 6.88  ? 116 VAL B CG1 1 
ATOM 889  C CG2 . VAL A 1 135 ? -17.581 -13.110 -0.194  1.00 4.50  ? 116 VAL B CG2 1 
ATOM 890  N N   . LYS A 1 136 ? -13.822 -14.502 2.227   1.00 4.31  ? 117 LYS B N   1 
ATOM 891  C CA  . LYS A 1 136 ? -12.981 -14.975 3.313   1.00 5.18  ? 117 LYS B CA  1 
ATOM 892  C C   . LYS A 1 136 ? -12.339 -13.828 4.115   1.00 5.54  ? 117 LYS B C   1 
ATOM 893  O O   . LYS A 1 136 ? -12.282 -13.889 5.348   1.00 4.74  ? 117 LYS B O   1 
ATOM 894  C CB  . LYS A 1 136 ? -11.920 -15.933 2.808   1.00 5.61  ? 117 LYS B CB  1 
ATOM 895  C CG  . LYS A 1 136 ? -11.140 -16.665 3.922   1.00 8.66  ? 117 LYS B CG  1 
ATOM 896  C CD  . LYS A 1 136 ? -10.086 -17.586 3.345   1.00 10.08 ? 117 LYS B CD  1 
ATOM 897  C CE  . LYS A 1 136 ? -10.724 -18.651 2.440   1.00 15.92 ? 117 LYS B CE  1 
ATOM 898  N NZ  . LYS A 1 136 ? -11.078 -19.908 3.210   1.00 22.60 ? 117 LYS B NZ  1 
ATOM 899  N N   . ALA A 1 137 ? -11.829 -12.810 3.424   1.00 4.99  ? 118 ALA B N   1 
ATOM 900  C CA  . ALA A 1 137 ? -11.210 -11.658 4.100   1.00 6.36  ? 118 ALA B CA  1 
ATOM 901  C C   . ALA A 1 137 ? -12.254 -10.906 4.961   1.00 7.30  ? 118 ALA B C   1 
ATOM 902  O O   . ALA A 1 137 ? -11.978 -10.539 6.121   1.00 7.58  ? 118 ALA B O   1 
ATOM 903  C CB  . ALA A 1 137 ? -10.586 -10.731 3.098   1.00 4.65  ? 118 ALA B CB  1 
ATOM 904  N N   . MET A 1 138 ? -13.430 -10.664 4.392   1.00 8.10  ? 119 MET B N   1 
ATOM 905  C CA  . MET A 1 138 ? -14.556 -10.064 5.162   1.00 11.49 ? 119 MET B CA  1 
ATOM 906  C C   . MET A 1 138 ? -14.895 -10.864 6.419   1.00 10.25 ? 119 MET B C   1 
ATOM 907  O O   . MET A 1 138 ? -15.066 -10.273 7.492   1.00 10.48 ? 119 MET B O   1 
ATOM 908  C CB  . MET A 1 138 ? -15.800 -9.900  4.307   1.00 10.10 ? 119 MET B CB  1 
ATOM 909  C CG  . MET A 1 138 ? -15.630 -9.006  3.110   1.00 13.72 ? 119 MET B CG  1 
ATOM 910  S SD  . MET A 1 138 ? -17.241 -8.738  2.355   1.00 21.37 ? 119 MET B SD  1 
ATOM 911  C CE  . MET A 1 138 ? -17.976 -7.619  3.569   1.00 24.50 ? 119 MET B CE  1 
ATOM 912  N N   . LYS A 1 139 ? -14.962 -12.192 6.296   1.00 10.07 ? 120 LYS B N   1 
ATOM 913  C CA  . LYS A 1 139 ? -15.167 -13.077 7.457   1.00 11.55 ? 120 LYS B CA  1 
ATOM 914  C C   . LYS A 1 139 ? -14.076 -13.014 8.510   1.00 12.18 ? 120 LYS B C   1 
ATOM 915  O O   . LYS A 1 139 ? -14.273 -13.467 9.662   1.00 12.53 ? 120 LYS B O   1 
ATOM 916  C CB  . LYS A 1 139 ? -15.356 -14.534 7.009   1.00 12.12 ? 120 LYS B CB  1 
ATOM 917  C CG  . LYS A 1 139 ? -16.607 -14.737 6.208   1.00 12.70 ? 120 LYS B CG  1 
ATOM 918  C CD  . LYS A 1 139 ? -16.807 -16.206 5.925   1.00 17.84 ? 120 LYS B CD  1 
ATOM 919  C CE  . LYS A 1 139 ? -18.191 -16.420 5.319   1.00 18.95 ? 120 LYS B CE  1 
ATOM 920  N NZ  . LYS A 1 139 ? -18.275 -17.724 4.627   1.00 21.05 ? 120 LYS B NZ  1 
ATOM 921  N N   . LEU A 1 140 ? -12.913 -12.479 8.129   1.00 11.43 ? 121 LEU B N   1 
ATOM 922  C CA  . LEU A 1 140 ? -11.808 -12.297 9.056   1.00 11.26 ? 121 LEU B CA  1 
ATOM 923  C C   . LEU A 1 140 ? -11.763 -10.871 9.593   1.00 11.23 ? 121 LEU B C   1 
ATOM 924  O O   . LEU A 1 140 ? -10.842 -10.514 10.332  1.00 12.60 ? 121 LEU B O   1 
ATOM 925  C CB  . LEU A 1 140 ? -10.481 -12.643 8.384   1.00 10.74 ? 121 LEU B CB  1 
ATOM 926  C CG  . LEU A 1 140 ? -10.069 -14.104 8.332   1.00 12.63 ? 121 LEU B CG  1 
ATOM 927  C CD1 . LEU A 1 140 ? -8.892  -14.297 7.369   1.00 14.60 ? 121 LEU B CD1 1 
ATOM 928  C CD2 . LEU A 1 140 ? -9.660  -14.545 9.725   1.00 15.37 ? 121 LEU B CD2 1 
ATOM 929  N N   . GLY A 1 141 ? -12.727 -10.067 9.168   1.00 11.27 ? 122 GLY B N   1 
ATOM 930  C CA  . GLY A 1 141 ? -12.972 -8.742  9.702   1.00 11.12 ? 122 GLY B CA  1 
ATOM 931  C C   . GLY A 1 141 ? -12.494 -7.598  8.837   1.00 11.68 ? 122 GLY B C   1 
ATOM 932  O O   . GLY A 1 141 ? -12.450 -6.469  9.305   1.00 11.93 ? 122 GLY B O   1 
ATOM 933  N N   . HIS A 1 142 ? -12.108 -7.880  7.583   1.00 11.35 ? 123 HIS B N   1 
ATOM 934  C CA  . HIS A 1 142 ? -11.499 -6.852  6.726   1.00 10.58 ? 123 HIS B CA  1 
ATOM 935  C C   . HIS A 1 142 ? -12.507 -6.272  5.750   1.00 10.77 ? 123 HIS B C   1 
ATOM 936  O O   . HIS A 1 142 ? -13.264 -7.003  5.125   1.00 10.92 ? 123 HIS B O   1 
ATOM 937  C CB  . HIS A 1 142 ? -10.309 -7.421  5.938   1.00 10.35 ? 123 HIS B CB  1 
ATOM 938  C CG  . HIS A 1 142 ? -9.272  -8.071  6.795   1.00 8.08  ? 123 HIS B CG  1 
ATOM 939  N ND1 . HIS A 1 142 ? -8.284  -7.355  7.431   1.00 10.96 ? 123 HIS B ND1 1 
ATOM 940  C CD2 . HIS A 1 142 ? -9.067  -9.367  7.123   1.00 9.06  ? 123 HIS B CD2 1 
ATOM 941  C CE1 . HIS A 1 142 ? -7.514  -8.179  8.113   1.00 8.35  ? 123 HIS B CE1 1 
ATOM 942  N NE2 . HIS A 1 142 ? -7.971  -9.409  7.945   1.00 9.63  ? 123 HIS B NE2 1 
ATOM 943  N N   . THR A 1 143 ? -12.518 -4.959  5.594   1.00 10.29 ? 124 THR B N   1 
ATOM 944  C CA  . THR A 1 143 ? -13.383 -4.378  4.558   1.00 11.13 ? 124 THR B CA  1 
ATOM 945  C C   . THR A 1 143 ? -12.588 -3.475  3.609   1.00 10.11 ? 124 THR B C   1 
ATOM 946  O O   . THR A 1 143 ? -13.105 -3.019  2.595   1.00 11.35 ? 124 THR B O   1 
ATOM 947  C CB  . THR A 1 143 ? -14.575 -3.621  5.167   1.00 11.50 ? 124 THR B CB  1 
ATOM 948  O OG1 . THR A 1 143 ? -14.102 -2.758  6.190   1.00 14.26 ? 124 THR B OG1 1 
ATOM 949  C CG2 . THR A 1 143 ? -15.609 -4.610  5.753   1.00 14.88 ? 124 THR B CG2 1 
ATOM 950  N N   . ILE A 1 144 ? -11.333 -3.215  3.952   1.00 8.69  ? 125 ILE B N   1 
ATOM 951  C CA  . ILE A 1 144 ? -10.433 -2.518  3.031   1.00 7.98  ? 125 ILE B CA  1 
ATOM 952  C C   . ILE A 1 144 ? -9.429  -3.543  2.527   1.00 7.63  ? 125 ILE B C   1 
ATOM 953  O O   . ILE A 1 144 ? -8.660  -4.136  3.308   1.00 8.21  ? 125 ILE B O   1 
ATOM 954  C CB  . ILE A 1 144 ? -9.707  -1.337  3.672   1.00 8.07  ? 125 ILE B CB  1 
ATOM 955  C CG1 . ILE A 1 144 ? -10.741 -0.309  4.162   1.00 8.20  ? 125 ILE B CG1 1 
ATOM 956  C CG2 . ILE A 1 144 ? -8.674  -0.743  2.666   1.00 6.83  ? 125 ILE B CG2 1 
ATOM 957  C CD1 . ILE A 1 144 ? -10.132 0.802   5.031   1.00 8.66  ? 125 ILE B CD1 1 
ATOM 958  N N   . LEU A 1 145 ? -9.481  -3.774  1.220   1.00 7.06  ? 126 LEU B N   1 
ATOM 959  C CA  . LEU A 1 145 ? -8.708  -4.855  0.632   1.00 6.79  ? 126 LEU B CA  1 
ATOM 960  C C   . LEU A 1 145 ? -7.729  -4.358  -0.417  1.00 6.30  ? 126 LEU B C   1 
ATOM 961  O O   . LEU A 1 145 ? -8.052  -3.479  -1.235  1.00 7.26  ? 126 LEU B O   1 
ATOM 962  C CB  . LEU A 1 145 ? -9.633  -5.878  0.016   1.00 6.54  ? 126 LEU B CB  1 
ATOM 963  C CG  . LEU A 1 145 ? -10.543 -6.738  0.911   1.00 8.68  ? 126 LEU B CG  1 
ATOM 964  C CD1 . LEU A 1 145 ? -9.857  -7.191  2.205   1.00 7.97  ? 126 LEU B CD1 1 
ATOM 965  C CD2 . LEU A 1 145 ? -11.813 -6.066  1.181   1.00 14.86 ? 126 LEU B CD2 1 
ATOM 966  N N   . LYS A 1 146 ? -6.531  -4.909  -0.387  1.00 5.16  ? 127 LYS B N   1 
ATOM 967  C CA  . LYS A 1 146 ? -5.639  -4.692  -1.510  1.00 4.49  ? 127 LYS B CA  1 
ATOM 968  C C   . LYS A 1 146 ? -6.152  -5.514  -2.691  1.00 4.13  ? 127 LYS B C   1 
ATOM 969  O O   . LYS A 1 146 ? -6.492  -6.702  -2.544  1.00 4.66  ? 127 LYS B O   1 
ATOM 970  C CB  . LYS A 1 146 ? -4.208  -5.065  -1.121  1.00 3.67  ? 127 LYS B CB  1 
ATOM 971  C CG  . LYS A 1 146 ? -3.243  -5.119  -2.259  1.00 3.75  ? 127 LYS B CG  1 
ATOM 972  C CD  . LYS A 1 146 ? -1.852  -5.361  -1.646  1.00 5.22  ? 127 LYS B CD  1 
ATOM 973  C CE  . LYS A 1 146 ? -0.917  -6.075  -2.568  1.00 3.11  ? 127 LYS B CE  1 
ATOM 974  N NZ  . LYS A 1 146 ? 0.482   -5.917  -1.992  1.00 3.31  ? 127 LYS B NZ  1 
ATOM 975  N N   . LEU A 1 147 ? -6.284  -4.896  -3.855  1.00 2.87  ? 128 LEU B N   1 
ATOM 976  C CA  . LEU A 1 147 ? -6.672  -5.684  -5.051  1.00 2.16  ? 128 LEU B CA  1 
ATOM 977  C C   . LEU A 1 147 ? -5.388  -5.910  -5.844  1.00 2.46  ? 128 LEU B C   1 
ATOM 978  O O   . LEU A 1 147 ? -4.760  -4.957  -6.277  1.00 3.37  ? 128 LEU B O   1 
ATOM 979  C CB  . LEU A 1 147 ? -7.716  -4.911  -5.883  1.00 2.00  ? 128 LEU B CB  1 
ATOM 980  C CG  . LEU A 1 147 ? -8.238  -5.657  -7.111  1.00 2.00  ? 128 LEU B CG  1 
ATOM 981  C CD1 . LEU A 1 147 ? -9.037  -6.924  -6.718  1.00 2.88  ? 128 LEU B CD1 1 
ATOM 982  C CD2 . LEU A 1 147 ? -9.110  -4.678  -7.943  1.00 2.09  ? 128 LEU B CD2 1 
ATOM 983  N N   . PHE A 1 148 ? -4.966  -7.158  -6.003  1.00 2.60  ? 129 PHE B N   1 
ATOM 984  C CA  . PHE A 1 148 ? -3.647  -7.413  -6.612  1.00 2.52  ? 129 PHE B CA  1 
ATOM 985  C C   . PHE A 1 148 ? -3.701  -8.719  -7.389  1.00 3.92  ? 129 PHE B C   1 
ATOM 986  O O   . PHE A 1 148 ? -4.173  -9.750  -6.827  1.00 3.07  ? 129 PHE B O   1 
ATOM 987  C CB  . PHE A 1 148 ? -2.551  -7.499  -5.542  1.00 2.00  ? 129 PHE B CB  1 
ATOM 988  C CG  . PHE A 1 148 ? -1.189  -7.889  -6.099  1.00 2.00  ? 129 PHE B CG  1 
ATOM 989  C CD1 . PHE A 1 148 ? -0.465  -6.977  -6.881  1.00 2.35  ? 129 PHE B CD1 1 
ATOM 990  C CD2 . PHE A 1 148 ? -0.635  -9.130  -5.831  1.00 2.00  ? 129 PHE B CD2 1 
ATOM 991  C CE1 . PHE A 1 148 ? 0.764   -7.308  -7.429  1.00 2.24  ? 129 PHE B CE1 1 
ATOM 992  C CE2 . PHE A 1 148 ? 0.629   -9.472  -6.353  1.00 2.00  ? 129 PHE B CE2 1 
ATOM 993  C CZ  . PHE A 1 148 ? 1.334   -8.548  -7.149  1.00 2.00  ? 129 PHE B CZ  1 
ATOM 994  N N   . PRO A 1 149 ? -3.214  -8.720  -8.663  1.00 3.76  ? 130 PRO B N   1 
ATOM 995  C CA  . PRO A 1 149 ? -2.598  -7.597  -9.412  1.00 4.76  ? 130 PRO B CA  1 
ATOM 996  C C   . PRO A 1 149 ? -3.650  -6.791  -10.171 1.00 5.19  ? 130 PRO B C   1 
ATOM 997  O O   . PRO A 1 149 ? -4.432  -7.347  -10.956 1.00 6.01  ? 130 PRO B O   1 
ATOM 998  C CB  . PRO A 1 149 ? -1.600  -8.297  -10.359 1.00 2.98  ? 130 PRO B CB  1 
ATOM 999  C CG  . PRO A 1 149 ? -2.204  -9.652  -10.620 1.00 5.43  ? 130 PRO B CG  1 
ATOM 1000 C CD  . PRO A 1 149 ? -3.213  -9.964  -9.454  1.00 3.44  ? 130 PRO B CD  1 
ATOM 1001 N N   . GLY A 1 150 ? -3.688  -5.491  -9.913  1.00 7.14  ? 131 GLY B N   1 
ATOM 1002 C CA  . GLY A 1 150 ? -4.690  -4.599  -10.538 1.00 8.85  ? 131 GLY B CA  1 
ATOM 1003 C C   . GLY A 1 150 ? -4.664  -4.608  -12.064 1.00 10.41 ? 131 GLY B C   1 
ATOM 1004 O O   . GLY A 1 150 ? -5.708  -4.538  -12.699 1.00 12.19 ? 131 GLY B O   1 
ATOM 1005 N N   . GLU A 1 151 ? -3.481  -4.710  -12.653 1.00 11.56 ? 132 GLU B N   1 
ATOM 1006 C CA  . GLU A 1 151 ? -3.351  -4.754  -14.120 1.00 12.81 ? 132 GLU B CA  1 
ATOM 1007 C C   . GLU A 1 151 ? -3.979  -5.990  -14.770 1.00 12.76 ? 132 GLU B C   1 
ATOM 1008 O O   . GLU A 1 151 ? -4.268  -5.981  -15.975 1.00 14.89 ? 132 GLU B O   1 
ATOM 1009 C CB  . GLU A 1 151 ? -1.883  -4.542  -14.573 1.00 12.85 ? 132 GLU B CB  1 
ATOM 1010 C CG  . GLU A 1 151 ? -0.923  -5.644  -14.174 1.00 15.06 ? 132 GLU B CG  1 
ATOM 1011 C CD  . GLU A 1 151 ? -0.240  -5.391  -12.826 1.00 18.22 ? 132 GLU B CD  1 
ATOM 1012 O OE1 . GLU A 1 151 ? -0.870  -5.571  -11.759 1.00 17.85 ? 132 GLU B OE1 1 
ATOM 1013 O OE2 . GLU A 1 151 ? 0.947   -5.037  -12.835 1.00 19.17 ? 132 GLU B OE2 1 
ATOM 1014 N N   . VAL A 1 152 ? -4.258  -7.025  -13.987 1.00 11.24 ? 133 VAL B N   1 
ATOM 1015 C CA  . VAL A 1 152 ? -4.888  -8.229  -14.529 1.00 10.35 ? 133 VAL B CA  1 
ATOM 1016 C C   . VAL A 1 152 ? -6.396  -8.128  -14.474 1.00 10.98 ? 133 VAL B C   1 
ATOM 1017 O O   . VAL A 1 152 ? -7.110  -8.556  -15.384 1.00 11.47 ? 133 VAL B O   1 
ATOM 1018 C CB  . VAL A 1 152 ? -4.379  -9.512  -13.800 1.00 9.13  ? 133 VAL B CB  1 
ATOM 1019 C CG1 . VAL A 1 152 ? -5.104  -10.787 -14.328 1.00 11.87 ? 133 VAL B CG1 1 
ATOM 1020 C CG2 . VAL A 1 152 ? -2.807  -9.619  -13.959 1.00 8.06  ? 133 VAL B CG2 1 
ATOM 1021 N N   . VAL A 1 153 ? -6.887  -7.550  -13.396 1.00 10.10 ? 134 VAL B N   1 
ATOM 1022 C CA  . VAL A 1 153 ? -8.299  -7.678  -13.024 1.00 10.84 ? 134 VAL B CA  1 
ATOM 1023 C C   . VAL A 1 153 ? -9.016  -6.343  -13.388 1.00 10.68 ? 134 VAL B C   1 
ATOM 1024 O O   . VAL A 1 153 ? -10.191 -6.312  -13.809 1.00 9.52  ? 134 VAL B O   1 
ATOM 1025 C CB  . VAL A 1 153 ? -8.214  -8.155  -11.525 1.00 11.89 ? 134 VAL B CB  1 
ATOM 1026 C CG1 . VAL A 1 153 ? -8.579  -7.155  -10.487 1.00 11.09 ? 134 VAL B CG1 1 
ATOM 1027 C CG2 . VAL A 1 153 ? -8.567  -9.662  -11.304 1.00 10.02 ? 134 VAL B CG2 1 
ATOM 1028 N N   . GLY A 1 154 ? -8.238  -5.268  -13.317 1.00 11.41 ? 135 GLY B N   1 
ATOM 1029 C CA  . GLY A 1 154 ? -8.645  -3.910  -13.739 1.00 10.96 ? 135 GLY B CA  1 
ATOM 1030 C C   . GLY A 1 154 ? -9.736  -3.214  -12.933 1.00 10.24 ? 135 GLY B C   1 
ATOM 1031 O O   . GLY A 1 154 ? -10.336 -3.815  -12.040 1.00 10.05 ? 135 GLY B O   1 
ATOM 1032 N N   . PRO A 1 155 ? -10.031 -1.950  -13.279 1.00 9.70  ? 136 PRO B N   1 
ATOM 1033 C CA  . PRO A 1 155 ? -11.196 -1.245  -12.755 1.00 9.82  ? 136 PRO B CA  1 
ATOM 1034 C C   . PRO A 1 155 ? -12.493 -2.036  -12.915 1.00 10.04 ? 136 PRO B C   1 
ATOM 1035 O O   . PRO A 1 155 ? -13.375 -1.932  -12.070 1.00 9.50  ? 136 PRO B O   1 
ATOM 1036 C CB  . PRO A 1 155 ? -11.265 0.022   -13.615 1.00 9.95  ? 136 PRO B CB  1 
ATOM 1037 C CG  . PRO A 1 155 ? -9.897  0.245   -14.097 1.00 10.27 ? 136 PRO B CG  1 
ATOM 1038 C CD  . PRO A 1 155 ? -9.214  -1.098  -14.174 1.00 10.04 ? 136 PRO B CD  1 
ATOM 1039 N N   . GLN A 1 156 ? -12.611 -2.806  -14.005 1.00 10.01 ? 137 GLN B N   1 
ATOM 1040 C CA  . GLN A 1 156 ? -13.758 -3.634  -14.274 1.00 10.76 ? 137 GLN B CA  1 
ATOM 1041 C C   . GLN A 1 156 ? -14.102 -4.485  -13.056 1.00 9.93  ? 137 GLN B C   1 
ATOM 1042 O O   . GLN A 1 156 ? -15.277 -4.659  -12.734 1.00 8.07  ? 137 GLN B O   1 
ATOM 1043 C CB  . GLN A 1 156 ? -13.482 -4.579  -15.469 1.00 11.94 ? 137 GLN B CB  1 
ATOM 1044 C CG  . GLN A 1 156 ? -13.245 -3.872  -16.831 1.00 16.48 ? 137 GLN B CG  1 
ATOM 1045 C CD  . GLN A 1 156 ? -11.816 -3.318  -17.022 1.00 21.68 ? 137 GLN B CD  1 
ATOM 1046 O OE1 . GLN A 1 156 ? -11.001 -3.281  -16.095 1.00 18.66 ? 137 GLN B OE1 1 
ATOM 1047 N NE2 . GLN A 1 156 ? -11.533 -2.851  -18.242 1.00 22.41 ? 137 GLN B NE2 1 
ATOM 1048 N N   . PHE A 1 157 ? -13.070 -5.020  -12.403 1.00 6.62  ? 138 PHE B N   1 
ATOM 1049 C CA  . PHE A 1 157 ? -13.277 -5.901  -11.273 1.00 5.94  ? 138 PHE B CA  1 
ATOM 1050 C C   . PHE A 1 157 ? -13.847 -5.073  -10.134 1.00 4.80  ? 138 PHE B C   1 
ATOM 1051 O O   . PHE A 1 157 ? -14.814 -5.489  -9.459  1.00 5.18  ? 138 PHE B O   1 
ATOM 1052 C CB  . PHE A 1 157 ? -11.963 -6.532  -10.835 1.00 5.60  ? 138 PHE B CB  1 
ATOM 1053 C CG  . PHE A 1 157 ? -12.111 -7.524  -9.705  1.00 4.79  ? 138 PHE B CG  1 
ATOM 1054 C CD1 . PHE A 1 157 ? -12.235 -8.877  -9.972  1.00 6.07  ? 138 PHE B CD1 1 
ATOM 1055 C CD2 . PHE A 1 157 ? -12.083 -7.097  -8.368  1.00 5.39  ? 138 PHE B CD2 1 
ATOM 1056 C CE1 . PHE A 1 157 ? -12.368 -9.792  -8.945  1.00 7.63  ? 138 PHE B CE1 1 
ATOM 1057 C CE2 . PHE A 1 157 ? -12.223 -8.010  -7.326  1.00 2.00  ? 138 PHE B CE2 1 
ATOM 1058 C CZ  . PHE A 1 157 ? -12.338 -9.364  -7.617  1.00 3.21  ? 138 PHE B CZ  1 
ATOM 1059 N N   . VAL A 1 158 ? -13.278 -3.895  -9.933  1.00 4.26  ? 139 VAL B N   1 
ATOM 1060 C CA  . VAL A 1 158 ? -13.739 -3.021  -8.837  1.00 5.92  ? 139 VAL B CA  1 
ATOM 1061 C C   . VAL A 1 158 ? -15.228 -2.651  -9.058  1.00 6.74  ? 139 VAL B C   1 
ATOM 1062 O O   . VAL A 1 158 ? -16.071 -2.742  -8.148  1.00 7.22  ? 139 VAL B O   1 
ATOM 1063 C CB  . VAL A 1 158 ? -12.864 -1.763  -8.728  1.00 5.18  ? 139 VAL B CB  1 
ATOM 1064 C CG1 . VAL A 1 158 ? -13.461 -0.715  -7.777  1.00 5.57  ? 139 VAL B CG1 1 
ATOM 1065 C CG2 . VAL A 1 158 ? -11.431 -2.132  -8.253  1.00 5.44  ? 139 VAL B CG2 1 
ATOM 1066 N N   . LYS A 1 159 ? -15.568 -2.273  -10.289 1.00 8.23  ? 140 LYS B N   1 
ATOM 1067 C CA  . LYS A 1 159 ? -16.977 -1.957  -10.578 1.00 9.33  ? 140 LYS B CA  1 
ATOM 1068 C C   . LYS A 1 159 ? -17.906 -3.148  -10.375 1.00 8.99  ? 140 LYS B C   1 
ATOM 1069 O O   . LYS A 1 159 ? -19.030 -2.961  -9.896  1.00 10.70 ? 140 LYS B O   1 
ATOM 1070 C CB  . LYS A 1 159 ? -17.158 -1.389  -11.979 1.00 10.16 ? 140 LYS B CB  1 
ATOM 1071 C CG  . LYS A 1 159 ? -16.455 -0.050  -12.221 1.00 14.62 ? 140 LYS B CG  1 
ATOM 1072 C CD  . LYS A 1 159 ? -16.704 0.383   -13.671 1.00 21.15 ? 140 LYS B CD  1 
ATOM 1073 C CE  . LYS A 1 159 ? -15.714 1.428   -14.150 1.00 24.58 ? 140 LYS B CE  1 
ATOM 1074 N NZ  . LYS A 1 159 ? -16.226 1.955   -15.462 1.00 27.37 ? 140 LYS B NZ  1 
ATOM 1075 N N   . ALA A 1 160 ? -17.462 -4.344  -10.766 1.00 9.78  ? 141 ALA B N   1 
ATOM 1076 C CA  . ALA A 1 160 ? -18.251 -5.592  -10.606 1.00 9.42  ? 141 ALA B CA  1 
ATOM 1077 C C   . ALA A 1 160 ? -18.531 -5.928  -9.139  1.00 9.68  ? 141 ALA B C   1 
ATOM 1078 O O   . ALA A 1 160 ? -19.593 -6.508  -8.802  1.00 10.23 ? 141 ALA B O   1 
ATOM 1079 C CB  . ALA A 1 160 ? -17.559 -6.774  -11.260 1.00 9.63  ? 141 ALA B CB  1 
ATOM 1080 N N   . MET A 1 161 ? -17.574 -5.617  -8.273  1.00 9.51  ? 142 MET B N   1 
ATOM 1081 C CA  . MET A 1 161 ? -17.722 -5.923  -6.846  1.00 9.81  ? 142 MET B CA  1 
ATOM 1082 C C   . MET A 1 161 ? -18.719 -4.991  -6.163  1.00 10.19 ? 142 MET B C   1 
ATOM 1083 O O   . MET A 1 161 ? -19.238 -5.340  -5.107  1.00 9.90  ? 142 MET B O   1 
ATOM 1084 C CB  . MET A 1 161 ? -16.366 -5.896  -6.114  1.00 8.68  ? 142 MET B CB  1 
ATOM 1085 C CG  . MET A 1 161 ? -15.399 -7.031  -6.559  1.00 9.42  ? 142 MET B CG  1 
ATOM 1086 S SD  . MET A 1 161 ? -16.151 -8.695  -6.647  1.00 13.00 ? 142 MET B SD  1 
ATOM 1087 C CE  . MET A 1 161 ? -15.594 -9.368  -5.112  1.00 18.93 ? 142 MET B CE  1 
ATOM 1088 N N   . LYS A 1 162 ? -18.970 -3.818  -6.746  1.00 9.98  ? 143 LYS B N   1 
ATOM 1089 C CA  . LYS A 1 162 ? -19.875 -2.831  -6.119  1.00 12.77 ? 143 LYS B CA  1 
ATOM 1090 C C   . LYS A 1 162 ? -21.298 -3.367  -6.026  1.00 12.35 ? 143 LYS B C   1 
ATOM 1091 O O   . LYS A 1 162 ? -22.014 -3.040  -5.078  1.00 12.58 ? 143 LYS B O   1 
ATOM 1092 C CB  . LYS A 1 162 ? -19.916 -1.493  -6.855  1.00 12.43 ? 143 LYS B CB  1 
ATOM 1093 C CG  . LYS A 1 162 ? -18.686 -0.651  -6.671  1.00 16.36 ? 143 LYS B CG  1 
ATOM 1094 C CD  . LYS A 1 162 ? -18.688 0.612   -7.577  1.00 19.08 ? 143 LYS B CD  1 
ATOM 1095 C CE  . LYS A 1 162 ? -19.444 1.798   -6.960  1.00 24.41 ? 143 LYS B CE  1 
ATOM 1096 N NZ  . LYS A 1 162 ? -18.833 3.133   -7.370  1.00 27.77 ? 143 LYS B NZ  1 
ATOM 1097 N N   . GLY A 1 163 ? -21.702 -4.147  -7.021  1.00 11.97 ? 144 GLY B N   1 
ATOM 1098 C CA  . GLY A 1 163 ? -23.023 -4.771  -7.027  1.00 12.98 ? 144 GLY B CA  1 
ATOM 1099 C C   . GLY A 1 163 ? -23.235 -5.632  -5.787  1.00 11.12 ? 144 GLY B C   1 
ATOM 1100 O O   . GLY A 1 163 ? -23.989 -5.250  -4.890  1.00 13.23 ? 144 GLY B O   1 
ATOM 1101 N N   . PRO A 1 164 ? -22.559 -6.789  -5.715  1.00 10.53 ? 145 PRO B N   1 
ATOM 1102 C CA  . PRO A 1 164 ? -22.770 -7.682  -4.578  1.00 9.39  ? 145 PRO B CA  1 
ATOM 1103 C C   . PRO A 1 164 ? -22.150 -7.262  -3.265  1.00 9.48  ? 145 PRO B C   1 
ATOM 1104 O O   . PRO A 1 164 ? -22.595 -7.736  -2.223  1.00 9.82  ? 145 PRO B O   1 
ATOM 1105 C CB  . PRO A 1 164 ? -22.127 -8.993  -5.037  1.00 8.70  ? 145 PRO B CB  1 
ATOM 1106 C CG  . PRO A 1 164 ? -21.036 -8.561  -6.008  1.00 9.14  ? 145 PRO B CG  1 
ATOM 1107 C CD  . PRO A 1 164 ? -21.660 -7.390  -6.721  1.00 10.40 ? 145 PRO B CD  1 
ATOM 1108 N N   . PHE A 1 165 ? -21.107 -6.425  -3.293  1.00 9.30  ? 146 PHE B N   1 
ATOM 1109 C CA  . PHE A 1 165 ? -20.374 -6.124  -2.071  1.00 9.12  ? 146 PHE B CA  1 
ATOM 1110 C C   . PHE A 1 165 ? -20.222 -4.632  -1.989  1.00 10.92 ? 146 PHE B C   1 
ATOM 1111 O O   . PHE A 1 165 ? -19.092 -4.105  -2.034  1.00 10.59 ? 146 PHE B O   1 
ATOM 1112 C CB  . PHE A 1 165 ? -18.980 -6.800  -2.035  1.00 8.45  ? 146 PHE B CB  1 
ATOM 1113 C CG  . PHE A 1 165 ? -19.005 -8.279  -2.273  1.00 8.46  ? 146 PHE B CG  1 
ATOM 1114 C CD1 . PHE A 1 165 ? -18.553 -8.810  -3.486  1.00 5.89  ? 146 PHE B CD1 1 
ATOM 1115 C CD2 . PHE A 1 165 ? -19.466 -9.153  -1.294  1.00 9.29  ? 146 PHE B CD2 1 
ATOM 1116 C CE1 . PHE A 1 165 ? -18.560 -10.187 -3.720  1.00 8.14  ? 146 PHE B CE1 1 
ATOM 1117 C CE2 . PHE A 1 165 ? -19.457 -10.541 -1.515  1.00 8.01  ? 146 PHE B CE2 1 
ATOM 1118 C CZ  . PHE A 1 165 ? -18.984 -11.050 -2.729  1.00 6.41  ? 146 PHE B CZ  1 
ATOM 1119 N N   . PRO A 1 166 ? -21.355 -3.920  -1.828  1.00 12.40 ? 147 PRO B N   1 
ATOM 1120 C CA  . PRO A 1 166 ? -21.292 -2.457  -1.835  1.00 13.42 ? 147 PRO B CA  1 
ATOM 1121 C C   . PRO A 1 166 ? -20.389 -1.854  -0.763  1.00 14.26 ? 147 PRO B C   1 
ATOM 1122 O O   . PRO A 1 166 ? -19.917 -0.721  -0.923  1.00 15.16 ? 147 PRO B O   1 
ATOM 1123 C CB  . PRO A 1 166 ? -22.762 -2.036  -1.598  1.00 13.97 ? 147 PRO B CB  1 
ATOM 1124 C CG  . PRO A 1 166 ? -23.432 -3.239  -0.993  1.00 14.22 ? 147 PRO B CG  1 
ATOM 1125 C CD  . PRO A 1 166 ? -22.727 -4.427  -1.606  1.00 11.74 ? 147 PRO B CD  1 
ATOM 1126 N N   . ASN A 1 167 ? -20.159 -2.574  0.333   1.00 13.91 ? 148 ASN B N   1 
ATOM 1127 C CA  . ASN A 1 167 ? -19.407 -2.013  1.438   1.00 14.54 ? 148 ASN B CA  1 
ATOM 1128 C C   . ASN A 1 167 ? -17.917 -2.400  1.534   1.00 13.76 ? 148 ASN B C   1 
ATOM 1129 O O   . ASN A 1 167 ? -17.249 -2.027  2.476   1.00 13.90 ? 148 ASN B O   1 
ATOM 1130 C CB  . ASN A 1 167 ? -20.159 -2.242  2.750   1.00 15.90 ? 148 ASN B CB  1 
ATOM 1131 C CG  . ASN A 1 167 ? -21.538 -1.577  2.733   1.00 18.25 ? 148 ASN B CG  1 
ATOM 1132 O OD1 . ASN A 1 167 ? -21.642 -0.348  2.674   1.00 22.02 ? 148 ASN B OD1 1 
ATOM 1133 N ND2 . ASN A 1 167 ? -22.593 -2.393  2.727   1.00 20.19 ? 148 ASN B ND2 1 
ATOM 1134 N N   . VAL A 1 168 ? -17.417 -3.124  0.539   1.00 12.09 ? 149 VAL B N   1 
ATOM 1135 C CA  . VAL A 1 168 ? -16.006 -3.399  0.416   1.00 11.58 ? 149 VAL B CA  1 
ATOM 1136 C C   . VAL A 1 168 ? -15.309 -2.296  -0.362  1.00 11.23 ? 149 VAL B C   1 
ATOM 1137 O O   . VAL A 1 168 ? -15.803 -1.847  -1.393  1.00 11.49 ? 149 VAL B O   1 
ATOM 1138 C CB  . VAL A 1 168 ? -15.762 -4.751  -0.269  1.00 10.87 ? 149 VAL B CB  1 
ATOM 1139 C CG1 . VAL A 1 168 ? -14.304 -4.862  -0.791  1.00 12.12 ? 149 VAL B CG1 1 
ATOM 1140 C CG2 . VAL A 1 168 ? -16.024 -5.870  0.713   1.00 13.10 ? 149 VAL B CG2 1 
ATOM 1141 N N   . LYS A 1 169 ? -14.142 -1.874  0.112   1.00 10.72 ? 150 LYS B N   1 
ATOM 1142 C CA  . LYS A 1 169 ? -13.357 -0.922  -0.640  1.00 11.16 ? 150 LYS B CA  1 
ATOM 1143 C C   . LYS A 1 169 ? -11.975 -1.450  -0.980  1.00 10.33 ? 150 LYS B C   1 
ATOM 1144 O O   . LYS A 1 169 ? -11.308 -2.069  -0.143  1.00 10.25 ? 150 LYS B O   1 
ATOM 1145 C CB  . LYS A 1 169 ? -13.192 0.388   0.132   1.00 12.40 ? 150 LYS B CB  1 
ATOM 1146 C CG  . LYS A 1 169 ? -14.507 1.003   0.694   1.00 15.55 ? 150 LYS B CG  1 
ATOM 1147 C CD  . LYS A 1 169 ? -14.472 0.923   2.243   1.00 20.19 ? 150 LYS B CD  1 
ATOM 1148 C CE  . LYS A 1 169 ? -15.625 1.704   2.913   1.00 21.44 ? 150 LYS B CE  1 
ATOM 1149 N NZ  . LYS A 1 169 ? -15.334 3.162   3.174   1.00 24.03 ? 150 LYS B NZ  1 
ATOM 1150 N N   . PHE A 1 170 ? -11.528 -1.129  -2.191  1.00 8.65  ? 151 PHE B N   1 
ATOM 1151 C CA  . PHE A 1 170 ? -10.254 -1.643  -2.709  1.00 7.76  ? 151 PHE B CA  1 
ATOM 1152 C C   . PHE A 1 170 ? -9.161  -0.584  -2.812  1.00 6.45  ? 151 PHE B C   1 
ATOM 1153 O O   . PHE A 1 170 ? -9.430  0.601   -3.027  1.00 7.47  ? 151 PHE B O   1 
ATOM 1154 C CB  . PHE A 1 170 ? -10.473 -2.287  -4.095  1.00 6.67  ? 151 PHE B CB  1 
ATOM 1155 C CG  . PHE A 1 170 ? -11.257 -3.548  -4.059  1.00 7.45  ? 151 PHE B CG  1 
ATOM 1156 C CD1 . PHE A 1 170 ? -12.609 -3.547  -4.422  1.00 8.57  ? 151 PHE B CD1 1 
ATOM 1157 C CD2 . PHE A 1 170 ? -10.667 -4.747  -3.664  1.00 7.08  ? 151 PHE B CD2 1 
ATOM 1158 C CE1 . PHE A 1 170 ? -13.351 -4.704  -4.381  1.00 8.23  ? 151 PHE B CE1 1 
ATOM 1159 C CE2 . PHE A 1 170 ? -11.423 -5.944  -3.628  1.00 5.55  ? 151 PHE B CE2 1 
ATOM 1160 C CZ  . PHE A 1 170 ? -12.753 -5.903  -3.991  1.00 8.53  ? 151 PHE B CZ  1 
ATOM 1161 N N   . VAL A 1 171 ? -7.926  -1.047  -2.624  1.00 6.80  ? 152 VAL B N   1 
ATOM 1162 C CA  . VAL A 1 171 ? -6.712  -0.332  -2.916  1.00 6.05  ? 152 VAL B CA  1 
ATOM 1163 C C   . VAL A 1 171 ? -5.923  -1.195  -3.891  1.00 7.05  ? 152 VAL B C   1 
ATOM 1164 O O   . VAL A 1 171 ? -5.238  -2.136  -3.491  1.00 7.49  ? 152 VAL B O   1 
ATOM 1165 C CB  . VAL A 1 171 ? -5.881  -0.077  -1.624  1.00 6.00  ? 152 VAL B CB  1 
ATOM 1166 C CG1 . VAL A 1 171 ? -4.641  0.766   -1.951  1.00 4.17  ? 152 VAL B CG1 1 
ATOM 1167 C CG2 . VAL A 1 171 ? -6.792  0.639   -0.575  1.00 5.49  ? 152 VAL B CG2 1 
ATOM 1168 N N   . PRO A 1 172 ? -6.071  -0.930  -5.181  1.00 7.53  ? 153 PRO B N   1 
ATOM 1169 C CA  . PRO A 1 172 ? -5.367  -1.703  -6.172  1.00 8.03  ? 153 PRO B CA  1 
ATOM 1170 C C   . PRO A 1 172 ? -3.891  -1.414  -6.161  1.00 7.97  ? 153 PRO B C   1 
ATOM 1171 O O   . PRO A 1 172 ? -3.486  -0.285  -5.959  1.00 6.98  ? 153 PRO B O   1 
ATOM 1172 C CB  . PRO A 1 172 ? -5.969  -1.210  -7.496  1.00 8.38  ? 153 PRO B CB  1 
ATOM 1173 C CG  . PRO A 1 172 ? -6.380  0.210   -7.183  1.00 9.15  ? 153 PRO B CG  1 
ATOM 1174 C CD  . PRO A 1 172 ? -6.960  0.067   -5.802  1.00 9.21  ? 153 PRO B CD  1 
ATOM 1175 N N   . THR A 1 173 ? -3.116  -2.473  -6.338  1.00 8.09  ? 154 THR B N   1 
ATOM 1176 C CA  . THR A 1 173 ? -1.684  -2.382  -6.560  1.00 7.87  ? 154 THR B CA  1 
ATOM 1177 C C   . THR A 1 173 ? -1.428  -3.159  -7.839  1.00 8.35  ? 154 THR B C   1 
ATOM 1178 O O   . THR A 1 173 ? -1.969  -4.242  -8.016  1.00 6.10  ? 154 THR B O   1 
ATOM 1179 C CB  . THR A 1 173 ? -0.877  -3.058  -5.414  1.00 8.59  ? 154 THR B CB  1 
ATOM 1180 O OG1 . THR A 1 173 ? -0.807  -2.181  -4.280  1.00 10.94 ? 154 THR B OG1 1 
ATOM 1181 C CG2 . THR A 1 173 ? 0.539   -3.381  -5.860  1.00 7.03  ? 154 THR B CG2 1 
ATOM 1182 N N   . GLY A 1 174 ? -0.574  -2.619  -8.703  1.00 9.63  ? 155 GLY B N   1 
ATOM 1183 C CA  . GLY A 1 174 ? -0.120  -3.351  -9.883  1.00 11.76 ? 155 GLY B CA  1 
ATOM 1184 C C   . GLY A 1 174 ? -0.492  -2.552  -11.117 1.00 13.56 ? 155 GLY B C   1 
ATOM 1185 O O   . GLY A 1 174 ? -1.661  -2.436  -11.453 1.00 13.67 ? 155 GLY B O   1 
ATOM 1186 N N   . GLY A 1 175 ? 0.516   -1.959  -11.760 1.00 14.10 ? 156 GLY B N   1 
ATOM 1187 C CA  . GLY A 1 175 ? 0.306   -1.217  -13.003 1.00 15.63 ? 156 GLY B CA  1 
ATOM 1188 C C   . GLY A 1 175 ? -0.383  0.154   -12.933 1.00 16.45 ? 156 GLY B C   1 
ATOM 1189 O O   . GLY A 1 175 ? -0.603  0.787   -13.977 1.00 17.02 ? 156 GLY B O   1 
ATOM 1190 N N   . VAL A 1 176 ? -0.713  0.638   -11.730 1.00 15.55 ? 157 VAL B N   1 
ATOM 1191 C CA  . VAL A 1 176 ? -1.371  1.933   -11.609 1.00 14.66 ? 157 VAL B CA  1 
ATOM 1192 C C   . VAL A 1 176 ? -0.382  2.953   -12.138 1.00 14.18 ? 157 VAL B C   1 
ATOM 1193 O O   . VAL A 1 176 ? 0.772   2.938   -11.764 1.00 14.17 ? 157 VAL B O   1 
ATOM 1194 C CB  . VAL A 1 176 ? -1.784  2.285   -10.156 1.00 14.31 ? 157 VAL B CB  1 
ATOM 1195 C CG1 . VAL A 1 176 ? -2.476  3.648   -10.116 1.00 14.03 ? 157 VAL B CG1 1 
ATOM 1196 C CG2 . VAL A 1 176 ? -2.725  1.227   -9.596  1.00 14.10 ? 157 VAL B CG2 1 
ATOM 1197 N N   . ASN A 1 177 ? -0.820  3.818   -13.044 1.00 14.05 ? 158 ASN B N   1 
ATOM 1198 C CA  . ASN A 1 177 ? 0.096   4.849   -13.571 1.00 13.76 ? 158 ASN B CA  1 
ATOM 1199 C C   . ASN A 1 177 ? -0.614  6.150   -13.863 1.00 13.46 ? 158 ASN B C   1 
ATOM 1200 O O   . ASN A 1 177 ? -1.794  6.304   -13.573 1.00 12.80 ? 158 ASN B O   1 
ATOM 1201 C CB  . ASN A 1 177 ? 0.810   4.352   -14.830 1.00 14.02 ? 158 ASN B CB  1 
ATOM 1202 C CG  . ASN A 1 177 ? -0.166  3.909   -15.916 1.00 14.56 ? 158 ASN B CG  1 
ATOM 1203 O OD1 . ASN A 1 177 ? -1.191  4.560   -16.176 1.00 15.66 ? 158 ASN B OD1 1 
ATOM 1204 N ND2 . ASN A 1 177 ? 0.140   2.779   -16.540 1.00 16.78 ? 158 ASN B ND2 1 
ATOM 1205 N N   . LEU A 1 178 ? 0.119   7.073   -14.465 1.00 14.23 ? 159 LEU B N   1 
ATOM 1206 C CA  . LEU A 1 178 ? -0.392  8.411   -14.697 1.00 15.47 ? 159 LEU B CA  1 
ATOM 1207 C C   . LEU A 1 178 ? -1.582  8.445   -15.626 1.00 16.33 ? 159 LEU B C   1 
ATOM 1208 O O   . LEU A 1 178 ? -2.460  9.283   -15.458 1.00 17.04 ? 159 LEU B O   1 
ATOM 1209 C CB  . LEU A 1 178 ? 0.728   9.336   -15.215 1.00 15.09 ? 159 LEU B CB  1 
ATOM 1210 C CG  . LEU A 1 178 ? 1.627   9.890   -14.112 1.00 15.87 ? 159 LEU B CG  1 
ATOM 1211 C CD1 . LEU A 1 178 ? 2.780   10.702  -14.680 1.00 16.94 ? 159 LEU B CD1 1 
ATOM 1212 C CD2 . LEU A 1 178 ? 0.814   10.717  -13.126 1.00 17.71 ? 159 LEU B CD2 1 
ATOM 1213 N N   . ASP A 1 179 ? -1.630  7.516   -16.576 1.00 17.41 ? 160 ASP B N   1 
ATOM 1214 C CA  . ASP A 1 179 ? -2.720  7.474   -17.565 1.00 18.27 ? 160 ASP B CA  1 
ATOM 1215 C C   . ASP A 1 179 ? -3.986  6.826   -17.034 1.00 18.67 ? 160 ASP B C   1 
ATOM 1216 O O   . ASP A 1 179 ? -5.084  7.137   -17.508 1.00 19.78 ? 160 ASP B O   1 
ATOM 1217 C CB  . ASP A 1 179 ? -2.277  6.733   -18.828 1.00 18.87 ? 160 ASP B CB  1 
ATOM 1218 C CG  . ASP A 1 179 ? -1.047  7.356   -19.464 1.00 21.36 ? 160 ASP B CG  1 
ATOM 1219 O OD1 . ASP A 1 179 ? -1.182  8.442   -20.064 1.00 25.87 ? 160 ASP B OD1 1 
ATOM 1220 O OD2 . ASP A 1 179 ? 0.057   6.782   -19.345 1.00 24.12 ? 160 ASP B OD2 1 
ATOM 1221 N N   . ASN A 1 180 ? -3.852  5.901   -16.093 1.00 18.50 ? 161 ASN B N   1 
ATOM 1222 C CA  . ASN A 1 180 ? -5.037  5.168   -15.628 1.00 18.65 ? 161 ASN B CA  1 
ATOM 1223 C C   . ASN A 1 180 ? -5.491  5.469   -14.187 1.00 18.19 ? 161 ASN B C   1 
ATOM 1224 O O   . ASN A 1 180 ? -6.547  5.006   -13.755 1.00 17.54 ? 161 ASN B O   1 
ATOM 1225 C CB  . ASN A 1 180 ? -4.937  3.656   -15.917 1.00 18.65 ? 161 ASN B CB  1 
ATOM 1226 C CG  . ASN A 1 180 ? -3.908  2.943   -15.053 1.00 19.58 ? 161 ASN B CG  1 
ATOM 1227 O OD1 . ASN A 1 180 ? -3.449  3.466   -14.042 1.00 20.67 ? 161 ASN B OD1 1 
ATOM 1228 N ND2 . ASN A 1 180 ? -3.549  1.726   -15.449 1.00 21.20 ? 161 ASN B ND2 1 
ATOM 1229 N N   . VAL A 1 181 ? -4.725  6.281   -13.464 1.00 17.94 ? 162 VAL B N   1 
ATOM 1230 C CA  . VAL A 1 181 ? -5.047  6.509   -12.070 1.00 17.62 ? 162 VAL B CA  1 
ATOM 1231 C C   . VAL A 1 181 ? -6.449  7.064   -11.887 1.00 18.01 ? 162 VAL B C   1 
ATOM 1232 O O   . VAL A 1 181 ? -7.173  6.643   -10.980 1.00 16.46 ? 162 VAL B O   1 
ATOM 1233 C CB  . VAL A 1 181 ? -3.945  7.280   -11.275 1.00 17.63 ? 162 VAL B CB  1 
ATOM 1234 C CG1 . VAL A 1 181 ? -3.599  8.656   -11.901 1.00 16.34 ? 162 VAL B CG1 1 
ATOM 1235 C CG2 . VAL A 1 181 ? -4.345  7.401   -9.810  1.00 17.21 ? 162 VAL B CG2 1 
ATOM 1236 N N   . CYS A 1 182 ? -6.863  7.959   -12.779 1.00 0.00  ? 163 CYS B N   1 
ATOM 1237 C CA  . CYS A 1 182 ? -8.205  8.527   -12.682 1.00 0.00  ? 163 CYS B CA  1 
ATOM 1238 C C   . CYS A 1 182 ? -9.319  7.532   -12.999 1.00 0.00  ? 163 CYS B C   1 
ATOM 1239 O O   . CYS A 1 182 ? -10.355 7.567   -12.340 1.00 0.00  ? 163 CYS B O   1 
ATOM 1240 C CB  . CYS A 1 182 ? -8.330  9.835   -13.459 1.00 0.00  ? 163 CYS B CB  1 
ATOM 1241 S SG  . CYS A 1 182 ? -7.220  11.106  -12.805 1.00 0.00  ? 163 CYS B SG  1 
ATOM 1242 N N   . GLU A 1 183 ? -9.103  6.610   -13.948 1.00 19.91 ? 164 GLU B N   1 
ATOM 1243 C CA  . GLU A 1 183 ? -10.079 5.534   -14.203 1.00 19.82 ? 164 GLU B CA  1 
ATOM 1244 C C   . GLU A 1 183 ? -10.309 4.695   -12.940 1.00 17.89 ? 164 GLU B C   1 
ATOM 1245 O O   . GLU A 1 183 ? -11.435 4.300   -12.622 1.00 16.47 ? 164 GLU B O   1 
ATOM 1246 C CB  . GLU A 1 183 ? -9.633  4.562   -15.316 1.00 20.48 ? 164 GLU B CB  1 
ATOM 1247 C CG  . GLU A 1 183 ? -8.859  5.125   -16.532 1.00 22.82 ? 164 GLU B CG  1 
ATOM 1248 C CD  . GLU A 1 183 ? -8.904  4.160   -17.754 1.00 25.07 ? 164 GLU B CD  1 
ATOM 1249 O OE1 . GLU A 1 183 ? -9.213  2.957   -17.574 1.00 28.89 ? 164 GLU B OE1 1 
ATOM 1250 O OE2 . GLU A 1 183 ? -8.637  4.599   -18.903 1.00 30.18 ? 164 GLU B OE2 1 
ATOM 1251 N N   . TRP A 1 184 ? -9.225  4.399   -12.233 1.00 15.87 ? 165 TRP B N   1 
ATOM 1252 C CA  . TRP A 1 184 ? -9.317  3.609   -11.012 1.00 13.39 ? 165 TRP B CA  1 
ATOM 1253 C C   . TRP A 1 184 ? -10.206 4.317   -10.008 1.00 12.52 ? 165 TRP B C   1 
ATOM 1254 O O   . TRP A 1 184 ? -11.068 3.700   -9.401  1.00 12.47 ? 165 TRP B O   1 
ATOM 1255 C CB  . TRP A 1 184 ? -7.930  3.428   -10.415 1.00 11.74 ? 165 TRP B CB  1 
ATOM 1256 C CG  . TRP A 1 184 ? -7.169  2.292   -11.008 1.00 10.23 ? 165 TRP B CG  1 
ATOM 1257 C CD1 . TRP A 1 184 ? -6.044  2.381   -11.780 1.00 7.94  ? 165 TRP B CD1 1 
ATOM 1258 C CD2 . TRP A 1 184 ? -7.466  0.896   -10.884 1.00 6.72  ? 165 TRP B CD2 1 
ATOM 1259 N NE1 . TRP A 1 184 ? -5.615  1.117   -12.142 1.00 8.47  ? 165 TRP B NE1 1 
ATOM 1260 C CE2 . TRP A 1 184 ? -6.459  0.191   -11.592 1.00 5.17  ? 165 TRP B CE2 1 
ATOM 1261 C CE3 . TRP A 1 184 ? -8.485  0.166   -10.241 1.00 4.47  ? 165 TRP B CE3 1 
ATOM 1262 C CZ2 . TRP A 1 184 ? -6.438  -1.190  -11.672 1.00 7.85  ? 165 TRP B CZ2 1 
ATOM 1263 C CZ3 . TRP A 1 184 ? -8.456  -1.226  -10.320 1.00 7.89  ? 165 TRP B CZ3 1 
ATOM 1264 C CH2 . TRP A 1 184 ? -7.440  -1.883  -11.035 1.00 9.00  ? 165 TRP B CH2 1 
ATOM 1265 N N   . PHE A 1 185 ? -9.996  5.620   -9.845  1.00 12.33 ? 166 PHE B N   1 
ATOM 1266 C CA  . PHE A 1 185 ? -10.824 6.373   -8.919  1.00 13.01 ? 166 PHE B CA  1 
ATOM 1267 C C   . PHE A 1 185 ? -12.278 6.494   -9.386  1.00 13.72 ? 166 PHE B C   1 
ATOM 1268 O O   . PHE A 1 185 ? -13.199 6.427   -8.573  1.00 13.85 ? 166 PHE B O   1 
ATOM 1269 C CB  . PHE A 1 185 ? -10.191 7.716   -8.575  1.00 12.85 ? 166 PHE B CB  1 
ATOM 1270 C CG  . PHE A 1 185 ? -9.126  7.605   -7.529  1.00 12.79 ? 166 PHE B CG  1 
ATOM 1271 C CD1 . PHE A 1 185 ? -7.788  7.612   -7.886  1.00 11.27 ? 166 PHE B CD1 1 
ATOM 1272 C CD2 . PHE A 1 185 ? -9.465  7.457   -6.178  1.00 13.71 ? 166 PHE B CD2 1 
ATOM 1273 C CE1 . PHE A 1 185 ? -6.781  7.483   -6.914  1.00 10.61 ? 166 PHE B CE1 1 
ATOM 1274 C CE2 . PHE A 1 185 ? -8.467  7.331   -5.199  1.00 11.98 ? 166 PHE B CE2 1 
ATOM 1275 C CZ  . PHE A 1 185 ? -7.121  7.341   -5.575  1.00 11.68 ? 166 PHE B CZ  1 
ATOM 1276 N N   . LYS A 1 186 ? -12.478 6.603   -10.695 1.00 14.38 ? 167 LYS B N   1 
ATOM 1277 C CA  . LYS A 1 186 ? -13.823 6.499   -11.274 1.00 15.04 ? 167 LYS B CA  1 
ATOM 1278 C C   . LYS A 1 186 ? -14.532 5.170   -10.966 1.00 14.87 ? 167 LYS B C   1 
ATOM 1279 O O   . LYS A 1 186 ? -15.757 5.138   -10.813 1.00 14.02 ? 167 LYS B O   1 
ATOM 1280 C CB  . LYS A 1 186 ? -13.777 6.687   -12.787 1.00 15.82 ? 167 LYS B CB  1 
ATOM 1281 C CG  . LYS A 1 186 ? -13.550 8.121   -13.234 1.00 17.94 ? 167 LYS B CG  1 
ATOM 1282 C CD  . LYS A 1 186 ? -14.267 8.318   -14.574 1.00 23.17 ? 167 LYS B CD  1 
ATOM 1283 C CE  . LYS A 1 186 ? -13.885 9.631   -15.258 1.00 24.78 ? 167 LYS B CE  1 
ATOM 1284 N NZ  . LYS A 1 186 ? -12.394 9.797   -15.351 1.00 26.56 ? 167 LYS B NZ  1 
ATOM 1285 N N   . ALA A 1 187 ? -13.778 4.074   -10.872 1.00 13.27 ? 168 ALA B N   1 
ATOM 1286 C CA  . ALA A 1 187 ? -14.384 2.767   -10.607 1.00 13.45 ? 168 ALA B CA  1 
ATOM 1287 C C   . ALA A 1 187 ? -14.867 2.617   -9.171  1.00 13.09 ? 168 ALA B C   1 
ATOM 1288 O O   . ALA A 1 187 ? -15.670 1.731   -8.868  1.00 13.24 ? 168 ALA B O   1 
ATOM 1289 C CB  . ALA A 1 187 ? -13.430 1.642   -10.962 1.00 12.46 ? 168 ALA B CB  1 
ATOM 1290 N N   . GLY A 1 188 ? -14.380 3.487   -8.299  1.00 13.77 ? 169 GLY B N   1 
ATOM 1291 C CA  . GLY A 1 188 ? -14.753 3.445   -6.896  1.00 14.43 ? 169 GLY B CA  1 
ATOM 1292 C C   . GLY A 1 188 ? -13.681 3.003   -5.898  1.00 14.38 ? 169 GLY B C   1 
ATOM 1293 O O   . GLY A 1 188 ? -14.047 2.605   -4.791  1.00 15.24 ? 169 GLY B O   1 
ATOM 1294 N N   . VAL A 1 189 ? -12.383 3.066   -6.248  1.00 12.60 ? 170 VAL B N   1 
ATOM 1295 C CA  . VAL A 1 189 ? -11.339 2.662   -5.274  1.00 10.33 ? 170 VAL B CA  1 
ATOM 1296 C C   . VAL A 1 189 ? -11.166 3.686   -4.164  1.00 10.34 ? 170 VAL B C   1 
ATOM 1297 O O   . VAL A 1 189 ? -11.427 4.879   -4.349  1.00 11.68 ? 170 VAL B O   1 
ATOM 1298 C CB  . VAL A 1 189 ? -9.972  2.369   -5.896  1.00 9.71  ? 170 VAL B CB  1 
ATOM 1299 C CG1 . VAL A 1 189 ? -10.091 1.290   -6.976  1.00 7.12  ? 170 VAL B CG1 1 
ATOM 1300 C CG2 . VAL A 1 189 ? -9.288  3.679   -6.420  1.00 7.50  ? 170 VAL B CG2 1 
ATOM 1301 N N   . LEU A 1 190 ? -10.722 3.200   -3.011  1.00 9.36  ? 171 LEU B N   1 
ATOM 1302 C CA  . LEU A 1 190 ? -10.480 4.002   -1.842  1.00 9.13  ? 171 LEU B CA  1 
ATOM 1303 C C   . LEU A 1 190 ? -9.141  4.748   -1.935  1.00 8.85  ? 171 LEU B C   1 
ATOM 1304 O O   . LEU A 1 190 ? -9.031  5.927   -1.559  1.00 8.88  ? 171 LEU B O   1 
ATOM 1305 C CB  . LEU A 1 190 ? -10.524 3.077   -0.626  1.00 10.00 ? 171 LEU B CB  1 
ATOM 1306 C CG  . LEU A 1 190 ? -10.709 3.555   0.824   1.00 11.06 ? 171 LEU B CG  1 
ATOM 1307 C CD1 . LEU A 1 190 ? -9.519  3.210   1.664   1.00 12.13 ? 171 LEU B CD1 1 
ATOM 1308 C CD2 . LEU A 1 190 ? -11.043 5.017   0.900   1.00 16.72 ? 171 LEU B CD2 1 
ATOM 1309 N N   . ALA A 1 191 ? -8.093  4.052   -2.388  1.00 7.18  ? 172 ALA B N   1 
ATOM 1310 C CA  . ALA A 1 191 ? -6.781  4.673   -2.628  1.00 5.37  ? 172 ALA B CA  1 
ATOM 1311 C C   . ALA A 1 191 ? -6.101  3.822   -3.683  1.00 4.87  ? 172 ALA B C   1 
ATOM 1312 O O   . ALA A 1 191 ? -6.661  2.829   -4.075  1.00 3.61  ? 172 ALA B O   1 
ATOM 1313 C CB  . ALA A 1 191 ? -5.922  4.706   -1.330  1.00 4.75  ? 172 ALA B CB  1 
ATOM 1314 N N   . VAL A 1 192 ? -4.909  4.213   -4.145  1.00 5.52  ? 173 VAL B N   1 
ATOM 1315 C CA  . VAL A 1 192 ? -4.138  3.342   -5.064  1.00 5.09  ? 173 VAL B CA  1 
ATOM 1316 C C   . VAL A 1 192 ? -2.746  3.068   -4.461  1.00 4.86  ? 173 VAL B C   1 
ATOM 1317 O O   . VAL A 1 192 ? -2.195  3.902   -3.753  1.00 5.55  ? 173 VAL B O   1 
ATOM 1318 C CB  . VAL A 1 192 ? -4.011  3.927   -6.513  1.00 5.02  ? 173 VAL B CB  1 
ATOM 1319 C CG1 . VAL A 1 192 ? -5.384  3.945   -7.236  1.00 3.47  ? 173 VAL B CG1 1 
ATOM 1320 C CG2 . VAL A 1 192 ? -3.343  5.350   -6.502  1.00 3.87  ? 173 VAL B CG2 1 
ATOM 1321 N N   . GLY A 1 193 ? -2.200  1.892   -4.722  1.00 4.66  ? 174 GLY B N   1 
ATOM 1322 C CA  . GLY A 1 193 ? -0.815  1.605   -4.365  1.00 5.10  ? 174 GLY B CA  1 
ATOM 1323 C C   . GLY A 1 193 ? 0.024   1.632   -5.633  1.00 5.81  ? 174 GLY B C   1 
ATOM 1324 O O   . GLY A 1 193 ? -0.268  0.916   -6.592  1.00 6.17  ? 174 GLY B O   1 
ATOM 1325 N N   . VAL A 1 194 ? 1.034   2.498   -5.659  1.00 6.46  ? 175 VAL B N   1 
ATOM 1326 C CA  . VAL A 1 194 ? 1.817   2.713   -6.863  1.00 6.74  ? 175 VAL B CA  1 
ATOM 1327 C C   . VAL A 1 194 ? 3.249   2.281   -6.611  1.00 7.53  ? 175 VAL B C   1 
ATOM 1328 O O   . VAL A 1 194 ? 3.890   2.776   -5.699  1.00 7.30  ? 175 VAL B O   1 
ATOM 1329 C CB  . VAL A 1 194 ? 1.800   4.214   -7.290  1.00 6.58  ? 175 VAL B CB  1 
ATOM 1330 C CG1 . VAL A 1 194 ? 2.437   4.378   -8.669  1.00 6.05  ? 175 VAL B CG1 1 
ATOM 1331 C CG2 . VAL A 1 194 ? 0.381   4.771   -7.255  1.00 6.84  ? 175 VAL B CG2 1 
ATOM 1332 N N   . GLY A 1 195 ? 3.728   1.337   -7.413  1.00 8.26  ? 176 GLY B N   1 
ATOM 1333 C CA  . GLY A 1 195 ? 5.088   0.840   -7.312  1.00 9.89  ? 176 GLY B CA  1 
ATOM 1334 C C   . GLY A 1 195 ? 5.953   1.484   -8.381  1.00 11.34 ? 176 GLY B C   1 
ATOM 1335 O O   . GLY A 1 195 ? 6.253   2.676   -8.301  1.00 10.91 ? 176 GLY B O   1 
ATOM 1336 N N   . SER A 1 196 ? 6.318   0.692   -9.395  1.00 12.44 ? 177 SER B N   1 
ATOM 1337 C CA  . SER A 1 196 ? 7.342   1.079   -10.373 1.00 14.04 ? 177 SER B CA  1 
ATOM 1338 C C   . SER A 1 196 ? 7.076   2.402   -11.093 1.00 14.10 ? 177 SER B C   1 
ATOM 1339 O O   . SER A 1 196 ? 8.007   3.138   -11.336 1.00 14.41 ? 177 SER B O   1 
ATOM 1340 C CB  . SER A 1 196 ? 7.640   -0.061  -11.369 1.00 14.39 ? 177 SER B CB  1 
ATOM 1341 O OG  . SER A 1 196 ? 6.600   -0.231  -12.330 1.00 17.59 ? 177 SER B OG  1 
ATOM 1342 N N   . ALA A 1 197 ? 5.818   2.725   -11.406 1.00 14.60 ? 178 ALA B N   1 
ATOM 1343 C CA  . ALA A 1 197 ? 5.522   4.023   -12.039 1.00 14.57 ? 178 ALA B CA  1 
ATOM 1344 C C   . ALA A 1 197 ? 5.956   5.209   -11.177 1.00 15.04 ? 178 ALA B C   1 
ATOM 1345 O O   . ALA A 1 197 ? 6.233   6.298   -11.704 1.00 15.61 ? 178 ALA B O   1 
ATOM 1346 C CB  . ALA A 1 197 ? 4.047   4.136   -12.388 1.00 14.32 ? 178 ALA B CB  1 
ATOM 1347 N N   . LEU A 1 198 ? 6.060   5.004   -9.868  1.00 15.44 ? 179 LEU B N   1 
ATOM 1348 C CA  . LEU A 1 198 ? 6.390   6.092   -8.935  1.00 15.61 ? 179 LEU B CA  1 
ATOM 1349 C C   . LEU A 1 198 ? 7.845   5.988   -8.516  1.00 16.37 ? 179 LEU B C   1 
ATOM 1350 O O   . LEU A 1 198 ? 8.610   6.966   -8.549  1.00 15.68 ? 179 LEU B O   1 
ATOM 1351 C CB  . LEU A 1 198 ? 5.550   5.936   -7.675  1.00 15.53 ? 179 LEU B CB  1 
ATOM 1352 C CG  . LEU A 1 198 ? 4.986   7.087   -6.836  1.00 17.22 ? 179 LEU B CG  1 
ATOM 1353 C CD1 . LEU A 1 198 ? 4.674   6.617   -5.409  1.00 15.98 ? 179 LEU B CD1 1 
ATOM 1354 C CD2 . LEU A 1 198 ? 5.858   8.304   -6.829  1.00 13.59 ? 179 LEU B CD2 1 
ATOM 1355 N N   . VAL A 1 199 ? 8.206   4.763   -8.143  1.00 17.04 ? 180 VAL B N   1 
ATOM 1356 C CA  . VAL A 1 199 ? 9.392   4.473   -7.348  1.00 18.20 ? 180 VAL B CA  1 
ATOM 1357 C C   . VAL A 1 199 ? 10.649  4.162   -8.183  1.00 18.54 ? 180 VAL B C   1 
ATOM 1358 O O   . VAL A 1 199 ? 11.763  4.295   -7.689  1.00 18.81 ? 180 VAL B O   1 
ATOM 1359 C CB  . VAL A 1 199 ? 9.037   3.312   -6.350  1.00 18.49 ? 180 VAL B CB  1 
ATOM 1360 C CG1 . VAL A 1 199 ? 10.213  2.397   -6.074  1.00 19.44 ? 180 VAL B CG1 1 
ATOM 1361 C CG2 . VAL A 1 199 ? 8.399   3.880   -5.058  1.00 18.13 ? 180 VAL B CG2 1 
ATOM 1362 N N   . LYS A 1 200 ? 10.482  3.755   -9.441  1.00 18.96 ? 181 LYS B N   1 
ATOM 1363 C CA  . LYS A 1 200 ? 11.644  3.389   -10.259 1.00 19.47 ? 181 LYS B CA  1 
ATOM 1364 C C   . LYS A 1 200 ? 12.348  4.630   -10.835 1.00 19.32 ? 181 LYS B C   1 
ATOM 1365 O O   . LYS A 1 200 ? 11.715  5.642   -11.093 1.00 19.35 ? 181 LYS B O   1 
ATOM 1366 C CB  . LYS A 1 200 ? 11.277  2.358   -11.340 1.00 19.96 ? 181 LYS B CB  1 
ATOM 1367 C CG  . LYS A 1 200 ? 12.390  1.319   -11.562 1.00 21.28 ? 181 LYS B CG  1 
ATOM 1368 C CD  . LYS A 1 200 ? 11.823  -0.009  -12.063 1.00 23.56 ? 181 LYS B CD  1 
ATOM 1369 C CE  . LYS A 1 200 ? 12.920  -1.076  -12.221 1.00 23.04 ? 181 LYS B CE  1 
ATOM 1370 N NZ  . LYS A 1 200 ? 12.331  -2.373  -12.774 1.00 23.32 ? 181 LYS B NZ  1 
ATOM 1371 N N   . GLY A 1 201 ? 13.664  4.561   -10.990 1.00 19.53 ? 182 GLY B N   1 
ATOM 1372 C CA  . GLY A 1 201 ? 14.440  5.717   -11.391 1.00 19.43 ? 182 GLY B CA  1 
ATOM 1373 C C   . GLY A 1 201 ? 15.354  6.197   -10.271 1.00 19.84 ? 182 GLY B C   1 
ATOM 1374 O O   . GLY A 1 201 ? 15.556  5.507   -9.271  1.00 19.25 ? 182 GLY B O   1 
ATOM 1375 N N   . THR A 1 202 ? 15.923  7.381   -10.452 1.00 0.00  ? 183 THR B N   1 
ATOM 1376 C CA  . THR A 1 202 ? 16.748  7.983   -9.412  1.00 0.00  ? 183 THR B CA  1 
ATOM 1377 C C   . THR A 1 202 ? 15.842  8.751   -8.444  1.00 0.00  ? 183 THR B C   1 
ATOM 1378 O O   . THR A 1 202 ? 14.744  9.162   -8.827  1.00 0.00  ? 183 THR B O   1 
ATOM 1379 C CB  . THR A 1 202 ? 17.814  8.921   -10.006 1.00 0.00  ? 183 THR B CB  1 
ATOM 1380 O OG1 . THR A 1 202 ? 17.174  9.976   -10.736 1.00 0.00  ? 183 THR B OG1 1 
ATOM 1381 C CG2 . THR A 1 202 ? 18.740  8.155   -10.939 1.00 0.00  ? 183 THR B CG2 1 
ATOM 1382 N N   . PRO A 1 203 ? 16.306  8.941   -7.182  1.00 0.00  ? 184 PRO B N   1 
ATOM 1383 C CA  . PRO A 1 203 ? 15.709  9.859   -6.199  1.00 0.00  ? 184 PRO B CA  1 
ATOM 1384 C C   . PRO A 1 203 ? 15.053  11.102  -6.780  1.00 0.00  ? 184 PRO B C   1 
ATOM 1385 O O   . PRO A 1 203 ? 13.910  11.379  -6.452  1.00 0.00  ? 184 PRO B O   1 
ATOM 1386 C CB  . PRO A 1 203 ? 16.919  10.238  -5.339  1.00 0.00  ? 184 PRO B CB  1 
ATOM 1387 C CG  . PRO A 1 203 ? 17.741  8.996   -5.295  1.00 0.00  ? 184 PRO B CG  1 
ATOM 1388 C CD  . PRO A 1 203 ? 17.628  8.423   -6.682  1.00 0.00  ? 184 PRO B CD  1 
ATOM 1389 N N   . VAL A 1 204 ? 15.772  11.843  -7.623  1.00 0.00  ? 185 VAL B N   1 
ATOM 1390 C CA  . VAL A 1 204 ? 15.241  13.053  -8.263  1.00 0.00  ? 185 VAL B CA  1 
ATOM 1391 C C   . VAL A 1 204 ? 14.052  12.767  -9.150  1.00 0.00  ? 185 VAL B C   1 
ATOM 1392 O O   . VAL A 1 204 ? 13.055  13.495  -9.130  1.00 0.00  ? 185 VAL B O   1 
ATOM 1393 C CB  . VAL A 1 204 ? 16.336  13.731  -9.108  1.00 0.00  ? 185 VAL B CB  1 
ATOM 1394 C CG1 . VAL A 1 204 ? 15.743  14.851  -9.949  1.00 0.00  ? 185 VAL B CG1 1 
ATOM 1395 C CG2 . VAL A 1 204 ? 17.436  14.260  -8.202  1.00 0.00  ? 185 VAL B CG2 1 
ATOM 1396 N N   . GLU A 1 205 ? 14.148  11.691  -9.926  1.00 0.00  ? 186 GLU B N   1 
ATOM 1397 C CA  . GLU A 1 205 ? 13.076  11.333  -10.834 1.00 0.00  ? 186 GLU B CA  1 
ATOM 1398 C C   . GLU A 1 205 ? 11.860  10.874  -10.016 1.00 0.00  ? 186 GLU B C   1 
ATOM 1399 O O   . GLU A 1 205 ? 10.719  11.210  -10.343 1.00 0.00  ? 186 GLU B O   1 
ATOM 1400 C CB  . GLU A 1 205 ? 13.529  10.232  -11.795 1.00 0.00  ? 186 GLU B CB  1 
ATOM 1401 C CG  . GLU A 1 205 ? 14.548  10.683  -12.832 1.00 0.00  ? 186 GLU B CG  1 
ATOM 1402 C CD  . GLU A 1 205 ? 15.169  9.537   -13.579 1.00 0.00  ? 186 GLU B CD  1 
ATOM 1403 O OE1 . GLU A 1 205 ? 15.826  8.733   -12.959 1.00 0.00  ? 186 GLU B OE1 1 
ATOM 1404 O OE2 . GLU A 1 205 ? 14.988  9.460   -14.772 1.00 0.00  ? 186 GLU B OE2 1 
ATOM 1405 N N   . VAL A 1 206 ? 12.130  10.148  -8.928  1.00 15.81 ? 187 VAL B N   1 
ATOM 1406 C CA  . VAL A 1 206 ? 11.070  9.627   -8.046  1.00 14.96 ? 187 VAL B CA  1 
ATOM 1407 C C   . VAL A 1 206 ? 10.321  10.768  -7.327  1.00 14.66 ? 187 VAL B C   1 
ATOM 1408 O O   . VAL A 1 206 ? 9.095   10.794  -7.303  1.00 13.54 ? 187 VAL B O   1 
ATOM 1409 C CB  . VAL A 1 206 ? 11.642  8.583   -7.043  1.00 15.04 ? 187 VAL B CB  1 
ATOM 1410 C CG1 . VAL A 1 206 ? 10.616  8.238   -5.971  1.00 14.19 ? 187 VAL B CG1 1 
ATOM 1411 C CG2 . VAL A 1 206 ? 12.072  7.311   -7.787  1.00 14.81 ? 187 VAL B CG2 1 
ATOM 1412 N N   . ALA A 1 207 ? 11.071  11.709  -6.753  1.00 0.00  ? 188 ALA B N   1 
ATOM 1413 C CA  . ALA A 1 207 ? 10.476  12.886  -6.110  1.00 0.00  ? 188 ALA B CA  1 
ATOM 1414 C C   . ALA A 1 207 ? 9.562   13.652  -7.059  1.00 0.00  ? 188 ALA B C   1 
ATOM 1415 O O   . ALA A 1 207 ? 8.482   14.112  -6.678  1.00 0.00  ? 188 ALA B O   1 
ATOM 1416 C CB  . ALA A 1 207 ? 11.564  13.807  -5.581  1.00 0.00  ? 188 ALA B CB  1 
ATOM 1417 N N   . GLU A 1 208 ? 10.020  13.795  -8.297  1.00 0.00  ? 189 GLU B N   1 
ATOM 1418 C CA  . GLU A 1 208 ? 9.246   14.454  -9.354  1.00 0.00  ? 189 GLU B CA  1 
ATOM 1419 C C   . GLU A 1 208 ? 8.019   13.656  -9.742  1.00 0.00  ? 189 GLU B C   1 
ATOM 1420 O O   . GLU A 1 208 ? 6.916   14.202  -9.836  1.00 0.00  ? 189 GLU B O   1 
ATOM 1421 C CB  . GLU A 1 208 ? 10.117  14.680  -10.593 1.00 0.00  ? 189 GLU B CB  1 
ATOM 1422 C CG  . GLU A 1 208 ? 9.398   15.361  -11.749 1.00 0.00  ? 189 GLU B CG  1 
ATOM 1423 C CD  . GLU A 1 208 ? 10.269  15.517  -12.966 1.00 0.00  ? 189 GLU B CD  1 
ATOM 1424 O OE1 . GLU A 1 208 ? 11.409  15.123  -12.912 1.00 0.00  ? 189 GLU B OE1 1 
ATOM 1425 O OE2 . GLU A 1 208 ? 9.792   16.030  -13.950 1.00 0.00  ? 189 GLU B OE2 1 
ATOM 1426 N N   . LYS A 1 209 ? 8.181   12.356  -9.955  1.00 0.00  ? 190 LYS B N   1 
ATOM 1427 C CA  . LYS A 1 209 ? 6.999   11.541  -10.315 1.00 0.00  ? 190 LYS B CA  1 
ATOM 1428 C C   . LYS A 1 209 ? 5.941   11.538  -9.199  1.00 0.00  ? 190 LYS B C   1 
ATOM 1429 O O   . LYS A 1 209 ? 4.755   11.542  -9.469  1.00 0.00  ? 190 LYS B O   1 
ATOM 1430 C CB  . LYS A 1 209 ? 7.420   10.104  -10.634 1.00 0.00  ? 190 LYS B CB  1 
ATOM 1431 C CG  . LYS A 1 209 ? 8.209   9.952   -11.927 1.00 0.00  ? 190 LYS B CG  1 
ATOM 1432 C CD  . LYS A 1 209 ? 8.683   8.520   -12.121 1.00 0.00  ? 190 LYS B CD  1 
ATOM 1433 C CE  . LYS A 1 209 ? 9.537   8.382   -13.371 1.00 0.00  ? 190 LYS B CE  1 
ATOM 1434 N NZ  . LYS A 1 209 ? 10.014  6.986   -13.569 1.00 0.00  ? 190 LYS B NZ  1 
ATOM 1435 N N   . ALA A 1 210 ? 6.408   11.529  -7.953  1.00 13.49 ? 191 ALA B N   1 
ATOM 1436 C CA  . ALA A 1 210 ? 5.589   11.734  -6.753  1.00 13.03 ? 191 ALA B CA  1 
ATOM 1437 C C   . ALA A 1 210 ? 4.699   12.979  -6.847  1.00 12.90 ? 191 ALA B C   1 
ATOM 1438 O O   . ALA A 1 210 ? 3.493   12.908  -6.583  1.00 12.89 ? 191 ALA B O   1 
ATOM 1439 C CB  . ALA A 1 210 ? 6.510   11.808  -5.503  1.00 12.51 ? 191 ALA B CB  1 
ATOM 1440 N N   . LYS A 1 211 ? 5.296   14.106  -7.241  1.00 0.00  ? 192 LYS B N   1 
ATOM 1441 C CA  . LYS A 1 211 ? 4.582   15.374  -7.416  1.00 0.00  ? 192 LYS B CA  1 
ATOM 1442 C C   . LYS A 1 211 ? 3.500   15.238  -8.484  1.00 0.00  ? 192 LYS B C   1 
ATOM 1443 O O   . LYS A 1 211 ? 2.336   15.624  -8.262  1.00 0.00  ? 192 LYS B O   1 
ATOM 1444 C CB  . LYS A 1 211 ? 5.554   16.496  -7.792  1.00 0.00  ? 192 LYS B CB  1 
ATOM 1445 C CG  . LYS A 1 211 ? 4.901   17.860  -7.969  1.00 0.00  ? 192 LYS B CG  1 
ATOM 1446 C CD  . LYS A 1 211 ? 5.936   18.931  -8.284  1.00 0.00  ? 192 LYS B CD  1 
ATOM 1447 C CE  . LYS A 1 211 ? 5.298   20.309  -8.375  1.00 0.00  ? 192 LYS B CE  1 
ATOM 1448 N NZ  . LYS A 1 211 ? 4.376   20.419  -9.538  1.00 0.00  ? 192 LYS B NZ  1 
ATOM 1449 N N   . ALA A 1 212 ? 3.866   14.636  -9.618  1.00 0.00  ? 193 ALA B N   1 
ATOM 1450 C CA  . ALA A 1 212 ? 2.930   14.423  -10.740 1.00 0.00  ? 193 ALA B CA  1 
ATOM 1451 C C   . ALA A 1 212 ? 1.710   13.600  -10.353 1.00 0.00  ? 193 ALA B C   1 
ATOM 1452 O O   . ALA A 1 212 ? 0.583   13.958  -10.711 1.00 0.00  ? 193 ALA B O   1 
ATOM 1453 C CB  . ALA A 1 212 ? 3.649   13.781  -11.927 1.00 0.00  ? 193 ALA B CB  1 
ATOM 1454 N N   . PHE A 1 213 ? 1.926   12.490  -9.639  1.00 16.78 ? 194 PHE B N   1 
ATOM 1455 C CA  . PHE A 1 213 ? 0.808   11.656  -9.141  1.00 16.96 ? 194 PHE B CA  1 
ATOM 1456 C C   . PHE A 1 213 ? -0.136  12.389  -8.193  1.00 17.03 ? 194 PHE B C   1 
ATOM 1457 O O   . PHE A 1 213 ? -1.332  12.240  -8.285  1.00 16.45 ? 194 PHE B O   1 
ATOM 1458 C CB  . PHE A 1 213 ? 1.310   10.371  -8.461  1.00 16.63 ? 194 PHE B CB  1 
ATOM 1459 C CG  . PHE A 1 213 ? 1.478   9.223   -9.397  1.00 15.83 ? 194 PHE B CG  1 
ATOM 1460 C CD1 . PHE A 1 213 ? 2.721   8.955   -9.961  1.00 15.70 ? 194 PHE B CD1 1 
ATOM 1461 C CD2 . PHE A 1 213 ? 0.402   8.413   -9.713  1.00 14.99 ? 194 PHE B CD2 1 
ATOM 1462 C CE1 . PHE A 1 213 ? 2.884   7.907   -10.841 1.00 15.30 ? 194 PHE B CE1 1 
ATOM 1463 C CE2 . PHE A 1 213 ? 0.544   7.346   -10.601 1.00 16.51 ? 194 PHE B CE2 1 
ATOM 1464 C CZ  . PHE A 1 213 ? 1.796   7.092   -11.163 1.00 17.17 ? 194 PHE B CZ  1 
ATOM 1465 N N   . VAL A 1 214 ? 0.413   13.161  -7.265  1.00 0.00  ? 195 VAL B N   1 
ATOM 1466 C CA  . VAL A 1 214 ? -0.414  13.922  -6.342  1.00 0.00  ? 195 VAL B CA  1 
ATOM 1467 C C   . VAL A 1 214 ? -1.306  14.901  -7.118  1.00 0.00  ? 195 VAL B C   1 
ATOM 1468 O O   . VAL A 1 214 ? -2.500  14.999  -6.835  1.00 0.00  ? 195 VAL B O   1 
ATOM 1469 C CB  . VAL A 1 214 ? 0.469   14.695  -5.344  1.00 0.00  ? 195 VAL B CB  1 
ATOM 1470 C CG1 . VAL A 1 214 ? -0.371  15.680  -4.544  1.00 0.00  ? 195 VAL B CG1 1 
ATOM 1471 C CG2 . VAL A 1 214 ? 1.184   13.721  -4.421  1.00 0.00  ? 195 VAL B CG2 1 
ATOM 1472 N N   . GLU A 1 215 ? -0.717  15.594  -8.098  1.00 22.52 ? 196 GLU B N   1 
ATOM 1473 C CA  . GLU A 1 215 ? -1.427  16.588  -8.924  1.00 23.91 ? 196 GLU B CA  1 
ATOM 1474 C C   . GLU A 1 215 ? -2.458  15.924  -9.812  1.00 24.12 ? 196 GLU B C   1 
ATOM 1475 O O   . GLU A 1 215 ? -3.610  16.357  -9.859  1.00 24.37 ? 196 GLU B O   1 
ATOM 1476 C CB  . GLU A 1 215 ? -0.446  17.432  -9.760  1.00 24.15 ? 196 GLU B CB  1 
ATOM 1477 C CG  . GLU A 1 215 ? -1.093  18.674  -10.376 1.00 25.34 ? 196 GLU B CG  1 
ATOM 1478 C CD  . GLU A 1 215 ? -0.232  19.379  -11.421 1.00 27.05 ? 196 GLU B CD  1 
ATOM 1479 O OE1 . GLU A 1 215 ? 1.033   19.366  -11.292 1.00 30.41 ? 196 GLU B OE1 1 
ATOM 1480 O OE2 . GLU A 1 215 ? -0.833  19.970  -12.365 1.00 28.18 ? 196 GLU B OE2 1 
ATOM 1481 N N   . LYS A 1 216 ? -2.049  14.862  -10.502 1.00 24.73 ? 197 LYS B N   1 
ATOM 1482 C CA  . LYS A 1 216 ? -2.979  14.067  -11.308 1.00 25.16 ? 197 LYS B CA  1 
ATOM 1483 C C   . LYS A 1 216 ? -4.151  13.513  -10.477 1.00 25.54 ? 197 LYS B C   1 
ATOM 1484 O O   . LYS A 1 216 ? -5.286  13.535  -10.939 1.00 25.65 ? 197 LYS B O   1 
ATOM 1485 C CB  . LYS A 1 216 ? -2.237  12.940  -12.055 1.00 25.51 ? 197 LYS B CB  1 
ATOM 1486 C CG  . LYS A 1 216 ? -3.091  12.132  -13.049 1.00 25.51 ? 197 LYS B CG  1 
ATOM 1487 C CD  . LYS A 1 216 ? -3.278  12.866  -14.384 1.00 26.62 ? 197 LYS B CD  1 
ATOM 1488 C CE  . LYS A 1 216 ? -4.148  12.044  -15.326 1.00 28.05 ? 197 LYS B CE  1 
ATOM 1489 N NZ  . LYS A 1 216 ? -4.781  12.862  -16.416 1.00 29.69 ? 197 LYS B NZ  1 
ATOM 1490 N N   . ILE A 1 217 ? -3.888  13.034  -9.260  1.00 25.89 ? 198 ILE B N   1 
ATOM 1491 C CA  . ILE A 1 217 ? -4.970  12.554  -8.376  1.00 26.08 ? 198 ILE B CA  1 
ATOM 1492 C C   . ILE A 1 217 ? -5.878  13.693  -7.906  1.00 26.83 ? 198 ILE B C   1 
ATOM 1493 O O   . ILE A 1 217 ? -7.097  13.553  -7.919  1.00 26.96 ? 198 ILE B O   1 
ATOM 1494 C CB  . ILE A 1 217 ? -4.447  11.732  -7.162  1.00 25.76 ? 198 ILE B CB  1 
ATOM 1495 C CG1 . ILE A 1 217 ? -3.891  10.392  -7.638  1.00 24.55 ? 198 ILE B CG1 1 
ATOM 1496 C CG2 . ILE A 1 217 ? -5.557  11.477  -6.141  1.00 24.99 ? 198 ILE B CG2 1 
ATOM 1497 C CD1 . ILE A 1 217 ? -2.917  9.729   -6.654  1.00 22.31 ? 198 ILE B CD1 1 
ATOM 1498 N N   . ARG A 1 218 ? -5.281  14.806  -7.487  1.00 28.21 ? 199 ARG B N   1 
ATOM 1499 C CA  . ARG A 1 218 ? -6.056  15.975  -7.112  1.00 29.04 ? 199 ARG B CA  1 
ATOM 1500 C C   . ARG A 1 218 ? -6.917  16.374  -8.308  1.00 29.65 ? 199 ARG B C   1 
ATOM 1501 O O   . ARG A 1 218 ? -8.134  16.546  -8.183  1.00 29.90 ? 199 ARG B O   1 
ATOM 1502 C CB  . ARG A 1 218 ? -5.134  17.099  -6.681  1.00 29.44 ? 199 ARG B CB  1 
ATOM 1503 C CG  . ARG A 1 218 ? -4.507  16.874  -5.312  1.00 30.50 ? 199 ARG B CG  1 
ATOM 1504 C CD  . ARG A 1 218 ? -3.515  17.975  -5.003  1.00 33.66 ? 199 ARG B CD  1 
ATOM 1505 N NE  . ARG A 1 218 ? -2.982  17.876  -3.640  1.00 35.30 ? 199 ARG B NE  1 
ATOM 1506 C CZ  . ARG A 1 218 ? -2.094  18.720  -3.116  1.00 35.84 ? 199 ARG B CZ  1 
ATOM 1507 N NH1 . ARG A 1 218 ? -1.608  19.730  -3.836  1.00 35.22 ? 199 ARG B NH1 1 
ATOM 1508 N NH2 . ARG A 1 218 ? -1.675  18.540  -1.869  1.00 37.60 ? 199 ARG B NH2 1 
ATOM 1509 N N   . GLY A 1 219 ? -6.279  16.461  -9.475  1.00 30.11 ? 200 GLY B N   1 
ATOM 1510 C CA  . GLY A 1 219 ? -6.950  16.728  -10.748 1.00 30.40 ? 200 GLY B CA  1 
ATOM 1511 C C   . GLY A 1 219 ? -8.124  15.834  -11.099 1.00 30.67 ? 200 GLY B C   1 
ATOM 1512 O O   . GLY A 1 219 ? -8.871  16.140  -12.016 1.00 31.30 ? 200 GLY B O   1 
ATOM 1513 N N   . CYS A 1 220 ? -8.290  14.722  -10.395 1.00 0.00  ? 201 CYS B N   1 
ATOM 1514 C CA  . CYS A 1 220 ? -9.539  13.965  -10.465 1.00 0.00  ? 201 CYS B CA  1 
ATOM 1515 C C   . CYS A 1 220 ? -10.059 13.664  -9.056  1.00 0.00  ? 201 CYS B C   1 
ATOM 1516 O O   . CYS A 1 220 ? -11.208 13.224  -8.897  1.00 0.00  ? 201 CYS B O   1 
ATOM 1517 C CB  . CYS A 1 220 ? -9.398  12.685  -11.315 1.00 0.00  ? 201 CYS B CB  1 
ATOM 1518 S SG  . CYS A 1 220 ? -7.968  11.591  -10.953 1.00 0.00  ? 201 CYS B SG  1 
# 
